data_6EIQ
#
_entry.id   6EIQ
#
_cell.length_a   87.560
_cell.length_b   87.600
_cell.length_c   229.040
_cell.angle_alpha   90.00
_cell.angle_beta   90.00
_cell.angle_gamma   90.00
#
_symmetry.space_group_name_H-M   'P 21 21 21'
#
loop_
_entity.id
_entity.type
_entity.pdbx_description
1 polymer 'Dual specificity tyrosine-phosphorylation-regulated kinase 1A'
2 non-polymer [4-azanyl-2-[[2-methoxy-4-(4-methylpiperazin-1-yl)phenyl]amino]-1,3-thiazol-5-yl]-phenyl-methanone
3 water water
#
_entity_poly.entity_id   1
_entity_poly.type   'polypeptide(L)'
_entity_poly.pdbx_seq_one_letter_code
;GASDSSHKKERKVYNDGYDDDNYDYIVKNGEKWMDRYEIDSLIGKGSFGQVVKAYDRVEQEWVAIKIIKNKKAFLNQAQI
EVRLLELMNKHDTEMKYYIVHLKRHFMFRNHLCLVFEMLSYNLYDLLRNTNFRGVSLNLTRKFAQQMCTALLFLATPELS
IIHCDLKPENILLCNPKRSAIKIVDFGSSCQLGQRIYQ(PTR)IQSRFYRSPEVLLGMPYDLAIDMWSLGCILVEMHTGE
PLFSGANEVDQMNKIVEVLGIPPAHILDQAPKARKFFEKLPDGTWNLKKTKDGKREYKPPGTRKLHNILGVETGGPGGRR
AGESGHTVADYLKFKDLILRMLDYDPKTRIQPYYALQHSFFKKTADEGTNTS
;
_entity_poly.pdbx_strand_id   A,B,C,D
#
loop_
_chem_comp.id
_chem_comp.type
_chem_comp.name
_chem_comp.formula
B6Z non-polymer [4-azanyl-2-[[2-methoxy-4-(4-methylpiperazin-1-yl)phenyl]amino]-1,3-thiazol-5-yl]-phenyl-methanone 'C22 H25 N5 O2 S'
#
# COMPACT_ATOMS: atom_id res chain seq x y z
N LYS A 12 21.92 28.16 -7.52
CA LYS A 12 23.33 28.57 -7.14
C LYS A 12 24.16 27.36 -6.72
N VAL A 13 23.71 26.69 -5.65
CA VAL A 13 24.22 25.37 -5.25
C VAL A 13 23.05 24.48 -4.84
N TYR A 14 23.24 23.17 -5.01
CA TYR A 14 22.18 22.17 -4.85
C TYR A 14 22.66 21.11 -3.85
N ASN A 15 21.91 20.95 -2.75
CA ASN A 15 22.22 19.97 -1.71
C ASN A 15 23.56 20.28 -1.05
N ASP A 16 23.72 21.55 -0.65
CA ASP A 16 24.96 22.10 -0.07
C ASP A 16 26.19 22.00 -1.00
N GLY A 17 25.95 21.93 -2.31
CA GLY A 17 27.02 21.71 -3.30
C GLY A 17 27.23 20.28 -3.79
N TYR A 18 26.66 19.28 -3.10
CA TYR A 18 26.89 17.87 -3.46
C TYR A 18 26.14 17.40 -4.72
N ASP A 19 25.08 18.11 -5.11
CA ASP A 19 24.24 17.76 -6.27
C ASP A 19 24.36 18.74 -7.45
N ASP A 20 23.78 18.35 -8.59
CA ASP A 20 23.75 19.17 -9.80
C ASP A 20 22.30 19.62 -10.17
N ASP A 21 22.11 20.08 -11.40
CA ASP A 21 20.79 20.46 -11.96
C ASP A 21 19.73 19.37 -11.85
N ASN A 22 20.11 18.15 -12.23
CA ASN A 22 19.19 17.01 -12.34
C ASN A 22 18.99 16.25 -11.05
N TYR A 23 19.42 16.83 -9.92
CA TYR A 23 19.41 16.18 -8.61
C TYR A 23 20.34 14.96 -8.51
N ASP A 24 21.35 14.90 -9.40
CA ASP A 24 22.32 13.79 -9.40
C ASP A 24 23.49 14.16 -8.51
N TYR A 25 24.02 13.17 -7.81
CA TYR A 25 25.23 13.36 -7.00
C TYR A 25 26.42 13.52 -7.94
N ILE A 26 27.21 14.56 -7.73
CA ILE A 26 28.41 14.80 -8.52
C ILE A 26 29.46 13.83 -7.98
N VAL A 27 29.81 12.81 -8.76
CA VAL A 27 30.77 11.80 -8.30
C VAL A 27 32.21 12.26 -8.51
N LYS A 28 32.97 12.33 -7.41
CA LYS A 28 34.40 12.60 -7.45
C LYS A 28 35.19 11.29 -7.31
N ASN A 29 36.27 11.18 -8.09
CA ASN A 29 37.13 9.99 -8.17
C ASN A 29 37.91 9.82 -6.87
N GLY A 30 37.80 8.64 -6.25
CA GLY A 30 38.59 8.31 -5.03
C GLY A 30 38.08 8.92 -3.74
N GLU A 31 36.77 9.04 -3.62
CA GLU A 31 36.12 9.60 -2.43
C GLU A 31 35.68 8.45 -1.52
N LYS A 32 35.78 8.69 -0.22
CA LYS A 32 35.46 7.71 0.80
C LYS A 32 34.11 8.09 1.42
N TRP A 33 33.09 7.25 1.24
CA TRP A 33 31.82 7.42 1.96
C TRP A 33 31.76 6.46 3.13
N MET A 34 31.50 6.98 4.33
CA MET A 34 31.18 6.19 5.53
C MET A 34 32.32 5.31 6.05
N ASP A 35 33.57 5.65 5.69
CA ASP A 35 34.76 4.84 6.03
C ASP A 35 34.65 3.39 5.48
N ARG A 36 33.94 3.21 4.37
CA ARG A 36 33.61 1.88 3.84
C ARG A 36 33.79 1.76 2.32
N TYR A 37 33.04 2.57 1.58
CA TYR A 37 33.04 2.49 0.12
C TYR A 37 34.03 3.48 -0.49
N GLU A 38 34.87 2.97 -1.39
CA GLU A 38 35.92 3.76 -2.06
C GLU A 38 35.57 3.91 -3.55
N ILE A 39 35.13 5.09 -3.95
CA ILE A 39 34.57 5.32 -5.30
C ILE A 39 35.66 5.37 -6.37
N ASP A 40 35.53 4.53 -7.40
CA ASP A 40 36.53 4.42 -8.47
C ASP A 40 36.13 5.32 -9.64
N SER A 41 35.00 5.01 -10.27
CA SER A 41 34.60 5.64 -11.51
C SER A 41 33.12 5.43 -11.77
N LEU A 42 32.53 6.36 -12.51
CA LEU A 42 31.14 6.22 -12.95
C LEU A 42 31.09 5.13 -14.01
N ILE A 43 30.15 4.20 -13.89
CA ILE A 43 29.94 3.16 -14.90
C ILE A 43 28.71 3.40 -15.79
N GLY A 44 27.77 4.23 -15.36
CA GLY A 44 26.61 4.56 -16.17
C GLY A 44 25.69 5.63 -15.61
N LYS A 45 24.88 6.20 -16.50
CA LYS A 45 23.88 7.22 -16.16
C LYS A 45 22.52 6.73 -16.62
N GLY A 46 21.47 7.18 -15.93
CA GLY A 46 20.08 6.87 -16.31
C GLY A 46 19.13 7.89 -15.72
N SER A 47 17.85 7.77 -16.08
CA SER A 47 16.81 8.70 -15.62
C SER A 47 16.66 8.69 -14.10
N PHE A 48 16.73 7.49 -13.53
CA PHE A 48 16.76 7.24 -12.08
C PHE A 48 17.88 7.91 -11.29
N GLY A 49 19.04 8.11 -11.93
CA GLY A 49 20.24 8.61 -11.28
C GLY A 49 21.51 8.01 -11.86
N GLN A 50 22.48 7.70 -10.99
CA GLN A 50 23.77 7.17 -11.45
C GLN A 50 24.12 5.81 -10.87
N VAL A 51 25.03 5.12 -11.56
CA VAL A 51 25.62 3.87 -11.10
C VAL A 51 27.13 4.04 -11.12
N VAL A 52 27.79 3.56 -10.08
CA VAL A 52 29.22 3.78 -9.88
C VAL A 52 29.92 2.50 -9.46
N LYS A 53 31.21 2.40 -9.77
CA LYS A 53 32.05 1.28 -9.39
C LYS A 53 32.80 1.64 -8.11
N ALA A 54 32.55 0.88 -7.03
CA ALA A 54 33.14 1.13 -5.71
C ALA A 54 33.78 -0.11 -5.09
N TYR A 55 34.76 0.10 -4.21
CA TYR A 55 35.40 -0.98 -3.46
C TYR A 55 34.90 -0.98 -2.02
N ASP A 56 34.20 -2.05 -1.64
CA ASP A 56 33.69 -2.22 -0.27
C ASP A 56 34.83 -2.68 0.65
N ARG A 57 35.28 -1.80 1.53
CA ARG A 57 36.40 -2.11 2.45
C ARG A 57 36.05 -3.16 3.51
N VAL A 58 34.79 -3.24 3.93
CA VAL A 58 34.34 -4.23 4.94
C VAL A 58 34.40 -5.64 4.37
N GLU A 59 33.67 -5.86 3.27
CA GLU A 59 33.63 -7.15 2.55
C GLU A 59 34.86 -7.42 1.68
N GLN A 60 35.64 -6.38 1.38
CA GLN A 60 36.88 -6.51 0.58
C GLN A 60 36.53 -7.06 -0.80
N GLU A 61 35.76 -6.27 -1.54
CA GLU A 61 35.26 -6.64 -2.87
C GLU A 61 34.78 -5.40 -3.62
N TRP A 62 34.67 -5.52 -4.93
CA TRP A 62 34.09 -4.46 -5.76
C TRP A 62 32.58 -4.55 -5.75
N VAL A 63 31.92 -3.40 -5.90
CA VAL A 63 30.45 -3.32 -5.98
C VAL A 63 30.02 -2.24 -6.97
N ALA A 64 28.86 -2.47 -7.58
CA ALA A 64 28.12 -1.42 -8.25
C ALA A 64 27.19 -0.79 -7.23
N ILE A 65 27.21 0.55 -7.11
CA ILE A 65 26.29 1.31 -6.24
C ILE A 65 25.35 2.16 -7.09
N LYS A 66 24.05 1.93 -6.92
CA LYS A 66 23.03 2.66 -7.66
C LYS A 66 22.62 3.88 -6.85
N ILE A 67 23.13 5.05 -7.22
CA ILE A 67 22.83 6.31 -6.52
C ILE A 67 21.57 6.92 -7.14
N ILE A 68 20.46 6.82 -6.42
CA ILE A 68 19.17 7.37 -6.86
C ILE A 68 19.20 8.89 -6.67
N LYS A 69 18.45 9.60 -7.53
CA LYS A 69 18.43 11.07 -7.51
C LYS A 69 17.78 11.62 -6.26
N ASN A 70 18.24 12.79 -5.83
CA ASN A 70 17.70 13.50 -4.67
C ASN A 70 16.39 14.23 -5.04
N LYS A 71 15.37 13.43 -5.29
CA LYS A 71 14.09 13.91 -5.79
C LYS A 71 13.03 12.87 -5.43
N LYS A 72 11.96 13.32 -4.76
CA LYS A 72 10.89 12.43 -4.25
C LYS A 72 10.55 11.28 -5.20
N ALA A 73 10.08 11.62 -6.39
CA ALA A 73 9.64 10.62 -7.39
C ALA A 73 10.65 9.50 -7.61
N PHE A 74 11.93 9.85 -7.65
CA PHE A 74 13.00 8.87 -7.89
C PHE A 74 13.32 8.06 -6.63
N LEU A 75 13.26 8.72 -5.48
CA LEU A 75 13.34 8.04 -4.18
C LEU A 75 12.22 7.01 -4.05
N ASN A 76 10.96 7.48 -4.17
CA ASN A 76 9.76 6.61 -4.12
C ASN A 76 9.75 5.44 -5.09
N GLN A 77 10.28 5.64 -6.28
CA GLN A 77 10.36 4.56 -7.25
C GLN A 77 11.37 3.51 -6.78
N ALA A 78 12.56 3.98 -6.45
CA ALA A 78 13.61 3.09 -5.92
C ALA A 78 13.23 2.35 -4.63
N GLN A 79 12.30 2.90 -3.83
CA GLN A 79 11.80 2.21 -2.63
C GLN A 79 10.92 1.00 -3.00
N ILE A 80 10.19 1.11 -4.11
CA ILE A 80 9.47 -0.04 -4.69
C ILE A 80 10.46 -1.09 -5.19
N GLU A 81 11.56 -0.65 -5.77
CA GLU A 81 12.58 -1.58 -6.26
C GLU A 81 13.22 -2.35 -5.12
N VAL A 82 13.60 -1.63 -4.06
CA VAL A 82 14.12 -2.22 -2.83
C VAL A 82 13.18 -3.31 -2.28
N ARG A 83 11.88 -3.00 -2.22
CA ARG A 83 10.85 -3.90 -1.69
C ARG A 83 10.80 -5.24 -2.43
N LEU A 84 10.90 -5.20 -3.76
CA LEU A 84 10.88 -6.41 -4.59
C LEU A 84 12.20 -7.17 -4.53
N LEU A 85 13.32 -6.46 -4.52
CA LEU A 85 14.64 -7.11 -4.39
C LEU A 85 14.77 -7.89 -3.08
N GLU A 86 14.27 -7.32 -1.98
CA GLU A 86 14.27 -7.99 -0.66
C GLU A 86 13.24 -9.12 -0.57
N LEU A 87 12.15 -9.01 -1.31
CA LEU A 87 11.22 -10.13 -1.49
C LEU A 87 11.90 -11.28 -2.26
N MET A 88 12.75 -10.94 -3.24
CA MET A 88 13.52 -11.95 -3.99
C MET A 88 14.66 -12.58 -3.21
N ASN A 89 15.28 -11.82 -2.30
CA ASN A 89 16.27 -12.37 -1.37
C ASN A 89 15.67 -13.38 -0.38
N LYS A 90 14.47 -13.10 0.13
CA LYS A 90 13.74 -14.03 1.00
C LYS A 90 13.55 -15.41 0.34
N HIS A 91 13.23 -15.40 -0.96
CA HIS A 91 12.99 -16.63 -1.73
C HIS A 91 14.23 -17.20 -2.47
N ASP A 92 15.42 -16.62 -2.25
CA ASP A 92 16.66 -17.07 -2.91
C ASP A 92 17.88 -16.67 -2.07
N THR A 93 18.09 -17.44 -1.01
CA THR A 93 19.20 -17.21 -0.07
C THR A 93 20.53 -17.75 -0.66
N GLU A 94 20.42 -18.73 -1.56
CA GLU A 94 21.58 -19.38 -2.20
C GLU A 94 22.14 -18.63 -3.43
N MET A 95 21.39 -17.67 -3.97
CA MET A 95 21.84 -16.80 -5.09
C MET A 95 22.13 -17.59 -6.37
N LYS A 96 21.17 -18.42 -6.78
CA LYS A 96 21.38 -19.39 -7.87
C LYS A 96 20.33 -19.34 -8.97
N TYR A 97 19.55 -18.25 -9.03
CA TYR A 97 18.54 -18.05 -10.06
C TYR A 97 18.91 -16.97 -11.09
N TYR A 98 20.19 -16.59 -11.13
CA TYR A 98 20.74 -15.72 -12.19
C TYR A 98 20.11 -14.31 -12.17
N ILE A 99 19.98 -13.78 -10.97
CA ILE A 99 19.41 -12.47 -10.70
C ILE A 99 20.54 -11.70 -10.03
N VAL A 100 20.73 -10.43 -10.37
CA VAL A 100 21.61 -9.58 -9.56
C VAL A 100 20.88 -9.32 -8.26
N HIS A 101 21.55 -9.54 -7.14
CA HIS A 101 20.90 -9.41 -5.83
C HIS A 101 21.36 -8.18 -5.09
N LEU A 102 20.39 -7.52 -4.45
CA LEU A 102 20.65 -6.43 -3.53
C LEU A 102 21.41 -6.92 -2.31
N LYS A 103 22.59 -6.32 -2.07
CA LYS A 103 23.39 -6.64 -0.90
C LYS A 103 22.83 -5.88 0.30
N ARG A 104 22.73 -4.57 0.15
CA ARG A 104 22.15 -3.69 1.17
C ARG A 104 21.86 -2.32 0.57
N HIS A 105 21.11 -1.50 1.30
CA HIS A 105 20.80 -0.14 0.89
C HIS A 105 21.05 0.85 2.04
N PHE A 106 21.30 2.11 1.68
CA PHE A 106 21.55 3.14 2.68
C PHE A 106 21.36 4.56 2.14
N MET A 107 21.17 5.50 3.08
CA MET A 107 21.09 6.90 2.77
C MET A 107 22.47 7.56 2.94
N PHE A 108 22.90 8.28 1.91
CA PHE A 108 24.12 9.07 1.94
C PHE A 108 23.88 10.45 1.32
N ARG A 109 24.13 11.52 2.10
CA ARG A 109 23.89 12.92 1.69
C ARG A 109 22.59 13.09 0.89
N ASN A 110 21.49 12.60 1.48
CA ASN A 110 20.15 12.67 0.87
C ASN A 110 19.95 11.88 -0.44
N HIS A 111 20.78 10.87 -0.68
CA HIS A 111 20.57 9.92 -1.81
C HIS A 111 20.34 8.52 -1.26
N LEU A 112 19.35 7.82 -1.82
CA LEU A 112 19.19 6.39 -1.58
C LEU A 112 20.16 5.63 -2.47
N CYS A 113 20.99 4.78 -1.86
CA CYS A 113 22.01 4.04 -2.58
C CYS A 113 21.77 2.55 -2.43
N LEU A 114 21.72 1.83 -3.54
CA LEU A 114 21.49 0.38 -3.55
C LEU A 114 22.79 -0.26 -4.00
N VAL A 115 23.24 -1.26 -3.24
CA VAL A 115 24.54 -1.88 -3.43
C VAL A 115 24.32 -3.27 -4.03
N PHE A 116 24.95 -3.50 -5.18
CA PHE A 116 24.90 -4.79 -5.87
C PHE A 116 26.33 -5.32 -6.03
N GLU A 117 26.42 -6.63 -6.24
CA GLU A 117 27.64 -7.23 -6.75
C GLU A 117 28.01 -6.63 -8.09
N MET A 118 29.31 -6.48 -8.31
CA MET A 118 29.80 -5.85 -9.50
C MET A 118 30.12 -6.85 -10.60
N LEU A 119 29.31 -6.82 -11.66
CA LEU A 119 29.59 -7.56 -12.90
C LEU A 119 30.32 -6.62 -13.86
N SER A 120 30.91 -7.19 -14.91
CA SER A 120 31.90 -6.47 -15.75
C SER A 120 31.40 -5.88 -17.08
N TYR A 121 30.50 -6.59 -17.77
CA TYR A 121 29.98 -6.17 -19.08
C TYR A 121 28.50 -6.54 -19.19
N ASN A 122 27.79 -5.87 -20.10
CA ASN A 122 26.42 -6.26 -20.47
C ASN A 122 26.41 -7.03 -21.80
N LEU A 123 25.28 -7.60 -22.18
CA LEU A 123 25.23 -8.42 -23.42
C LEU A 123 25.37 -7.59 -24.70
N TYR A 124 25.08 -6.30 -24.62
CA TYR A 124 25.36 -5.40 -25.73
C TYR A 124 26.85 -5.24 -25.97
N ASP A 125 27.63 -5.18 -24.90
CA ASP A 125 29.10 -5.15 -25.01
C ASP A 125 29.59 -6.38 -25.74
N LEU A 126 29.11 -7.56 -25.31
CA LEU A 126 29.44 -8.82 -25.97
C LEU A 126 29.17 -8.74 -27.47
N LEU A 127 27.97 -8.31 -27.83
CA LEU A 127 27.59 -8.11 -29.22
C LEU A 127 28.52 -7.14 -29.96
N ARG A 128 28.78 -5.98 -29.35
CA ARG A 128 29.70 -5.00 -29.92
C ARG A 128 31.11 -5.59 -30.18
N ASN A 129 31.56 -6.50 -29.32
CA ASN A 129 32.84 -7.16 -29.46
C ASN A 129 32.87 -8.20 -30.60
N THR A 130 31.72 -8.76 -30.97
CA THR A 130 31.58 -9.56 -32.21
C THR A 130 31.37 -8.74 -33.49
N ASN A 131 31.38 -7.41 -33.37
CA ASN A 131 30.97 -6.50 -34.43
C ASN A 131 29.58 -6.84 -34.97
N PHE A 132 28.67 -7.10 -34.02
CA PHE A 132 27.27 -7.40 -34.30
C PHE A 132 27.05 -8.53 -35.31
N ARG A 133 27.87 -9.57 -35.18
CA ARG A 133 27.74 -10.79 -35.97
C ARG A 133 27.22 -11.95 -35.12
N GLY A 134 27.33 -11.83 -33.78
CA GLY A 134 26.71 -12.76 -32.84
C GLY A 134 27.72 -13.72 -32.24
N VAL A 135 27.27 -14.41 -31.19
CA VAL A 135 28.03 -15.50 -30.58
C VAL A 135 27.39 -16.81 -31.05
N SER A 136 28.03 -17.92 -30.70
CA SER A 136 27.62 -19.23 -31.18
C SER A 136 26.30 -19.69 -30.58
N LEU A 137 25.85 -20.86 -31.02
CA LEU A 137 24.59 -21.45 -30.62
C LEU A 137 24.75 -22.15 -29.28
N ASN A 138 25.93 -22.71 -29.08
CA ASN A 138 26.32 -23.32 -27.80
C ASN A 138 26.42 -22.31 -26.65
N LEU A 139 26.84 -21.09 -26.95
CA LEU A 139 26.81 -20.02 -25.95
C LEU A 139 25.39 -19.53 -25.73
N THR A 140 24.64 -19.40 -26.83
CA THR A 140 23.24 -18.96 -26.78
C THR A 140 22.36 -19.94 -26.03
N ARG A 141 22.65 -21.23 -26.14
CA ARG A 141 21.91 -22.26 -25.41
C ARG A 141 22.02 -22.01 -23.93
N LYS A 142 23.27 -21.95 -23.46
CA LYS A 142 23.56 -21.76 -22.04
C LYS A 142 22.86 -20.52 -21.46
N PHE A 143 23.01 -19.39 -22.16
CA PHE A 143 22.34 -18.15 -21.75
C PHE A 143 20.81 -18.28 -21.71
N ALA A 144 20.25 -19.03 -22.66
CA ALA A 144 18.80 -19.26 -22.75
C ALA A 144 18.26 -20.05 -21.56
N GLN A 145 18.97 -21.11 -21.21
CA GLN A 145 18.60 -21.96 -20.06
C GLN A 145 18.60 -21.14 -18.79
N GLN A 146 19.62 -20.31 -18.64
CA GLN A 146 19.77 -19.45 -17.46
C GLN A 146 18.69 -18.38 -17.38
N MET A 147 18.30 -17.83 -18.53
CA MET A 147 17.21 -16.85 -18.57
C MET A 147 15.84 -17.49 -18.30
N CYS A 148 15.64 -18.70 -18.79
CA CYS A 148 14.39 -19.43 -18.51
C CYS A 148 14.29 -19.80 -17.02
N THR A 149 15.44 -20.13 -16.43
CA THR A 149 15.55 -20.34 -14.98
C THR A 149 15.19 -19.07 -14.21
N ALA A 150 15.75 -17.93 -14.60
CA ALA A 150 15.45 -16.65 -13.99
C ALA A 150 13.94 -16.34 -14.03
N LEU A 151 13.30 -16.54 -15.18
CA LEU A 151 11.86 -16.32 -15.35
C LEU A 151 10.96 -17.28 -14.55
N LEU A 152 11.31 -18.56 -14.54
CA LEU A 152 10.64 -19.56 -13.67
C LEU A 152 10.60 -19.05 -12.22
N PHE A 153 11.75 -18.61 -11.72
CA PHE A 153 11.87 -17.99 -10.40
C PHE A 153 10.97 -16.76 -10.21
N LEU A 154 10.96 -15.87 -11.20
CA LEU A 154 10.09 -14.69 -11.15
C LEU A 154 8.61 -15.04 -11.12
N ALA A 155 8.28 -16.11 -11.83
CA ALA A 155 6.92 -16.58 -11.92
C ALA A 155 6.47 -17.39 -10.70
N THR A 156 7.36 -17.59 -9.71
CA THR A 156 7.00 -18.17 -8.40
C THR A 156 5.81 -17.41 -7.80
N PRO A 157 4.76 -18.13 -7.32
CA PRO A 157 3.48 -17.45 -7.10
C PRO A 157 3.46 -16.30 -6.08
N GLU A 158 4.35 -16.36 -5.08
CA GLU A 158 4.48 -15.30 -4.08
C GLU A 158 5.24 -14.09 -4.63
N LEU A 159 6.11 -14.30 -5.61
CA LEU A 159 6.83 -13.22 -6.26
C LEU A 159 5.98 -12.63 -7.39
N SER A 160 5.70 -13.44 -8.43
CA SER A 160 4.85 -13.03 -9.57
C SER A 160 5.32 -11.71 -10.21
N ILE A 161 6.62 -11.62 -10.45
CA ILE A 161 7.31 -10.39 -10.82
C ILE A 161 7.51 -10.29 -12.32
N ILE A 162 7.08 -9.17 -12.91
CA ILE A 162 7.37 -8.84 -14.32
C ILE A 162 8.52 -7.84 -14.33
N HIS A 163 9.63 -8.21 -14.95
CA HIS A 163 10.81 -7.31 -15.07
C HIS A 163 10.48 -6.08 -15.93
N CYS A 164 9.71 -6.29 -17.01
CA CYS A 164 9.14 -5.22 -17.85
C CYS A 164 10.16 -4.42 -18.69
N ASP A 165 11.44 -4.74 -18.63
CA ASP A 165 12.43 -4.13 -19.53
C ASP A 165 13.61 -5.05 -19.85
N LEU A 166 13.31 -6.27 -20.31
CA LEU A 166 14.36 -7.19 -20.78
C LEU A 166 14.91 -6.67 -22.12
N LYS A 167 16.17 -6.26 -22.10
CA LYS A 167 16.93 -5.89 -23.28
C LYS A 167 18.38 -6.32 -23.03
N PRO A 168 19.26 -6.27 -24.06
CA PRO A 168 20.65 -6.70 -23.83
C PRO A 168 21.45 -5.97 -22.73
N GLU A 169 21.21 -4.67 -22.49
CA GLU A 169 21.95 -3.97 -21.42
C GLU A 169 21.50 -4.33 -19.98
N ASN A 170 20.29 -4.86 -19.85
CA ASN A 170 19.80 -5.41 -18.58
C ASN A 170 20.15 -6.89 -18.35
N ILE A 171 21.04 -7.44 -19.18
CA ILE A 171 21.61 -8.77 -18.97
C ILE A 171 23.12 -8.59 -18.85
N LEU A 172 23.66 -8.91 -17.66
CA LEU A 172 25.09 -8.72 -17.41
C LEU A 172 25.83 -10.03 -17.49
N LEU A 173 27.07 -9.95 -17.97
CA LEU A 173 27.95 -11.11 -18.04
C LEU A 173 28.67 -11.23 -16.72
N CYS A 174 28.67 -12.45 -16.16
CA CYS A 174 29.31 -12.72 -14.88
C CYS A 174 30.78 -12.41 -14.98
N ASN A 175 31.47 -13.25 -15.76
CA ASN A 175 32.92 -13.24 -15.89
C ASN A 175 33.33 -14.25 -16.99
N PRO A 176 34.28 -13.85 -17.89
CA PRO A 176 34.68 -14.59 -19.12
C PRO A 176 34.91 -16.13 -19.16
N LYS A 177 35.58 -16.75 -18.19
CA LYS A 177 35.71 -18.23 -18.20
C LYS A 177 34.52 -18.94 -17.50
N ARG A 178 33.64 -18.19 -16.82
CA ARG A 178 32.49 -18.80 -16.08
C ARG A 178 31.25 -19.01 -16.98
N SER A 179 31.13 -18.24 -18.06
CA SER A 179 30.05 -18.38 -19.07
C SER A 179 28.66 -18.41 -18.47
N ALA A 180 28.29 -17.27 -17.89
CA ALA A 180 27.06 -17.14 -17.12
C ALA A 180 26.56 -15.72 -17.20
N ILE A 181 25.22 -15.58 -17.22
CA ILE A 181 24.59 -14.25 -17.26
C ILE A 181 23.68 -14.02 -16.06
N LYS A 182 23.38 -12.75 -15.82
CA LYS A 182 22.46 -12.34 -14.75
C LYS A 182 21.59 -11.19 -15.20
N ILE A 183 20.40 -11.11 -14.60
CA ILE A 183 19.43 -10.08 -14.92
C ILE A 183 19.54 -8.96 -13.91
N VAL A 184 19.65 -7.72 -14.41
CA VAL A 184 19.81 -6.53 -13.59
C VAL A 184 18.65 -5.57 -13.78
N ASP A 185 18.56 -4.59 -12.87
CA ASP A 185 17.66 -3.42 -12.99
C ASP A 185 16.18 -3.78 -12.94
N PHE A 186 15.68 -3.97 -11.72
CA PHE A 186 14.25 -4.23 -11.50
C PHE A 186 13.48 -2.93 -11.18
N GLY A 187 14.03 -1.78 -11.56
CA GLY A 187 13.41 -0.48 -11.31
C GLY A 187 12.18 -0.17 -12.14
N SER A 188 12.01 -0.84 -13.28
CA SER A 188 10.77 -0.79 -14.07
C SER A 188 9.84 -1.97 -13.78
N SER A 189 10.18 -2.75 -12.75
CA SER A 189 9.49 -3.99 -12.44
C SER A 189 8.33 -3.76 -11.48
N CYS A 190 7.31 -4.60 -11.61
CA CYS A 190 6.16 -4.62 -10.70
C CYS A 190 5.64 -6.05 -10.64
N GLN A 191 4.83 -6.34 -9.61
CA GLN A 191 4.18 -7.65 -9.48
C GLN A 191 2.87 -7.69 -10.27
N LEU A 192 2.57 -8.86 -10.84
CA LEU A 192 1.30 -9.16 -11.53
C LEU A 192 0.13 -8.45 -10.86
N GLY A 193 -0.71 -7.78 -11.65
CA GLY A 193 -1.83 -7.04 -11.09
C GLY A 193 -2.81 -6.46 -12.10
N GLN A 194 -3.75 -5.68 -11.61
CA GLN A 194 -4.62 -4.88 -12.46
C GLN A 194 -3.78 -3.87 -13.24
N ARG A 195 -4.17 -3.62 -14.49
CA ARG A 195 -3.36 -2.80 -15.40
C ARG A 195 -3.40 -1.32 -15.01
N ILE A 196 -2.25 -0.80 -14.62
CA ILE A 196 -2.06 0.61 -14.28
C ILE A 196 -1.19 1.35 -15.32
N TYR A 197 -0.39 0.60 -16.08
CA TYR A 197 0.62 1.16 -17.00
C TYR A 197 0.44 0.56 -18.38
N GLN A 198 0.68 1.36 -19.42
CA GLN A 198 0.48 0.93 -20.82
C GLN A 198 1.68 1.11 -21.76
N PTR A 199 2.44 2.19 -21.60
CA PTR A 199 3.64 2.43 -22.42
C PTR A 199 4.81 1.84 -21.70
O PTR A 199 5.47 2.55 -20.92
CB PTR A 199 3.80 3.94 -22.70
CG PTR A 199 4.88 4.30 -23.70
CD1 PTR A 199 4.72 4.08 -25.06
CD2 PTR A 199 6.06 4.90 -23.24
CE1 PTR A 199 5.72 4.43 -25.98
CE2 PTR A 199 7.07 5.26 -24.15
CZ PTR A 199 6.91 5.02 -25.53
OH PTR A 199 7.90 5.40 -26.40
P PTR A 199 8.92 4.38 -27.10
O1P PTR A 199 9.91 5.29 -27.74
O2P PTR A 199 8.02 3.58 -28.02
O3P PTR A 199 9.50 3.54 -25.98
N ILE A 200 5.07 0.56 -21.95
CA ILE A 200 6.06 -0.24 -21.21
C ILE A 200 6.85 -1.19 -22.12
N GLN A 201 7.97 -1.67 -21.58
CA GLN A 201 9.02 -2.41 -22.28
C GLN A 201 9.80 -1.54 -23.26
N SER A 202 11.04 -1.95 -23.56
CA SER A 202 11.82 -1.34 -24.63
C SER A 202 11.17 -1.70 -25.94
N ARG A 203 11.11 -0.74 -26.86
CA ARG A 203 10.37 -0.87 -28.11
C ARG A 203 10.76 -2.11 -28.91
N PHE A 204 12.06 -2.30 -29.11
CA PHE A 204 12.62 -3.48 -29.82
C PHE A 204 12.09 -4.83 -29.28
N TYR A 205 11.82 -4.89 -27.97
CA TYR A 205 11.44 -6.11 -27.26
C TYR A 205 10.03 -6.01 -26.67
N ARG A 206 9.27 -5.02 -27.12
CA ARG A 206 7.91 -4.79 -26.64
C ARG A 206 6.98 -5.80 -27.28
N SER A 207 6.05 -6.33 -26.50
CA SER A 207 5.21 -7.45 -26.93
C SER A 207 3.96 -6.96 -27.66
N PRO A 208 3.30 -7.84 -28.45
CA PRO A 208 2.11 -7.42 -29.18
C PRO A 208 0.92 -7.06 -28.30
N GLU A 209 0.76 -7.75 -27.16
CA GLU A 209 -0.29 -7.40 -26.19
C GLU A 209 -0.12 -5.95 -25.73
N VAL A 210 1.13 -5.54 -25.52
CA VAL A 210 1.48 -4.18 -25.12
C VAL A 210 1.28 -3.19 -26.27
N LEU A 211 1.81 -3.51 -27.46
CA LEU A 211 1.60 -2.65 -28.64
C LEU A 211 0.11 -2.46 -28.95
N LEU A 212 -0.69 -3.51 -28.74
CA LEU A 212 -2.15 -3.48 -28.93
C LEU A 212 -3.01 -2.87 -27.81
N GLY A 213 -2.42 -2.52 -26.66
CA GLY A 213 -3.19 -1.99 -25.53
C GLY A 213 -4.11 -2.99 -24.85
N MET A 214 -3.69 -4.26 -24.84
CA MET A 214 -4.45 -5.34 -24.24
C MET A 214 -3.94 -5.64 -22.82
N PRO A 215 -4.68 -6.50 -22.06
CA PRO A 215 -4.14 -6.97 -20.77
C PRO A 215 -2.83 -7.76 -20.95
N TYR A 216 -2.01 -7.77 -19.91
CA TYR A 216 -0.71 -8.43 -19.97
C TYR A 216 -0.25 -8.96 -18.60
N ASP A 217 0.80 -9.78 -18.62
CA ASP A 217 1.23 -10.57 -17.47
C ASP A 217 2.72 -10.96 -17.65
N LEU A 218 3.19 -12.00 -16.98
CA LEU A 218 4.61 -12.37 -17.05
C LEU A 218 5.09 -12.91 -18.39
N ALA A 219 4.15 -13.25 -19.30
CA ALA A 219 4.46 -13.66 -20.65
C ALA A 219 5.11 -12.58 -21.54
N ILE A 220 4.97 -11.30 -21.20
CA ILE A 220 5.64 -10.24 -21.97
C ILE A 220 7.15 -10.37 -21.89
N ASP A 221 7.64 -10.81 -20.73
CA ASP A 221 9.06 -11.06 -20.51
C ASP A 221 9.58 -12.19 -21.39
N MET A 222 8.77 -13.22 -21.63
CA MET A 222 9.14 -14.30 -22.56
C MET A 222 9.20 -13.84 -24.03
N TRP A 223 8.30 -12.94 -24.44
CA TRP A 223 8.40 -12.30 -25.76
C TRP A 223 9.73 -11.60 -25.91
N SER A 224 10.09 -10.80 -24.91
CA SER A 224 11.38 -10.10 -24.87
C SER A 224 12.55 -11.07 -25.01
N LEU A 225 12.41 -12.25 -24.40
CA LEU A 225 13.46 -13.27 -24.45
C LEU A 225 13.58 -14.01 -25.79
N GLY A 226 12.46 -14.23 -26.46
CA GLY A 226 12.48 -14.69 -27.85
C GLY A 226 13.35 -13.80 -28.72
N CYS A 227 13.09 -12.51 -28.68
CA CYS A 227 13.82 -11.51 -29.44
C CYS A 227 15.31 -11.48 -29.10
N ILE A 228 15.62 -11.42 -27.80
CA ILE A 228 17.00 -11.35 -27.31
C ILE A 228 17.86 -12.53 -27.78
N LEU A 229 17.32 -13.74 -27.71
CA LEU A 229 18.07 -14.94 -28.14
C LEU A 229 18.37 -15.00 -29.63
N VAL A 230 17.43 -14.55 -30.48
CA VAL A 230 17.71 -14.43 -31.91
C VAL A 230 18.82 -13.40 -32.12
N GLU A 231 18.71 -12.27 -31.42
CA GLU A 231 19.73 -11.21 -31.49
C GLU A 231 21.10 -11.66 -31.01
N MET A 232 21.16 -12.51 -29.99
CA MET A 232 22.45 -12.99 -29.49
C MET A 232 23.20 -13.90 -30.47
N HIS A 233 22.45 -14.60 -31.32
CA HIS A 233 23.06 -15.47 -32.33
C HIS A 233 23.23 -14.80 -33.70
N THR A 234 22.34 -13.87 -34.06
CA THR A 234 22.47 -13.09 -35.30
C THR A 234 23.39 -11.86 -35.10
N GLY A 235 23.28 -11.23 -33.93
CA GLY A 235 24.02 -9.99 -33.64
C GLY A 235 23.22 -8.71 -33.88
N GLU A 236 22.14 -8.82 -34.66
CA GLU A 236 21.26 -7.70 -34.98
C GLU A 236 19.96 -7.92 -34.22
N PRO A 237 19.29 -6.82 -33.79
CA PRO A 237 17.95 -7.00 -33.20
C PRO A 237 16.97 -7.63 -34.20
N LEU A 238 16.09 -8.49 -33.70
CA LEU A 238 15.11 -9.17 -34.53
C LEU A 238 14.12 -8.17 -35.11
N PHE A 239 13.59 -7.32 -34.24
CA PHE A 239 12.57 -6.33 -34.59
C PHE A 239 13.00 -4.93 -34.18
N SER A 240 13.78 -4.28 -35.04
CA SER A 240 14.36 -2.96 -34.73
C SER A 240 13.47 -1.81 -35.17
N GLY A 241 12.29 -1.67 -34.55
CA GLY A 241 11.34 -0.64 -34.98
C GLY A 241 11.75 0.79 -34.64
N ALA A 242 11.48 1.72 -35.57
CA ALA A 242 11.78 3.15 -35.38
C ALA A 242 10.67 3.83 -34.59
N ASN A 243 9.49 3.21 -34.58
CA ASN A 243 8.35 3.68 -33.81
C ASN A 243 7.41 2.48 -33.70
N GLU A 244 6.29 2.63 -32.99
CA GLU A 244 5.40 1.49 -32.76
C GLU A 244 4.79 0.93 -34.06
N VAL A 245 4.42 1.79 -35.00
CA VAL A 245 3.86 1.33 -36.29
C VAL A 245 4.87 0.46 -37.02
N ASP A 246 6.09 0.98 -37.12
CA ASP A 246 7.16 0.26 -37.76
C ASP A 246 7.59 -1.00 -36.97
N GLN A 247 7.50 -0.95 -35.65
CA GLN A 247 7.72 -2.14 -34.80
C GLN A 247 6.68 -3.23 -35.11
N MET A 248 5.40 -2.86 -35.09
CA MET A 248 4.36 -3.83 -35.45
C MET A 248 4.59 -4.43 -36.83
N ASN A 249 4.88 -3.57 -37.80
CA ASN A 249 5.12 -4.04 -39.18
C ASN A 249 6.27 -5.04 -39.29
N LYS A 250 7.34 -4.80 -38.55
CA LYS A 250 8.47 -5.72 -38.52
C LYS A 250 8.14 -7.06 -37.87
N ILE A 251 7.25 -7.04 -36.88
CA ILE A 251 6.77 -8.25 -36.24
C ILE A 251 5.93 -9.07 -37.23
N VAL A 252 5.04 -8.38 -37.94
CA VAL A 252 4.15 -9.01 -38.93
C VAL A 252 4.89 -9.62 -40.12
N GLU A 253 5.89 -8.90 -40.64
CA GLU A 253 6.82 -9.44 -41.64
C GLU A 253 7.33 -10.84 -41.34
N VAL A 254 7.61 -11.12 -40.06
CA VAL A 254 8.10 -12.43 -39.63
C VAL A 254 7.00 -13.42 -39.29
N LEU A 255 6.03 -12.96 -38.49
CA LEU A 255 5.05 -13.85 -37.83
C LEU A 255 3.65 -13.81 -38.41
N GLY A 256 3.42 -12.95 -39.40
CA GLY A 256 2.12 -12.84 -40.07
C GLY A 256 1.15 -11.93 -39.34
N ILE A 257 -0.06 -11.81 -39.87
CA ILE A 257 -1.08 -10.97 -39.25
C ILE A 257 -1.50 -11.69 -37.95
N PRO A 258 -1.65 -10.94 -36.83
CA PRO A 258 -2.14 -11.56 -35.60
C PRO A 258 -3.55 -12.15 -35.79
N PRO A 259 -3.96 -13.11 -34.94
CA PRO A 259 -5.27 -13.75 -35.16
C PRO A 259 -6.43 -12.81 -34.90
N ALA A 260 -7.57 -13.07 -35.53
CA ALA A 260 -8.71 -12.18 -35.49
C ALA A 260 -9.34 -12.14 -34.09
N HIS A 261 -9.40 -13.29 -33.42
CA HIS A 261 -9.92 -13.34 -32.05
C HIS A 261 -9.15 -12.36 -31.15
N ILE A 262 -7.86 -12.18 -31.41
CA ILE A 262 -7.05 -11.20 -30.69
C ILE A 262 -7.43 -9.79 -31.14
N LEU A 263 -7.31 -9.52 -32.44
CA LEU A 263 -7.52 -8.18 -33.00
C LEU A 263 -8.92 -7.59 -32.78
N ASP A 264 -9.93 -8.44 -32.63
CA ASP A 264 -11.29 -7.96 -32.29
C ASP A 264 -11.38 -7.43 -30.85
N GLN A 265 -10.54 -7.96 -29.96
CA GLN A 265 -10.45 -7.51 -28.57
C GLN A 265 -9.57 -6.28 -28.36
N ALA A 266 -8.65 -6.03 -29.30
CA ALA A 266 -7.53 -5.11 -29.08
C ALA A 266 -7.94 -3.63 -29.20
N PRO A 267 -7.83 -2.84 -28.11
CA PRO A 267 -8.20 -1.41 -28.19
C PRO A 267 -7.36 -0.52 -29.12
N LYS A 268 -6.13 -0.91 -29.43
CA LYS A 268 -5.29 -0.15 -30.39
C LYS A 268 -5.09 -0.86 -31.73
N ALA A 269 -5.97 -1.82 -32.05
CA ALA A 269 -5.94 -2.58 -33.32
C ALA A 269 -5.85 -1.67 -34.54
N ARG A 270 -6.67 -0.62 -34.53
CA ARG A 270 -6.76 0.32 -35.64
C ARG A 270 -5.56 1.27 -35.79
N LYS A 271 -4.59 1.24 -34.86
CA LYS A 271 -3.33 1.96 -35.05
C LYS A 271 -2.45 1.32 -36.14
N PHE A 272 -2.51 -0.01 -36.26
CA PHE A 272 -1.71 -0.77 -37.23
C PHE A 272 -2.51 -1.50 -38.32
N PHE A 273 -3.73 -1.93 -38.01
CA PHE A 273 -4.53 -2.74 -38.92
C PHE A 273 -5.85 -2.06 -39.27
N GLU A 274 -6.60 -2.68 -40.17
CA GLU A 274 -7.98 -2.26 -40.44
C GLU A 274 -8.87 -3.43 -40.78
N LYS A 275 -10.15 -3.28 -40.43
CA LYS A 275 -11.15 -4.33 -40.52
C LYS A 275 -11.95 -4.16 -41.81
N LEU A 276 -11.72 -5.06 -42.75
CA LEU A 276 -12.39 -5.02 -44.04
C LEU A 276 -13.88 -5.37 -43.91
N PRO A 277 -14.68 -5.10 -44.96
CA PRO A 277 -16.09 -5.47 -44.95
C PRO A 277 -16.39 -6.95 -44.64
N ASP A 278 -15.50 -7.86 -45.06
CA ASP A 278 -15.69 -9.29 -44.79
C ASP A 278 -15.40 -9.72 -43.34
N GLY A 279 -14.73 -8.85 -42.57
CA GLY A 279 -14.46 -9.11 -41.16
C GLY A 279 -13.07 -9.63 -40.87
N THR A 280 -12.21 -9.66 -41.89
CA THR A 280 -10.80 -9.99 -41.69
C THR A 280 -10.05 -8.70 -41.39
N TRP A 281 -8.85 -8.86 -40.86
CA TRP A 281 -7.98 -7.73 -40.53
C TRP A 281 -6.81 -7.74 -41.48
N ASN A 282 -6.37 -6.55 -41.89
CA ASN A 282 -5.23 -6.39 -42.78
C ASN A 282 -4.44 -5.14 -42.37
N LEU A 283 -3.21 -5.03 -42.88
CA LEU A 283 -2.34 -3.89 -42.56
C LEU A 283 -2.83 -2.59 -43.19
N LYS A 284 -2.88 -1.53 -42.38
CA LYS A 284 -2.88 -0.16 -42.89
C LYS A 284 -1.55 0.12 -43.58
N LYS A 285 -1.60 0.92 -44.65
CA LYS A 285 -0.39 1.36 -45.36
C LYS A 285 0.23 2.53 -44.62
N THR A 286 1.57 2.56 -44.57
CA THR A 286 2.29 3.67 -43.93
C THR A 286 2.27 4.91 -44.82
N GLU A 292 8.73 -1.34 -48.92
CA GLU A 292 9.34 -1.11 -47.63
C GLU A 292 9.20 -2.30 -46.66
N TYR A 293 8.03 -2.94 -46.68
CA TYR A 293 7.81 -4.20 -45.97
C TYR A 293 7.59 -5.38 -46.91
N LYS A 294 8.17 -6.51 -46.55
CA LYS A 294 7.80 -7.79 -47.13
C LYS A 294 6.35 -8.12 -46.74
N PRO A 295 5.66 -8.96 -47.55
CA PRO A 295 4.28 -9.33 -47.21
C PRO A 295 4.17 -10.16 -45.92
N PRO A 296 3.01 -10.10 -45.24
CA PRO A 296 2.84 -10.74 -43.94
C PRO A 296 3.45 -12.14 -43.84
N GLY A 297 4.37 -12.32 -42.90
CA GLY A 297 4.96 -13.64 -42.61
C GLY A 297 5.85 -14.27 -43.68
N THR A 298 6.41 -13.48 -44.58
CA THR A 298 7.29 -14.03 -45.63
C THR A 298 8.78 -13.87 -45.31
N ARG A 299 9.10 -13.08 -44.28
CA ARG A 299 10.45 -13.07 -43.71
C ARG A 299 10.51 -14.15 -42.65
N LYS A 300 10.72 -15.40 -43.08
CA LYS A 300 10.68 -16.54 -42.16
C LYS A 300 11.89 -16.55 -41.22
N LEU A 301 11.66 -16.99 -39.98
CA LEU A 301 12.70 -17.13 -38.97
C LEU A 301 13.70 -18.22 -39.32
N HIS A 302 13.19 -19.27 -39.96
CA HIS A 302 13.99 -20.30 -40.66
C HIS A 302 15.17 -19.70 -41.44
N ASN A 303 14.91 -18.61 -42.15
CA ASN A 303 15.90 -17.97 -43.04
C ASN A 303 16.74 -16.87 -42.40
N ILE A 304 16.17 -16.16 -41.42
CA ILE A 304 16.94 -15.18 -40.63
C ILE A 304 18.06 -15.90 -39.91
N LEU A 305 17.74 -17.05 -39.31
CA LEU A 305 18.71 -17.84 -38.57
C LEU A 305 19.66 -18.61 -39.48
N GLY A 306 19.21 -18.88 -40.71
CA GLY A 306 20.01 -19.57 -41.69
C GLY A 306 20.16 -21.02 -41.30
N VAL A 307 19.02 -21.64 -40.98
CA VAL A 307 18.95 -23.04 -40.52
C VAL A 307 19.65 -23.99 -41.50
N GLU A 308 19.38 -23.83 -42.80
CA GLU A 308 19.96 -24.68 -43.87
C GLU A 308 21.16 -24.04 -44.62
N THR A 309 21.43 -22.76 -44.37
CA THR A 309 22.40 -21.96 -45.12
C THR A 309 23.66 -21.60 -44.31
N GLY A 310 24.06 -22.47 -43.38
CA GLY A 310 25.28 -22.27 -42.59
C GLY A 310 25.20 -21.16 -41.54
N GLY A 311 24.07 -21.06 -40.86
CA GLY A 311 23.87 -20.04 -39.83
C GLY A 311 23.69 -18.65 -40.38
N PRO A 312 23.76 -17.63 -39.50
CA PRO A 312 23.66 -16.23 -39.93
C PRO A 312 24.80 -15.78 -40.85
N GLY A 313 24.44 -15.27 -42.03
CA GLY A 313 25.41 -14.84 -43.04
C GLY A 313 26.44 -15.88 -43.46
N GLY A 314 26.10 -17.17 -43.33
CA GLY A 314 27.02 -18.27 -43.62
C GLY A 314 28.14 -18.53 -42.61
N ARG A 315 28.19 -17.78 -41.50
CA ARG A 315 29.38 -17.79 -40.64
C ARG A 315 29.56 -19.06 -39.79
N ARG A 316 28.49 -19.83 -39.60
CA ARG A 316 28.53 -21.10 -38.84
C ARG A 316 28.64 -22.37 -39.70
N ALA A 317 29.10 -22.23 -40.94
CA ALA A 317 29.27 -23.37 -41.83
C ALA A 317 30.43 -24.23 -41.33
N GLY A 318 30.17 -25.51 -41.10
CA GLY A 318 31.19 -26.46 -40.66
C GLY A 318 31.47 -26.55 -39.15
N GLU A 319 30.86 -25.66 -38.37
CA GLU A 319 31.12 -25.59 -36.93
C GLU A 319 30.25 -26.60 -36.21
N SER A 320 30.82 -27.26 -35.19
CA SER A 320 30.11 -28.31 -34.46
C SER A 320 28.92 -27.76 -33.67
N GLY A 321 27.87 -28.56 -33.57
CA GLY A 321 26.64 -28.15 -32.92
C GLY A 321 25.88 -27.07 -33.67
N HIS A 322 26.03 -27.03 -35.01
CA HIS A 322 25.31 -26.07 -35.84
C HIS A 322 24.65 -26.75 -37.04
N THR A 323 24.16 -27.98 -36.84
CA THR A 323 23.54 -28.75 -37.90
C THR A 323 22.10 -28.30 -38.10
N VAL A 324 21.46 -28.80 -39.15
CA VAL A 324 20.06 -28.50 -39.43
C VAL A 324 19.19 -28.90 -38.24
N ALA A 325 19.37 -30.13 -37.77
CA ALA A 325 18.71 -30.64 -36.57
C ALA A 325 18.83 -29.68 -35.39
N ASP A 326 20.05 -29.24 -35.10
CA ASP A 326 20.30 -28.34 -33.97
C ASP A 326 19.54 -27.02 -34.16
N TYR A 327 19.65 -26.44 -35.35
CA TYR A 327 18.97 -25.17 -35.67
C TYR A 327 17.45 -25.23 -35.61
N LEU A 328 16.86 -26.36 -36.00
CA LEU A 328 15.40 -26.55 -35.93
C LEU A 328 14.87 -26.51 -34.50
N LYS A 329 15.61 -27.10 -33.58
CA LYS A 329 15.25 -27.08 -32.16
C LYS A 329 15.23 -25.66 -31.61
N PHE A 330 16.27 -24.89 -31.93
CA PHE A 330 16.36 -23.48 -31.53
C PHE A 330 15.24 -22.67 -32.14
N LYS A 331 15.05 -22.79 -33.45
CA LYS A 331 13.92 -22.16 -34.13
C LYS A 331 12.61 -22.48 -33.41
N ASP A 332 12.34 -23.78 -33.22
CA ASP A 332 11.08 -24.23 -32.65
C ASP A 332 10.80 -23.52 -31.33
N LEU A 333 11.81 -23.46 -30.48
CA LEU A 333 11.70 -22.80 -29.20
C LEU A 333 11.35 -21.32 -29.34
N ILE A 334 12.22 -20.57 -30.04
CA ILE A 334 11.97 -19.15 -30.34
C ILE A 334 10.54 -18.91 -30.84
N LEU A 335 10.04 -19.78 -31.71
CA LEU A 335 8.69 -19.62 -32.25
C LEU A 335 7.62 -19.76 -31.16
N ARG A 336 7.86 -20.66 -30.20
CA ARG A 336 6.98 -20.78 -29.03
C ARG A 336 7.04 -19.55 -28.09
N MET A 337 8.18 -18.87 -28.05
CA MET A 337 8.35 -17.63 -27.28
C MET A 337 7.75 -16.41 -27.97
N LEU A 338 7.62 -16.48 -29.30
CA LEU A 338 7.00 -15.45 -30.11
C LEU A 338 5.58 -15.80 -30.55
N ASP A 339 4.86 -16.60 -29.77
CA ASP A 339 3.45 -16.84 -30.01
C ASP A 339 2.72 -15.50 -29.80
N TYR A 340 1.71 -15.22 -30.63
CA TYR A 340 0.91 -13.99 -30.48
C TYR A 340 -0.01 -14.02 -29.25
N ASP A 341 -0.51 -15.21 -28.92
CA ASP A 341 -1.41 -15.41 -27.79
C ASP A 341 -0.62 -15.57 -26.48
N PRO A 342 -0.76 -14.59 -25.54
CA PRO A 342 -0.06 -14.77 -24.26
C PRO A 342 -0.54 -15.97 -23.43
N LYS A 343 -1.72 -16.51 -23.73
CA LYS A 343 -2.23 -17.69 -23.03
C LYS A 343 -1.51 -18.99 -23.40
N THR A 344 -1.11 -19.11 -24.66
CA THR A 344 -0.49 -20.33 -25.21
C THR A 344 1.03 -20.20 -25.38
N ARG A 345 1.55 -18.97 -25.34
CA ARG A 345 2.99 -18.72 -25.40
C ARG A 345 3.64 -19.53 -24.30
N ILE A 346 4.79 -20.10 -24.62
CA ILE A 346 5.44 -21.04 -23.73
C ILE A 346 5.80 -20.37 -22.40
N GLN A 347 5.59 -21.10 -21.31
CA GLN A 347 5.94 -20.63 -19.99
C GLN A 347 7.33 -21.15 -19.65
N PRO A 348 8.01 -20.54 -18.66
CA PRO A 348 9.39 -20.91 -18.27
C PRO A 348 9.67 -22.40 -18.01
N TYR A 349 8.74 -23.11 -17.37
CA TYR A 349 8.94 -24.52 -17.03
C TYR A 349 8.94 -25.44 -18.26
N TYR A 350 8.07 -25.13 -19.21
CA TYR A 350 7.97 -25.91 -20.44
C TYR A 350 9.12 -25.56 -21.39
N ALA A 351 9.60 -24.32 -21.33
CA ALA A 351 10.82 -23.92 -22.06
C ALA A 351 12.01 -24.74 -21.62
N LEU A 352 12.16 -24.94 -20.30
CA LEU A 352 13.30 -25.71 -19.76
C LEU A 352 13.32 -27.17 -20.20
N GLN A 353 12.15 -27.73 -20.43
CA GLN A 353 12.00 -29.12 -20.92
C GLN A 353 12.09 -29.26 -22.45
N HIS A 354 12.41 -28.18 -23.16
CA HIS A 354 12.50 -28.22 -24.62
C HIS A 354 13.76 -28.99 -25.05
N SER A 355 13.67 -29.67 -26.19
CA SER A 355 14.77 -30.49 -26.70
C SER A 355 16.03 -29.70 -27.08
N PHE A 356 15.88 -28.39 -27.26
CA PHE A 356 17.04 -27.50 -27.41
C PHE A 356 18.00 -27.59 -26.23
N PHE A 357 17.50 -27.95 -25.03
CA PHE A 357 18.31 -28.07 -23.81
C PHE A 357 18.73 -29.50 -23.41
N LYS A 358 18.61 -30.48 -24.30
CA LYS A 358 19.08 -31.84 -23.96
C LYS A 358 20.61 -31.94 -24.04
N ARG B 11 18.18 10.29 -36.44
CA ARG B 11 16.80 10.89 -36.40
C ARG B 11 15.93 10.17 -35.37
N LYS B 12 16.39 10.18 -34.11
CA LYS B 12 15.80 9.34 -33.06
C LYS B 12 14.45 9.88 -32.55
N VAL B 13 13.55 8.95 -32.24
CA VAL B 13 12.13 9.22 -32.03
C VAL B 13 11.71 8.71 -30.65
N TYR B 14 10.84 9.47 -29.98
CA TYR B 14 10.32 9.11 -28.64
C TYR B 14 8.80 9.17 -28.65
N ASN B 15 8.16 8.06 -28.30
CA ASN B 15 6.69 7.99 -28.17
C ASN B 15 6.01 8.29 -29.52
N ASP B 16 6.47 7.59 -30.56
CA ASP B 16 6.11 7.87 -31.97
C ASP B 16 6.21 9.35 -32.37
N GLY B 17 7.20 10.06 -31.82
CA GLY B 17 7.46 11.47 -32.15
C GLY B 17 6.77 12.52 -31.29
N TYR B 18 5.87 12.09 -30.41
CA TYR B 18 5.12 13.01 -29.56
C TYR B 18 5.93 13.57 -28.39
N ASP B 19 7.02 12.89 -28.02
CA ASP B 19 7.82 13.25 -26.85
C ASP B 19 9.20 13.76 -27.23
N ASP B 20 9.79 14.54 -26.34
CA ASP B 20 11.18 15.01 -26.48
C ASP B 20 12.16 14.13 -25.67
N ASP B 21 13.42 14.55 -25.59
CA ASP B 21 14.46 13.91 -24.77
C ASP B 21 14.10 13.64 -23.31
N ASN B 22 13.46 14.61 -22.68
CA ASN B 22 13.15 14.56 -21.24
C ASN B 22 11.75 14.03 -20.92
N TYR B 23 11.26 13.08 -21.74
CA TYR B 23 9.96 12.40 -21.51
C TYR B 23 8.72 13.32 -21.52
N ASP B 24 8.88 14.53 -22.05
CA ASP B 24 7.80 15.54 -22.06
C ASP B 24 7.04 15.47 -23.37
N TYR B 25 5.73 15.65 -23.30
CA TYR B 25 4.93 15.88 -24.50
C TYR B 25 5.39 17.20 -25.16
N ILE B 26 5.64 17.15 -26.47
CA ILE B 26 6.04 18.36 -27.22
C ILE B 26 4.75 19.16 -27.44
N VAL B 27 4.62 20.26 -26.71
CA VAL B 27 3.38 21.07 -26.75
C VAL B 27 3.35 21.93 -28.01
N LYS B 28 2.26 21.79 -28.77
CA LYS B 28 1.98 22.62 -29.95
C LYS B 28 0.72 23.45 -29.70
N ASN B 29 0.81 24.76 -29.93
CA ASN B 29 -0.34 25.66 -29.80
C ASN B 29 -1.48 25.37 -30.79
N GLY B 30 -2.70 25.39 -30.27
CA GLY B 30 -3.90 25.14 -31.06
C GLY B 30 -4.14 23.68 -31.42
N GLU B 31 -3.57 22.75 -30.66
CA GLU B 31 -3.85 21.33 -30.85
C GLU B 31 -5.11 20.99 -30.08
N LYS B 32 -5.87 20.00 -30.57
CA LYS B 32 -7.16 19.65 -29.95
C LYS B 32 -7.15 18.22 -29.42
N TRP B 33 -7.14 18.06 -28.09
CA TRP B 33 -7.03 16.73 -27.48
C TRP B 33 -8.41 16.15 -27.21
N MET B 34 -8.67 14.99 -27.83
CA MET B 34 -9.88 14.20 -27.60
C MET B 34 -11.16 14.97 -27.90
N ASP B 35 -11.10 15.82 -28.93
CA ASP B 35 -12.24 16.62 -29.39
C ASP B 35 -12.80 17.56 -28.31
N ARG B 36 -11.94 17.99 -27.38
CA ARG B 36 -12.36 18.73 -26.19
C ARG B 36 -11.46 19.93 -25.87
N TYR B 37 -10.19 19.67 -25.58
CA TYR B 37 -9.29 20.71 -25.05
C TYR B 37 -8.43 21.38 -26.12
N GLU B 38 -8.62 22.69 -26.26
CA GLU B 38 -7.90 23.51 -27.23
C GLU B 38 -6.73 24.22 -26.56
N ILE B 39 -5.51 23.75 -26.85
CA ILE B 39 -4.31 24.21 -26.14
C ILE B 39 -3.91 25.57 -26.68
N ASP B 40 -3.66 26.51 -25.79
CA ASP B 40 -3.35 27.90 -26.14
C ASP B 40 -1.86 28.19 -26.09
N SER B 41 -1.22 27.84 -24.97
CA SER B 41 0.20 28.18 -24.75
C SER B 41 0.81 27.44 -23.55
N LEU B 42 2.11 27.65 -23.35
CA LEU B 42 2.87 27.10 -22.22
C LEU B 42 2.98 28.12 -21.09
N ILE B 43 2.87 27.64 -19.85
CA ILE B 43 3.02 28.52 -18.66
C ILE B 43 4.01 28.00 -17.62
N GLY B 44 4.04 26.70 -17.38
CA GLY B 44 4.89 26.09 -16.36
C GLY B 44 5.71 24.93 -16.87
N LYS B 45 6.94 24.83 -16.36
CA LYS B 45 7.80 23.66 -16.56
C LYS B 45 8.41 23.30 -15.22
N GLY B 46 8.20 22.05 -14.80
CA GLY B 46 8.81 21.49 -13.60
C GLY B 46 9.40 20.14 -13.89
N SER B 47 10.08 19.57 -12.90
CA SER B 47 10.60 18.20 -13.00
C SER B 47 9.49 17.19 -13.31
N PHE B 48 8.28 17.46 -12.83
CA PHE B 48 7.09 16.64 -13.08
C PHE B 48 6.59 16.55 -14.54
N GLY B 49 6.88 17.58 -15.35
CA GLY B 49 6.30 17.72 -16.68
C GLY B 49 6.05 19.17 -17.06
N GLN B 50 4.88 19.46 -17.62
CA GLN B 50 4.52 20.79 -18.12
C GLN B 50 3.13 21.22 -17.64
N VAL B 51 2.92 22.54 -17.65
CA VAL B 51 1.62 23.15 -17.36
C VAL B 51 1.24 23.98 -18.57
N VAL B 52 0.00 23.84 -19.02
CA VAL B 52 -0.49 24.52 -20.22
C VAL B 52 -1.85 25.18 -19.98
N LYS B 53 -2.09 26.29 -20.70
CA LYS B 53 -3.40 26.93 -20.74
C LYS B 53 -4.22 26.29 -21.85
N ALA B 54 -5.49 26.00 -21.58
CA ALA B 54 -6.38 25.46 -22.60
C ALA B 54 -7.84 25.85 -22.42
N TYR B 55 -8.60 25.75 -23.51
CA TYR B 55 -10.03 26.03 -23.52
C TYR B 55 -10.81 24.71 -23.65
N ASP B 56 -11.76 24.50 -22.74
CA ASP B 56 -12.64 23.33 -22.77
C ASP B 56 -13.84 23.64 -23.65
N ARG B 57 -13.81 23.19 -24.91
CA ARG B 57 -14.90 23.44 -25.87
C ARG B 57 -16.24 22.78 -25.51
N VAL B 58 -16.19 21.66 -24.79
CA VAL B 58 -17.41 20.94 -24.37
C VAL B 58 -18.18 21.76 -23.32
N GLU B 59 -17.46 22.27 -22.32
CA GLU B 59 -18.04 23.00 -21.19
C GLU B 59 -17.90 24.52 -21.26
N GLN B 60 -17.04 25.02 -22.15
CA GLN B 60 -16.91 26.45 -22.44
C GLN B 60 -16.28 27.25 -21.29
N GLU B 61 -15.08 26.85 -20.89
CA GLU B 61 -14.30 27.57 -19.88
C GLU B 61 -12.81 27.28 -19.98
N TRP B 62 -12.00 28.26 -19.58
CA TRP B 62 -10.55 28.14 -19.63
C TRP B 62 -10.06 27.33 -18.43
N VAL B 63 -9.18 26.38 -18.71
CA VAL B 63 -8.65 25.45 -17.68
C VAL B 63 -7.13 25.35 -17.80
N ALA B 64 -6.47 25.08 -16.66
CA ALA B 64 -5.05 24.72 -16.67
C ALA B 64 -4.91 23.19 -16.67
N ILE B 65 -3.98 22.68 -17.48
CA ILE B 65 -3.76 21.24 -17.64
C ILE B 65 -2.30 20.94 -17.31
N LYS B 66 -2.09 20.07 -16.32
CA LYS B 66 -0.77 19.61 -15.95
C LYS B 66 -0.48 18.32 -16.69
N ILE B 67 0.47 18.37 -17.63
CA ILE B 67 0.84 17.20 -18.46
C ILE B 67 2.06 16.56 -17.85
N ILE B 68 1.88 15.39 -17.24
CA ILE B 68 2.96 14.71 -16.53
C ILE B 68 3.88 14.03 -17.55
N LYS B 69 5.16 13.90 -17.20
CA LYS B 69 6.12 13.17 -18.04
C LYS B 69 5.71 11.73 -18.29
N ASN B 70 6.01 11.27 -19.50
CA ASN B 70 5.76 9.90 -19.94
C ASN B 70 6.88 9.02 -19.42
N LYS B 71 6.85 8.76 -18.12
CA LYS B 71 7.88 8.00 -17.42
C LYS B 71 7.28 7.57 -16.09
N LYS B 72 7.53 6.32 -15.69
CA LYS B 72 6.80 5.67 -14.58
C LYS B 72 6.93 6.39 -13.23
N ALA B 73 8.12 6.91 -12.93
CA ALA B 73 8.39 7.63 -11.68
C ALA B 73 7.49 8.85 -11.54
N PHE B 74 7.30 9.59 -12.63
CA PHE B 74 6.44 10.77 -12.59
C PHE B 74 4.96 10.38 -12.58
N LEU B 75 4.59 9.36 -13.35
CA LEU B 75 3.23 8.82 -13.35
C LEU B 75 2.78 8.29 -11.97
N ASN B 76 3.68 7.59 -11.27
CA ASN B 76 3.42 7.14 -9.88
C ASN B 76 3.20 8.28 -8.91
N GLN B 77 4.03 9.32 -9.01
CA GLN B 77 3.91 10.52 -8.17
C GLN B 77 2.58 11.25 -8.38
N ALA B 78 2.12 11.33 -9.63
CA ALA B 78 0.87 12.02 -9.96
C ALA B 78 -0.36 11.25 -9.50
N GLN B 79 -0.32 9.93 -9.64
CA GLN B 79 -1.39 9.06 -9.11
C GLN B 79 -1.63 9.28 -7.61
N ILE B 80 -0.56 9.56 -6.86
CA ILE B 80 -0.67 9.91 -5.43
C ILE B 80 -1.36 11.27 -5.28
N GLU B 81 -0.93 12.26 -6.07
CA GLU B 81 -1.56 13.59 -6.10
C GLU B 81 -3.05 13.53 -6.51
N VAL B 82 -3.40 12.62 -7.42
CA VAL B 82 -4.82 12.46 -7.83
C VAL B 82 -5.68 12.00 -6.66
N ARG B 83 -5.26 10.93 -5.99
CA ARG B 83 -6.03 10.40 -4.86
C ARG B 83 -6.06 11.36 -3.65
N LEU B 84 -5.00 12.13 -3.43
CA LEU B 84 -4.97 13.19 -2.40
C LEU B 84 -5.97 14.31 -2.69
N LEU B 85 -5.96 14.77 -3.94
CA LEU B 85 -6.87 15.84 -4.40
C LEU B 85 -8.33 15.39 -4.40
N GLU B 86 -8.57 14.15 -4.80
CA GLU B 86 -9.91 13.57 -4.81
C GLU B 86 -10.51 13.31 -3.42
N LEU B 87 -9.64 13.09 -2.42
CA LEU B 87 -10.06 12.88 -1.03
C LEU B 87 -10.50 14.18 -0.36
N MET B 88 -9.91 15.29 -0.78
CA MET B 88 -10.34 16.63 -0.36
C MET B 88 -11.66 17.05 -1.01
N ASN B 89 -11.77 16.86 -2.32
CA ASN B 89 -12.97 17.22 -3.08
C ASN B 89 -14.22 16.48 -2.58
N LYS B 90 -14.02 15.26 -2.07
CA LYS B 90 -15.08 14.49 -1.41
C LYS B 90 -15.61 15.22 -0.17
N HIS B 91 -14.69 15.71 0.66
CA HIS B 91 -15.04 16.50 1.86
C HIS B 91 -15.53 17.91 1.52
N ASP B 92 -14.79 18.59 0.65
CA ASP B 92 -15.03 20.00 0.30
C ASP B 92 -16.03 20.09 -0.87
N THR B 93 -17.29 19.77 -0.57
CA THR B 93 -18.34 19.69 -1.58
C THR B 93 -18.58 21.00 -2.32
N GLU B 94 -18.86 22.07 -1.57
CA GLU B 94 -19.12 23.39 -2.16
C GLU B 94 -17.87 24.30 -2.25
N MET B 95 -16.69 23.70 -2.28
CA MET B 95 -15.46 24.36 -2.74
C MET B 95 -15.10 25.65 -1.97
N LYS B 96 -15.15 25.54 -0.65
CA LYS B 96 -14.63 26.57 0.26
C LYS B 96 -13.13 26.26 0.48
N TYR B 97 -12.55 26.75 1.56
CA TYR B 97 -11.22 26.30 2.04
C TYR B 97 -9.99 26.59 1.14
N TYR B 98 -10.21 27.22 -0.02
CA TYR B 98 -9.15 27.88 -0.79
C TYR B 98 -8.05 26.91 -1.29
N ILE B 99 -8.50 25.80 -1.87
CA ILE B 99 -7.65 24.79 -2.49
C ILE B 99 -8.04 24.68 -3.96
N VAL B 100 -7.05 24.56 -4.84
CA VAL B 100 -7.29 24.41 -6.29
C VAL B 100 -8.11 23.14 -6.62
N HIS B 101 -9.18 23.32 -7.39
CA HIS B 101 -10.10 22.22 -7.69
C HIS B 101 -9.59 21.39 -8.86
N LEU B 102 -9.35 20.10 -8.62
CA LEU B 102 -9.13 19.15 -9.71
C LEU B 102 -10.47 18.80 -10.31
N LYS B 103 -10.70 19.20 -11.56
CA LYS B 103 -11.97 18.95 -12.24
C LYS B 103 -12.04 17.51 -12.73
N ARG B 104 -10.94 17.02 -13.32
CA ARG B 104 -10.84 15.64 -13.77
C ARG B 104 -9.41 15.25 -14.15
N HIS B 105 -9.24 13.99 -14.53
CA HIS B 105 -7.99 13.48 -15.07
C HIS B 105 -8.26 12.45 -16.17
N PHE B 106 -7.41 12.46 -17.18
CA PHE B 106 -7.50 11.54 -18.31
C PHE B 106 -6.09 11.21 -18.79
N MET B 107 -5.99 10.11 -19.54
CA MET B 107 -4.75 9.74 -20.21
C MET B 107 -4.81 10.20 -21.66
N PHE B 108 -3.66 10.61 -22.18
CA PHE B 108 -3.58 11.13 -23.55
C PHE B 108 -2.17 10.94 -24.09
N ARG B 109 -2.05 10.05 -25.08
CA ARG B 109 -0.77 9.73 -25.73
C ARG B 109 0.31 9.37 -24.68
N ASN B 110 -0.07 8.51 -23.75
CA ASN B 110 0.80 7.98 -22.69
C ASN B 110 1.30 9.01 -21.67
N HIS B 111 0.49 10.05 -21.45
CA HIS B 111 0.75 11.08 -20.44
C HIS B 111 -0.49 11.19 -19.55
N LEU B 112 -0.30 11.25 -18.23
CA LEU B 112 -1.40 11.57 -17.29
C LEU B 112 -1.57 13.09 -17.27
N CYS B 113 -2.83 13.53 -17.29
CA CYS B 113 -3.19 14.94 -17.44
C CYS B 113 -4.20 15.29 -16.36
N LEU B 114 -3.86 16.32 -15.57
CA LEU B 114 -4.67 16.78 -14.45
C LEU B 114 -5.25 18.14 -14.78
N VAL B 115 -6.59 18.21 -14.81
CA VAL B 115 -7.35 19.41 -15.22
C VAL B 115 -7.78 20.25 -14.01
N PHE B 116 -7.24 21.47 -13.90
CA PHE B 116 -7.55 22.38 -12.79
C PHE B 116 -8.26 23.63 -13.29
N GLU B 117 -8.88 24.36 -12.36
CA GLU B 117 -9.38 25.71 -12.64
C GLU B 117 -8.21 26.64 -12.99
N MET B 118 -8.48 27.59 -13.87
CA MET B 118 -7.47 28.46 -14.46
C MET B 118 -7.37 29.78 -13.67
N LEU B 119 -6.25 29.97 -12.99
CA LEU B 119 -5.98 31.18 -12.19
C LEU B 119 -4.94 32.04 -12.90
N SER B 120 -4.70 33.23 -12.36
CA SER B 120 -4.02 34.30 -13.10
C SER B 120 -2.50 34.26 -12.98
N TYR B 121 -2.00 34.35 -11.75
CA TYR B 121 -0.56 34.38 -11.49
C TYR B 121 -0.29 34.11 -10.01
N ASN B 122 0.98 33.86 -9.68
CA ASN B 122 1.37 33.49 -8.32
C ASN B 122 1.80 34.69 -7.47
N LEU B 123 2.06 34.46 -6.18
CA LEU B 123 2.40 35.53 -5.24
C LEU B 123 3.72 36.24 -5.54
N TYR B 124 4.65 35.55 -6.20
CA TYR B 124 5.96 36.13 -6.55
C TYR B 124 5.84 37.13 -7.70
N ASP B 125 4.89 36.90 -8.59
CA ASP B 125 4.57 37.86 -9.65
C ASP B 125 3.97 39.13 -9.07
N LEU B 126 3.13 38.99 -8.04
CA LEU B 126 2.60 40.14 -7.30
C LEU B 126 3.70 40.95 -6.61
N LEU B 127 4.74 40.29 -6.12
CA LEU B 127 5.88 40.98 -5.49
C LEU B 127 6.80 41.65 -6.52
N ARG B 128 6.98 41.03 -7.68
CA ARG B 128 7.72 41.65 -8.79
C ARG B 128 6.99 42.89 -9.36
N ASN B 129 5.66 42.93 -9.20
CA ASN B 129 4.87 44.13 -9.53
C ASN B 129 5.07 45.28 -8.54
N THR B 130 5.25 44.94 -7.26
CA THR B 130 5.65 45.92 -6.22
C THR B 130 7.09 46.42 -6.39
N ASN B 131 7.89 45.69 -7.16
CA ASN B 131 9.35 45.85 -7.25
C ASN B 131 10.01 45.51 -5.91
N PHE B 132 9.56 44.39 -5.33
CA PHE B 132 10.10 43.83 -4.08
C PHE B 132 10.00 44.84 -2.93
N ARG B 133 8.80 45.41 -2.79
CA ARG B 133 8.45 46.31 -1.67
C ARG B 133 7.18 45.89 -0.91
N GLY B 134 6.56 44.78 -1.31
CA GLY B 134 5.44 44.19 -0.59
C GLY B 134 4.09 44.88 -0.76
N VAL B 135 3.06 44.20 -0.26
CA VAL B 135 1.67 44.70 -0.25
C VAL B 135 1.25 45.03 1.17
N SER B 136 0.12 45.73 1.30
CA SER B 136 -0.36 46.25 2.59
C SER B 136 -0.67 45.16 3.63
N LEU B 137 -0.79 45.59 4.88
CA LEU B 137 -1.05 44.70 6.00
C LEU B 137 -2.48 44.20 5.94
N ASN B 138 -3.40 45.07 5.51
CA ASN B 138 -4.79 44.69 5.29
C ASN B 138 -4.95 43.60 4.24
N LEU B 139 -4.16 43.65 3.18
CA LEU B 139 -4.20 42.61 2.14
C LEU B 139 -3.47 41.36 2.60
N THR B 140 -2.30 41.54 3.24
CA THR B 140 -1.58 40.44 3.87
C THR B 140 -2.46 39.70 4.89
N ARG B 141 -3.28 40.42 5.64
CA ARG B 141 -4.26 39.83 6.55
C ARG B 141 -5.26 38.96 5.79
N LYS B 142 -5.79 39.48 4.69
CA LYS B 142 -6.77 38.77 3.88
C LYS B 142 -6.18 37.49 3.28
N PHE B 143 -4.98 37.59 2.73
CA PHE B 143 -4.22 36.41 2.30
C PHE B 143 -3.93 35.45 3.47
N ALA B 144 -3.48 36.00 4.59
CA ALA B 144 -3.13 35.20 5.78
C ALA B 144 -4.30 34.34 6.28
N GLN B 145 -5.46 34.97 6.43
CA GLN B 145 -6.65 34.28 6.95
C GLN B 145 -7.10 33.13 6.05
N GLN B 146 -7.01 33.32 4.73
CA GLN B 146 -7.37 32.29 3.76
C GLN B 146 -6.38 31.12 3.76
N MET B 147 -5.09 31.43 3.89
CA MET B 147 -4.05 30.40 4.01
C MET B 147 -4.19 29.63 5.32
N CYS B 148 -4.37 30.37 6.42
CA CYS B 148 -4.62 29.81 7.74
C CYS B 148 -5.88 28.92 7.81
N THR B 149 -6.92 29.29 7.07
CA THR B 149 -8.14 28.47 6.94
C THR B 149 -7.90 27.23 6.07
N ALA B 150 -7.08 27.36 5.04
CA ALA B 150 -6.74 26.22 4.17
C ALA B 150 -5.92 25.16 4.90
N LEU B 151 -5.04 25.59 5.79
CA LEU B 151 -4.25 24.68 6.63
C LEU B 151 -5.08 23.98 7.70
N LEU B 152 -6.11 24.67 8.20
CA LEU B 152 -7.10 24.07 9.10
C LEU B 152 -7.85 22.92 8.41
N PHE B 153 -8.10 23.08 7.11
CA PHE B 153 -8.71 22.03 6.30
C PHE B 153 -7.73 20.86 6.13
N LEU B 154 -6.48 21.17 5.77
CA LEU B 154 -5.42 20.14 5.62
C LEU B 154 -5.25 19.27 6.88
N ALA B 155 -5.39 19.92 8.05
CA ALA B 155 -5.27 19.26 9.35
C ALA B 155 -6.56 18.62 9.87
N THR B 156 -7.58 18.46 9.02
CA THR B 156 -8.73 17.61 9.35
C THR B 156 -8.20 16.20 9.64
N PRO B 157 -8.59 15.59 10.78
CA PRO B 157 -8.05 14.28 11.18
C PRO B 157 -8.00 13.24 10.06
N GLU B 158 -9.07 13.18 9.25
CA GLU B 158 -9.17 12.23 8.13
C GLU B 158 -8.19 12.52 7.01
N LEU B 159 -7.72 13.77 6.92
CA LEU B 159 -6.73 14.17 5.93
C LEU B 159 -5.31 14.11 6.48
N SER B 160 -5.01 14.98 7.45
CA SER B 160 -3.64 15.19 7.93
C SER B 160 -2.65 15.38 6.78
N ILE B 161 -3.06 16.17 5.78
CA ILE B 161 -2.29 16.35 4.55
C ILE B 161 -1.25 17.44 4.78
N ILE B 162 0.02 17.09 4.62
CA ILE B 162 1.11 18.05 4.71
C ILE B 162 1.44 18.48 3.28
N HIS B 163 1.10 19.71 2.91
CA HIS B 163 1.38 20.24 1.56
C HIS B 163 2.87 20.12 1.25
N CYS B 164 3.70 20.60 2.18
CA CYS B 164 5.16 20.35 2.19
C CYS B 164 6.00 21.27 1.30
N ASP B 165 5.43 21.81 0.22
CA ASP B 165 6.14 22.76 -0.64
C ASP B 165 5.46 24.14 -0.71
N LEU B 166 5.03 24.67 0.43
CA LEU B 166 4.47 26.01 0.47
C LEU B 166 5.56 27.06 0.26
N LYS B 167 5.33 27.91 -0.74
CA LYS B 167 6.20 29.02 -1.07
C LYS B 167 5.33 29.97 -1.89
N PRO B 168 5.77 31.23 -2.09
CA PRO B 168 4.86 32.14 -2.78
C PRO B 168 4.49 31.66 -4.19
N GLU B 169 5.43 31.02 -4.89
CA GLU B 169 5.18 30.45 -6.22
C GLU B 169 4.10 29.33 -6.29
N ASN B 170 3.83 28.67 -5.16
CA ASN B 170 2.74 27.68 -5.08
C ASN B 170 1.45 28.23 -4.44
N ILE B 171 1.32 29.56 -4.39
CA ILE B 171 0.10 30.26 -3.97
C ILE B 171 -0.26 31.21 -5.12
N LEU B 172 -1.49 31.06 -5.64
CA LEU B 172 -1.96 31.80 -6.81
C LEU B 172 -3.13 32.73 -6.47
N LEU B 173 -3.17 33.91 -7.10
CA LEU B 173 -4.33 34.82 -7.01
C LEU B 173 -5.42 34.35 -7.97
N CYS B 174 -6.66 34.40 -7.50
CA CYS B 174 -7.81 33.81 -8.23
C CYS B 174 -8.12 34.59 -9.52
N ASN B 175 -8.08 35.93 -9.43
CA ASN B 175 -7.98 36.79 -10.62
C ASN B 175 -7.30 38.13 -10.23
N PRO B 176 -6.90 38.96 -11.22
CA PRO B 176 -6.22 40.23 -10.91
C PRO B 176 -6.98 41.21 -10.00
N LYS B 177 -8.31 41.31 -10.19
CA LYS B 177 -9.15 42.30 -9.49
C LYS B 177 -9.76 41.82 -8.17
N ARG B 178 -9.97 40.50 -8.04
CA ARG B 178 -10.57 39.88 -6.83
C ARG B 178 -9.47 39.26 -5.96
N SER B 179 -9.52 39.54 -4.66
CA SER B 179 -8.38 39.30 -3.75
C SER B 179 -8.24 37.88 -3.16
N ALA B 180 -9.07 36.93 -3.56
CA ALA B 180 -8.99 35.56 -3.05
C ALA B 180 -7.77 34.81 -3.61
N ILE B 181 -7.32 33.78 -2.89
CA ILE B 181 -6.17 32.97 -3.28
C ILE B 181 -6.45 31.48 -3.18
N LYS B 182 -5.59 30.68 -3.80
CA LYS B 182 -5.67 29.22 -3.78
C LYS B 182 -4.28 28.63 -3.58
N ILE B 183 -4.21 27.53 -2.85
CA ILE B 183 -2.98 26.76 -2.73
C ILE B 183 -2.99 25.77 -3.89
N VAL B 184 -1.90 25.73 -4.65
CA VAL B 184 -1.74 24.78 -5.76
C VAL B 184 -0.53 23.86 -5.57
N ASP B 185 -0.49 22.81 -6.38
CA ASP B 185 0.66 21.91 -6.50
C ASP B 185 0.83 21.02 -5.27
N PHE B 186 0.02 19.96 -5.22
CA PHE B 186 0.13 18.94 -4.16
C PHE B 186 0.98 17.72 -4.58
N GLY B 187 1.85 17.90 -5.56
CA GLY B 187 2.73 16.84 -6.04
C GLY B 187 3.89 16.51 -5.12
N SER B 188 4.22 17.40 -4.19
CA SER B 188 5.19 17.12 -3.11
C SER B 188 4.52 16.70 -1.80
N SER B 189 3.19 16.57 -1.79
CA SER B 189 2.45 16.35 -0.55
C SER B 189 2.49 14.91 -0.07
N CYS B 190 2.28 14.74 1.23
CA CYS B 190 2.08 13.44 1.86
C CYS B 190 0.99 13.62 2.91
N GLN B 191 0.40 12.52 3.35
CA GLN B 191 -0.37 12.49 4.60
C GLN B 191 0.60 12.26 5.76
N LEU B 192 0.18 12.64 6.98
CA LEU B 192 1.02 12.44 8.16
C LEU B 192 1.34 10.96 8.35
N GLY B 193 2.59 10.69 8.74
CA GLY B 193 2.97 9.35 9.14
C GLY B 193 4.45 9.15 9.39
N GLN B 194 4.82 7.86 9.54
CA GLN B 194 6.22 7.42 9.57
C GLN B 194 7.13 8.22 8.63
N ARG B 195 8.30 8.63 9.13
CA ARG B 195 9.24 9.46 8.36
C ARG B 195 9.94 8.64 7.26
N ILE B 196 9.67 9.00 6.00
CA ILE B 196 10.38 8.43 4.84
C ILE B 196 11.54 9.33 4.37
N TYR B 197 11.33 10.64 4.32
CA TYR B 197 12.28 11.60 3.70
C TYR B 197 12.78 12.66 4.68
N GLN B 198 13.99 13.17 4.43
CA GLN B 198 14.58 14.27 5.21
C GLN B 198 14.71 15.57 4.41
N PTR B 199 15.23 15.47 3.18
CA PTR B 199 15.42 16.65 2.31
C PTR B 199 14.13 17.05 1.65
O PTR B 199 13.87 16.72 0.48
CB PTR B 199 16.49 16.27 1.30
CG PTR B 199 17.17 17.44 0.62
CD1 PTR B 199 18.09 18.23 1.31
CD2 PTR B 199 16.90 17.72 -0.73
CE1 PTR B 199 18.73 19.31 0.66
CE2 PTR B 199 17.55 18.76 -1.38
CZ PTR B 199 18.45 19.57 -0.68
OH PTR B 199 19.08 20.60 -1.33
P PTR B 199 18.49 22.08 -1.44
O1P PTR B 199 18.59 22.61 -0.03
O2P PTR B 199 17.08 21.87 -1.96
O3P PTR B 199 19.43 22.76 -2.41
N ILE B 200 13.32 17.79 2.41
CA ILE B 200 12.00 18.30 1.97
C ILE B 200 11.90 19.81 2.18
N GLN B 201 10.87 20.40 1.57
CA GLN B 201 10.59 21.83 1.58
C GLN B 201 11.59 22.63 0.74
N SER B 202 11.13 23.79 0.27
CA SER B 202 11.98 24.74 -0.43
C SER B 202 12.90 25.40 0.59
N ARG B 203 14.11 25.78 0.15
CA ARG B 203 15.19 26.11 1.08
C ARG B 203 14.90 27.32 1.99
N PHE B 204 14.42 28.42 1.40
CA PHE B 204 14.08 29.62 2.18
C PHE B 204 12.94 29.38 3.18
N TYR B 205 12.06 28.45 2.85
CA TYR B 205 10.83 28.18 3.60
C TYR B 205 10.93 26.88 4.43
N ARG B 206 12.13 26.29 4.47
CA ARG B 206 12.37 25.01 5.14
C ARG B 206 12.52 25.22 6.64
N SER B 207 11.82 24.42 7.44
CA SER B 207 11.76 24.60 8.90
C SER B 207 13.03 24.08 9.60
N PRO B 208 13.28 24.55 10.86
CA PRO B 208 14.48 24.10 11.57
C PRO B 208 14.51 22.60 11.88
N GLU B 209 13.37 22.03 12.28
CA GLU B 209 13.27 20.59 12.52
C GLU B 209 13.63 19.75 11.27
N VAL B 210 13.23 20.24 10.09
CA VAL B 210 13.64 19.65 8.81
C VAL B 210 15.14 19.85 8.56
N LEU B 211 15.65 21.04 8.88
CA LEU B 211 17.10 21.32 8.79
C LEU B 211 17.93 20.47 9.78
N LEU B 212 17.45 20.35 11.01
CA LEU B 212 18.14 19.64 12.08
C LEU B 212 18.06 18.11 11.95
N GLY B 213 17.14 17.61 11.13
CA GLY B 213 16.98 16.17 10.92
C GLY B 213 16.07 15.50 11.94
N MET B 214 15.21 16.30 12.58
CA MET B 214 14.27 15.81 13.58
C MET B 214 13.00 15.27 12.93
N PRO B 215 12.13 14.62 13.72
CA PRO B 215 10.79 14.28 13.22
C PRO B 215 9.91 15.50 13.00
N TYR B 216 8.93 15.35 12.10
CA TYR B 216 8.02 16.44 11.74
C TYR B 216 6.59 15.97 11.48
N ASP B 217 5.68 16.93 11.48
CA ASP B 217 4.25 16.71 11.20
C ASP B 217 3.71 17.90 10.36
N LEU B 218 2.40 18.20 10.46
CA LEU B 218 1.80 19.33 9.73
C LEU B 218 2.35 20.71 10.10
N ALA B 219 2.96 20.81 11.27
CA ALA B 219 3.60 22.04 11.75
C ALA B 219 4.65 22.64 10.81
N ILE B 220 5.27 21.84 9.95
CA ILE B 220 6.24 22.37 8.96
C ILE B 220 5.64 23.39 8.00
N ASP B 221 4.36 23.18 7.64
CA ASP B 221 3.63 24.13 6.79
C ASP B 221 3.48 25.50 7.44
N MET B 222 3.13 25.50 8.72
CA MET B 222 2.97 26.75 9.47
C MET B 222 4.27 27.57 9.56
N TRP B 223 5.42 26.89 9.63
CA TRP B 223 6.71 27.59 9.56
C TRP B 223 6.81 28.34 8.23
N SER B 224 6.52 27.62 7.14
CA SER B 224 6.57 28.21 5.80
C SER B 224 5.59 29.36 5.60
N LEU B 225 4.36 29.22 6.11
CA LEU B 225 3.35 30.30 6.04
C LEU B 225 3.87 31.59 6.68
N GLY B 226 4.38 31.46 7.90
CA GLY B 226 4.98 32.55 8.64
C GLY B 226 6.10 33.26 7.90
N CYS B 227 6.92 32.49 7.19
CA CYS B 227 7.98 33.04 6.33
C CYS B 227 7.38 33.75 5.11
N ILE B 228 6.36 33.13 4.52
CA ILE B 228 5.63 33.71 3.39
C ILE B 228 5.01 35.07 3.74
N LEU B 229 4.38 35.18 4.91
CA LEU B 229 3.65 36.41 5.27
C LEU B 229 4.51 37.65 5.54
N VAL B 230 5.75 37.46 6.00
CA VAL B 230 6.70 38.56 6.17
C VAL B 230 7.22 38.96 4.80
N GLU B 231 7.41 37.96 3.94
CA GLU B 231 7.76 38.19 2.54
C GLU B 231 6.68 39.00 1.81
N MET B 232 5.40 38.75 2.10
CA MET B 232 4.33 39.53 1.48
C MET B 232 4.37 41.00 1.88
N HIS B 233 4.75 41.28 3.12
CA HIS B 233 4.80 42.65 3.61
C HIS B 233 6.09 43.41 3.25
N THR B 234 7.24 42.72 3.21
CA THR B 234 8.52 43.33 2.78
C THR B 234 8.81 43.19 1.27
N GLY B 235 8.18 42.22 0.61
CA GLY B 235 8.44 41.94 -0.81
C GLY B 235 9.69 41.13 -1.11
N GLU B 236 10.38 40.66 -0.07
CA GLU B 236 11.65 39.92 -0.22
C GLU B 236 11.75 38.72 0.73
N PRO B 237 12.60 37.73 0.39
CA PRO B 237 12.71 36.53 1.25
C PRO B 237 13.30 36.84 2.63
N LEU B 238 12.66 36.33 3.68
CA LEU B 238 13.16 36.51 5.04
C LEU B 238 14.49 35.76 5.28
N PHE B 239 14.59 34.56 4.74
CA PHE B 239 15.79 33.72 4.90
C PHE B 239 16.34 33.28 3.54
N SER B 240 17.26 34.08 3.00
CA SER B 240 17.84 33.86 1.67
C SER B 240 19.06 32.91 1.70
N GLY B 241 18.85 31.69 2.16
CA GLY B 241 19.94 30.71 2.31
C GLY B 241 20.45 30.17 0.99
N ALA B 242 21.75 30.31 0.74
CA ALA B 242 22.41 29.72 -0.43
C ALA B 242 22.47 28.20 -0.30
N ASN B 243 22.84 27.72 0.89
CA ASN B 243 22.85 26.29 1.25
C ASN B 243 22.14 26.12 2.59
N GLU B 244 22.09 24.89 3.12
CA GLU B 244 21.50 24.63 4.44
C GLU B 244 22.21 25.35 5.59
N VAL B 245 23.55 25.35 5.58
CA VAL B 245 24.34 26.03 6.64
C VAL B 245 24.05 27.54 6.67
N ASP B 246 24.00 28.16 5.50
CA ASP B 246 23.67 29.58 5.37
C ASP B 246 22.21 29.89 5.71
N GLN B 247 21.32 28.93 5.46
CA GLN B 247 19.90 29.05 5.83
C GLN B 247 19.74 29.13 7.35
N MET B 248 20.38 28.20 8.07
CA MET B 248 20.28 28.16 9.53
C MET B 248 20.90 29.39 10.17
N ASN B 249 22.13 29.72 9.78
CA ASN B 249 22.82 30.92 10.31
C ASN B 249 22.10 32.25 9.98
N LYS B 250 21.23 32.24 8.98
CA LYS B 250 20.33 33.39 8.69
C LYS B 250 19.02 33.37 9.50
N ILE B 251 18.53 32.17 9.81
CA ILE B 251 17.45 32.03 10.81
C ILE B 251 17.95 32.45 12.20
N VAL B 252 19.20 32.11 12.50
CA VAL B 252 19.82 32.42 13.81
C VAL B 252 20.08 33.93 14.01
N GLU B 253 20.19 34.69 12.92
CA GLU B 253 20.27 36.16 13.01
C GLU B 253 18.95 36.78 13.48
N VAL B 254 17.83 36.27 12.98
CA VAL B 254 16.50 36.77 13.38
C VAL B 254 16.11 36.17 14.73
N LEU B 255 15.70 34.91 14.73
CA LEU B 255 15.36 34.20 15.97
C LEU B 255 16.69 33.79 16.57
N GLY B 256 16.73 33.59 17.88
CA GLY B 256 18.00 33.34 18.57
C GLY B 256 18.59 31.98 18.30
N ILE B 257 19.48 31.55 19.19
CA ILE B 257 20.02 30.19 19.13
C ILE B 257 18.85 29.27 19.51
N PRO B 258 18.66 28.15 18.79
CA PRO B 258 17.52 27.29 19.13
C PRO B 258 17.57 26.75 20.57
N PRO B 259 16.40 26.37 21.14
CA PRO B 259 16.31 25.79 22.49
C PRO B 259 17.29 24.63 22.73
N ALA B 260 17.88 24.60 23.93
CA ALA B 260 18.88 23.58 24.29
C ALA B 260 18.34 22.15 24.14
N HIS B 261 17.17 21.91 24.71
CA HIS B 261 16.53 20.58 24.72
C HIS B 261 16.20 20.04 23.30
N ILE B 262 15.84 20.95 22.40
CA ILE B 262 15.62 20.64 20.99
C ILE B 262 16.93 20.24 20.34
N LEU B 263 17.95 21.08 20.53
CA LEU B 263 19.27 20.88 19.93
C LEU B 263 19.99 19.62 20.49
N ASP B 264 19.67 19.25 21.73
CA ASP B 264 20.16 17.98 22.32
C ASP B 264 19.71 16.73 21.54
N GLN B 265 18.49 16.76 20.98
CA GLN B 265 17.98 15.65 20.15
C GLN B 265 18.45 15.72 18.70
N ALA B 266 18.62 16.93 18.16
CA ALA B 266 18.97 17.17 16.76
C ALA B 266 20.15 16.34 16.25
N PRO B 267 19.89 15.36 15.34
CA PRO B 267 20.99 14.59 14.76
C PRO B 267 21.98 15.40 13.90
N LYS B 268 21.54 16.53 13.34
CA LYS B 268 22.40 17.45 12.60
C LYS B 268 22.79 18.68 13.43
N ALA B 269 23.02 18.48 14.72
CA ALA B 269 23.44 19.56 15.61
C ALA B 269 24.86 20.00 15.28
N ARG B 270 25.77 19.03 15.17
CA ARG B 270 27.17 19.26 14.79
C ARG B 270 27.38 19.98 13.45
N LYS B 271 26.46 19.80 12.52
CA LYS B 271 26.50 20.50 11.22
C LYS B 271 26.43 22.03 11.39
N PHE B 272 25.59 22.49 12.31
CA PHE B 272 25.35 23.92 12.53
C PHE B 272 26.02 24.49 13.78
N PHE B 273 26.05 23.73 14.88
CA PHE B 273 26.47 24.24 16.19
C PHE B 273 27.57 23.41 16.88
N GLU B 274 28.54 24.13 17.46
CA GLU B 274 29.52 23.57 18.39
C GLU B 274 28.88 23.46 19.78
N LYS B 275 29.25 22.42 20.53
CA LYS B 275 28.82 22.30 21.94
C LYS B 275 30.03 22.28 22.86
N LEU B 276 29.89 22.95 23.99
CA LEU B 276 30.98 23.12 24.97
C LEU B 276 30.86 22.03 26.04
N PRO B 277 31.81 22.00 27.00
CA PRO B 277 31.58 21.25 28.24
C PRO B 277 30.40 21.83 29.03
N ASP B 278 30.33 23.16 29.06
CA ASP B 278 29.14 23.90 29.51
C ASP B 278 27.92 23.58 28.63
N GLY B 279 26.74 23.63 29.23
CA GLY B 279 25.48 23.27 28.56
C GLY B 279 25.08 24.07 27.34
N THR B 280 25.54 25.32 27.25
CA THR B 280 25.20 26.22 26.15
C THR B 280 25.66 25.73 24.77
N TRP B 281 24.83 25.99 23.76
CA TRP B 281 25.13 25.65 22.36
C TRP B 281 25.59 26.90 21.60
N ASN B 282 26.58 26.73 20.72
CA ASN B 282 27.25 27.85 20.03
C ASN B 282 27.48 27.54 18.54
N LEU B 283 27.16 28.49 17.67
CA LEU B 283 27.43 28.34 16.23
C LEU B 283 28.90 28.64 15.94
N LYS B 284 29.56 27.73 15.21
CA LYS B 284 30.94 27.95 14.74
C LYS B 284 30.93 28.14 13.23
N TYR B 293 27.40 35.78 8.47
CA TYR B 293 28.19 35.92 9.70
C TYR B 293 27.93 37.26 10.40
N LYS B 294 26.74 37.37 11.01
CA LYS B 294 26.40 38.45 11.94
C LYS B 294 25.80 37.83 13.19
N PRO B 295 25.99 38.47 14.37
CA PRO B 295 25.75 37.80 15.66
C PRO B 295 24.30 37.35 15.92
N PRO B 296 24.11 36.32 16.78
CA PRO B 296 22.80 35.67 16.91
C PRO B 296 21.72 36.51 17.61
N GLY B 297 20.53 36.55 17.01
CA GLY B 297 19.38 37.23 17.61
C GLY B 297 19.38 38.75 17.54
N THR B 298 20.29 39.34 16.75
CA THR B 298 20.43 40.80 16.64
C THR B 298 19.66 41.41 15.47
N ARG B 299 19.43 40.64 14.41
CA ARG B 299 18.63 41.07 13.26
C ARG B 299 17.15 40.90 13.61
N LYS B 300 16.59 41.88 14.30
CA LYS B 300 15.31 41.74 14.97
C LYS B 300 14.11 41.80 14.01
N LEU B 301 13.07 41.02 14.30
CA LEU B 301 11.82 41.05 13.53
C LEU B 301 11.03 42.35 13.73
N HIS B 302 11.21 42.95 14.91
CA HIS B 302 10.71 44.31 15.19
C HIS B 302 11.29 45.31 14.18
N ASN B 303 12.60 45.19 13.90
CA ASN B 303 13.29 46.02 12.91
C ASN B 303 12.97 45.67 11.46
N ILE B 304 12.85 44.38 11.14
CA ILE B 304 12.51 43.92 9.77
C ILE B 304 11.15 44.47 9.33
N LEU B 305 10.15 44.40 10.21
CA LEU B 305 8.80 44.88 9.91
C LEU B 305 8.63 46.42 10.00
N GLY B 306 9.60 47.11 10.59
CA GLY B 306 9.54 48.57 10.73
C GLY B 306 8.37 49.00 11.62
N VAL B 307 8.24 48.31 12.75
CA VAL B 307 7.05 48.40 13.62
C VAL B 307 6.90 49.81 14.20
N GLU B 308 8.03 50.48 14.46
CA GLU B 308 8.05 51.88 14.89
C GLU B 308 8.37 52.87 13.77
N THR B 309 9.17 52.46 12.78
CA THR B 309 9.63 53.35 11.70
C THR B 309 8.80 53.27 10.41
N GLY B 310 7.47 53.34 10.55
CA GLY B 310 6.54 53.45 9.42
C GLY B 310 6.57 52.30 8.43
N GLY B 311 6.69 51.07 8.93
CA GLY B 311 6.74 49.90 8.07
C GLY B 311 8.08 49.69 7.36
N PRO B 312 8.14 48.70 6.44
CA PRO B 312 9.36 48.39 5.67
C PRO B 312 9.90 49.54 4.82
N GLY B 313 11.09 50.00 5.14
CA GLY B 313 11.74 51.12 4.43
C GLY B 313 11.05 52.45 4.65
N GLY B 314 10.30 52.59 5.74
CA GLY B 314 9.53 53.80 6.03
C GLY B 314 8.28 54.04 5.21
N ARG B 315 7.98 53.16 4.25
CA ARG B 315 7.02 53.46 3.19
C ARG B 315 5.55 53.44 3.61
N ARG B 316 5.23 52.89 4.78
CA ARG B 316 3.84 52.78 5.24
C ARG B 316 3.43 53.85 6.29
N ALA B 317 4.23 54.91 6.42
CA ALA B 317 4.01 55.92 7.45
C ALA B 317 2.67 56.63 7.28
N GLY B 318 1.81 56.50 8.30
CA GLY B 318 0.50 57.16 8.31
C GLY B 318 -0.60 56.53 7.49
N GLU B 319 -0.38 55.30 7.02
CA GLU B 319 -1.37 54.57 6.24
C GLU B 319 -2.36 53.92 7.20
N SER B 320 -3.61 53.82 6.75
CA SER B 320 -4.67 53.25 7.60
C SER B 320 -4.42 51.76 7.80
N GLY B 321 -4.50 51.32 9.06
CA GLY B 321 -4.19 49.95 9.45
C GLY B 321 -2.72 49.61 9.62
N HIS B 322 -1.86 50.63 9.73
CA HIS B 322 -0.39 50.45 9.86
C HIS B 322 0.19 51.08 11.12
N THR B 323 -0.60 51.14 12.19
CA THR B 323 -0.17 51.76 13.46
C THR B 323 0.85 50.89 14.20
N VAL B 324 1.41 51.44 15.27
CA VAL B 324 2.23 50.65 16.21
C VAL B 324 1.46 49.44 16.74
N ALA B 325 0.18 49.63 17.05
CA ALA B 325 -0.68 48.57 17.59
C ALA B 325 -0.90 47.42 16.60
N ASP B 326 -1.31 47.76 15.38
CA ASP B 326 -1.58 46.79 14.32
C ASP B 326 -0.37 45.90 14.01
N TYR B 327 0.80 46.53 13.89
CA TYR B 327 2.06 45.81 13.64
C TYR B 327 2.47 44.83 14.73
N LEU B 328 2.12 45.12 15.98
CA LEU B 328 2.45 44.24 17.11
C LEU B 328 1.60 42.96 17.13
N LYS B 329 0.34 43.08 16.70
CA LYS B 329 -0.52 41.92 16.48
C LYS B 329 0.05 41.00 15.39
N PHE B 330 0.61 41.61 14.35
CA PHE B 330 1.25 40.89 13.26
C PHE B 330 2.58 40.28 13.71
N LYS B 331 3.39 41.09 14.40
CA LYS B 331 4.66 40.62 14.99
C LYS B 331 4.42 39.40 15.89
N ASP B 332 3.39 39.47 16.71
CA ASP B 332 3.04 38.37 17.63
C ASP B 332 2.70 37.09 16.87
N LEU B 333 1.79 37.18 15.91
CA LEU B 333 1.35 35.99 15.18
C LEU B 333 2.49 35.31 14.44
N ILE B 334 3.33 36.10 13.76
CA ILE B 334 4.50 35.58 13.04
C ILE B 334 5.51 34.91 13.97
N LEU B 335 5.66 35.43 15.19
CA LEU B 335 6.57 34.83 16.19
C LEU B 335 6.05 33.48 16.71
N ARG B 336 4.74 33.37 16.92
CA ARG B 336 4.10 32.10 17.29
C ARG B 336 4.21 31.10 16.14
N MET B 337 3.94 31.57 14.92
CA MET B 337 4.11 30.80 13.68
C MET B 337 5.56 30.33 13.46
N LEU B 338 6.54 31.17 13.80
CA LEU B 338 7.96 30.83 13.68
C LEU B 338 8.59 30.46 15.04
N ASP B 339 7.87 29.65 15.83
CA ASP B 339 8.43 29.04 17.04
C ASP B 339 9.39 27.93 16.63
N TYR B 340 10.51 27.80 17.34
CA TYR B 340 11.49 26.73 17.10
C TYR B 340 10.95 25.35 17.46
N ASP B 341 10.06 25.28 18.46
CA ASP B 341 9.52 24.01 18.95
C ASP B 341 8.19 23.65 18.25
N PRO B 342 8.16 22.58 17.42
CA PRO B 342 6.93 22.12 16.75
C PRO B 342 5.75 21.70 17.65
N LYS B 343 6.00 21.38 18.91
CA LYS B 343 4.92 21.15 19.89
C LYS B 343 4.16 22.43 20.21
N THR B 344 4.91 23.52 20.46
CA THR B 344 4.36 24.80 20.92
C THR B 344 4.32 25.88 19.83
N ARG B 345 4.35 25.47 18.56
CA ARG B 345 4.10 26.35 17.43
C ARG B 345 2.59 26.47 17.26
N ILE B 346 2.12 27.66 16.87
CA ILE B 346 0.68 27.91 16.72
C ILE B 346 0.09 27.06 15.61
N GLN B 347 -1.18 26.67 15.78
CA GLN B 347 -1.87 25.79 14.85
C GLN B 347 -3.07 26.50 14.24
N PRO B 348 -3.38 26.22 12.96
CA PRO B 348 -4.44 26.90 12.20
C PRO B 348 -5.58 27.49 13.05
N TYR B 349 -6.19 26.64 13.88
CA TYR B 349 -7.38 27.01 14.67
C TYR B 349 -7.18 28.22 15.58
N TYR B 350 -6.07 28.22 16.33
CA TYR B 350 -5.79 29.30 17.30
C TYR B 350 -5.10 30.50 16.67
N ALA B 351 -4.56 30.33 15.46
CA ALA B 351 -4.11 31.44 14.64
C ALA B 351 -5.29 32.25 14.14
N LEU B 352 -6.36 31.57 13.72
CA LEU B 352 -7.58 32.23 13.21
C LEU B 352 -8.26 33.15 14.22
N GLN B 353 -8.28 32.75 15.49
CA GLN B 353 -8.87 33.56 16.58
C GLN B 353 -7.95 34.65 17.13
N HIS B 354 -6.69 34.67 16.69
CA HIS B 354 -5.73 35.71 17.09
C HIS B 354 -6.28 37.13 16.81
N SER B 355 -5.84 38.10 17.61
CA SER B 355 -6.43 39.45 17.62
C SER B 355 -6.32 40.19 16.28
N PHE B 356 -5.17 39.99 15.62
CA PHE B 356 -4.94 40.38 14.21
C PHE B 356 -6.13 40.21 13.25
N PHE B 357 -6.90 39.14 13.42
CA PHE B 357 -8.08 38.87 12.58
C PHE B 357 -9.42 39.38 13.14
N LYS B 358 -9.38 40.29 14.11
CA LYS B 358 -10.57 40.93 14.70
C LYS B 358 -11.43 39.94 15.51
N VAL C 13 -17.27 -30.83 9.51
CA VAL C 13 -15.81 -30.99 9.19
C VAL C 13 -15.27 -29.70 8.59
N TYR C 14 -14.11 -29.25 9.07
CA TYR C 14 -13.47 -28.03 8.58
C TYR C 14 -11.94 -28.10 8.56
N ASN C 15 -11.37 -27.61 7.45
CA ASN C 15 -9.95 -27.72 7.14
C ASN C 15 -9.46 -29.16 7.22
N ASP C 16 -10.15 -30.03 6.47
CA ASP C 16 -9.83 -31.47 6.42
C ASP C 16 -9.90 -32.15 7.81
N GLY C 17 -10.82 -31.67 8.65
CA GLY C 17 -10.97 -32.14 10.02
C GLY C 17 -10.20 -31.37 11.08
N TYR C 18 -9.15 -30.63 10.70
CA TYR C 18 -8.22 -30.00 11.66
C TYR C 18 -8.72 -28.74 12.35
N ASP C 19 -9.79 -28.12 11.83
CA ASP C 19 -10.31 -26.88 12.41
C ASP C 19 -11.61 -27.12 13.14
N ASP C 20 -12.01 -26.10 13.91
CA ASP C 20 -13.36 -25.99 14.46
C ASP C 20 -14.12 -24.94 13.65
N ASP C 21 -15.41 -24.79 13.91
CA ASP C 21 -16.25 -23.87 13.13
C ASP C 21 -16.20 -22.40 13.60
N ASN C 22 -15.26 -22.10 14.50
CA ASN C 22 -14.80 -20.72 14.75
C ASN C 22 -13.43 -20.46 14.10
N TYR C 23 -13.08 -21.27 13.09
CA TYR C 23 -11.86 -21.10 12.27
C TYR C 23 -10.53 -21.26 13.02
N ASP C 24 -10.59 -21.83 14.23
CA ASP C 24 -9.40 -22.06 15.05
C ASP C 24 -8.91 -23.48 14.85
N TYR C 25 -7.61 -23.65 15.04
CA TYR C 25 -6.99 -24.95 15.01
C TYR C 25 -7.29 -25.69 16.30
N ILE C 26 -7.72 -26.94 16.18
CA ILE C 26 -7.97 -27.81 17.33
C ILE C 26 -6.64 -28.27 17.91
N VAL C 27 -6.23 -27.63 18.99
CA VAL C 27 -4.95 -27.93 19.66
C VAL C 27 -5.07 -29.23 20.45
N LYS C 28 -4.28 -30.24 20.06
CA LYS C 28 -4.12 -31.47 20.80
C LYS C 28 -2.74 -31.45 21.46
N ASN C 29 -2.68 -31.70 22.76
CA ASN C 29 -1.40 -31.67 23.50
C ASN C 29 -0.47 -32.79 23.03
N GLY C 30 0.82 -32.51 23.00
CA GLY C 30 1.84 -33.48 22.61
C GLY C 30 1.99 -33.74 21.11
N GLU C 31 1.22 -33.03 20.28
CA GLU C 31 1.27 -33.20 18.82
C GLU C 31 2.56 -32.59 18.28
N LYS C 32 3.10 -33.23 17.26
CA LYS C 32 4.38 -32.84 16.67
C LYS C 32 4.09 -32.16 15.33
N TRP C 33 4.62 -30.95 15.15
CA TRP C 33 4.49 -30.23 13.87
C TRP C 33 5.82 -30.17 13.15
N MET C 34 5.90 -30.87 12.01
CA MET C 34 7.03 -30.81 11.09
C MET C 34 8.31 -31.37 11.71
N ASP C 35 8.15 -32.41 12.53
CA ASP C 35 9.19 -32.96 13.40
C ASP C 35 10.08 -31.89 14.05
N ARG C 36 9.45 -30.82 14.53
CA ARG C 36 10.14 -29.70 15.16
C ARG C 36 9.44 -29.27 16.45
N TYR C 37 8.19 -28.82 16.33
CA TYR C 37 7.46 -28.28 17.49
C TYR C 37 6.62 -29.33 18.20
N GLU C 38 6.91 -29.53 19.49
CA GLU C 38 6.09 -30.36 20.38
C GLU C 38 5.14 -29.42 21.10
N ILE C 39 3.86 -29.47 20.74
CA ILE C 39 2.84 -28.63 21.38
C ILE C 39 2.58 -29.15 22.79
N ASP C 40 2.85 -28.32 23.79
CA ASP C 40 2.69 -28.69 25.19
C ASP C 40 1.25 -28.43 25.61
N SER C 41 0.85 -27.16 25.66
CA SER C 41 -0.49 -26.79 26.11
C SER C 41 -0.93 -25.42 25.59
N LEU C 42 -2.23 -25.15 25.75
CA LEU C 42 -2.83 -23.87 25.44
C LEU C 42 -2.58 -22.90 26.60
N ILE C 43 -1.99 -21.75 26.30
CA ILE C 43 -1.75 -20.69 27.29
C ILE C 43 -2.61 -19.43 27.09
N GLY C 44 -3.44 -19.43 26.04
CA GLY C 44 -4.30 -18.30 25.77
C GLY C 44 -5.16 -18.48 24.53
N LYS C 45 -6.32 -17.86 24.56
CA LYS C 45 -7.29 -17.95 23.49
C LYS C 45 -7.92 -16.55 23.30
N GLY C 46 -7.91 -16.05 22.07
CA GLY C 46 -8.41 -14.71 21.73
C GLY C 46 -9.11 -14.70 20.38
N SER C 47 -9.59 -13.52 19.95
CA SER C 47 -10.31 -13.41 18.67
C SER C 47 -9.41 -13.69 17.46
N PHE C 48 -8.15 -13.25 17.53
CA PHE C 48 -7.12 -13.60 16.52
C PHE C 48 -6.87 -15.10 16.37
N GLY C 49 -7.05 -15.83 17.46
CA GLY C 49 -6.85 -17.27 17.51
C GLY C 49 -6.31 -17.68 18.87
N GLN C 50 -5.24 -18.47 18.87
CA GLN C 50 -4.71 -19.07 20.10
C GLN C 50 -3.21 -18.88 20.22
N VAL C 51 -2.74 -19.04 21.46
CA VAL C 51 -1.32 -19.11 21.77
C VAL C 51 -1.08 -20.44 22.46
N VAL C 52 -0.05 -21.15 22.03
CA VAL C 52 0.37 -22.41 22.66
C VAL C 52 1.80 -22.32 23.19
N LYS C 53 2.04 -22.97 24.32
CA LYS C 53 3.39 -23.31 24.77
C LYS C 53 3.85 -24.48 23.93
N ALA C 54 5.10 -24.46 23.46
CA ALA C 54 5.63 -25.60 22.70
C ALA C 54 7.14 -25.67 22.74
N TYR C 55 7.66 -26.87 22.49
CA TYR C 55 9.09 -27.12 22.51
C TYR C 55 9.68 -27.24 21.09
N ASP C 56 10.54 -26.29 20.75
CA ASP C 56 11.29 -26.32 19.51
C ASP C 56 12.41 -27.37 19.62
N ARG C 57 12.18 -28.55 19.05
CA ARG C 57 13.15 -29.67 19.06
C ARG C 57 14.49 -29.33 18.41
N VAL C 58 14.43 -28.56 17.32
CA VAL C 58 15.60 -28.22 16.51
C VAL C 58 16.54 -27.26 17.27
N GLU C 59 15.98 -26.17 17.81
CA GLU C 59 16.75 -25.19 18.61
C GLU C 59 16.89 -25.56 20.08
N GLN C 60 16.12 -26.55 20.54
CA GLN C 60 16.11 -27.00 21.93
C GLN C 60 15.81 -25.86 22.90
N GLU C 61 14.56 -25.41 22.86
CA GLU C 61 14.10 -24.31 23.71
C GLU C 61 12.59 -24.21 23.68
N TRP C 62 12.03 -23.56 24.69
CA TRP C 62 10.62 -23.25 24.73
C TRP C 62 10.36 -22.01 23.90
N VAL C 63 9.27 -22.05 23.14
CA VAL C 63 8.78 -20.91 22.39
C VAL C 63 7.28 -20.77 22.62
N ALA C 64 6.75 -19.59 22.34
CA ALA C 64 5.31 -19.36 22.30
C ALA C 64 4.90 -19.20 20.83
N ILE C 65 3.89 -19.97 20.41
CA ILE C 65 3.43 -19.99 19.03
C ILE C 65 2.01 -19.45 18.98
N LYS C 66 1.86 -18.32 18.28
CA LYS C 66 0.57 -17.70 18.01
C LYS C 66 -0.03 -18.31 16.74
N ILE C 67 -1.08 -19.10 16.90
CA ILE C 67 -1.71 -19.82 15.79
C ILE C 67 -2.94 -19.02 15.37
N ILE C 68 -2.88 -18.43 14.19
CA ILE C 68 -3.88 -17.46 13.77
C ILE C 68 -5.07 -18.18 13.14
N LYS C 69 -6.27 -17.67 13.41
CA LYS C 69 -7.48 -18.26 12.84
C LYS C 69 -7.32 -18.42 11.32
N ASN C 70 -7.76 -19.56 10.80
CA ASN C 70 -7.80 -19.79 9.36
C ASN C 70 -8.95 -18.97 8.78
N LYS C 71 -8.72 -17.67 8.67
CA LYS C 71 -9.72 -16.72 8.19
C LYS C 71 -9.03 -15.44 7.72
N LYS C 72 -9.54 -14.91 6.61
CA LYS C 72 -8.89 -13.83 5.86
C LYS C 72 -8.57 -12.63 6.75
N ALA C 73 -9.58 -12.13 7.45
CA ALA C 73 -9.46 -10.92 8.27
C ALA C 73 -8.39 -11.02 9.35
N PHE C 74 -8.28 -12.20 9.99
CA PHE C 74 -7.30 -12.42 11.05
C PHE C 74 -5.90 -12.68 10.47
N LEU C 75 -5.84 -13.40 9.34
CA LEU C 75 -4.57 -13.60 8.63
C LEU C 75 -3.95 -12.28 8.18
N ASN C 76 -4.74 -11.39 7.59
CA ASN C 76 -4.26 -10.09 7.12
C ASN C 76 -3.71 -9.21 8.23
N GLN C 77 -4.50 -9.07 9.28
CA GLN C 77 -4.08 -8.41 10.51
C GLN C 77 -2.75 -8.98 11.02
N ALA C 78 -2.64 -10.31 11.05
CA ALA C 78 -1.43 -10.98 11.48
C ALA C 78 -0.24 -10.69 10.54
N GLN C 79 -0.50 -10.59 9.24
CA GLN C 79 0.54 -10.18 8.28
C GLN C 79 1.01 -8.73 8.49
N ILE C 80 0.11 -7.84 8.88
CA ILE C 80 0.49 -6.46 9.22
C ILE C 80 1.43 -6.46 10.43
N GLU C 81 1.11 -7.26 11.45
CA GLU C 81 1.92 -7.38 12.67
C GLU C 81 3.31 -7.94 12.36
N VAL C 82 3.36 -8.99 11.55
CA VAL C 82 4.64 -9.54 11.06
C VAL C 82 5.48 -8.42 10.39
N ARG C 83 4.83 -7.58 9.57
CA ARG C 83 5.53 -6.44 8.92
C ARG C 83 6.07 -5.44 9.93
N LEU C 84 5.23 -5.07 10.92
CA LEU C 84 5.66 -4.21 12.03
C LEU C 84 6.82 -4.80 12.83
N LEU C 85 6.67 -6.06 13.25
CA LEU C 85 7.68 -6.77 14.05
C LEU C 85 9.02 -6.92 13.33
N GLU C 86 8.99 -7.34 12.08
CA GLU C 86 10.21 -7.47 11.26
C GLU C 86 10.92 -6.14 11.01
N LEU C 87 10.17 -5.04 11.02
CA LEU C 87 10.74 -3.70 10.93
C LEU C 87 11.54 -3.32 12.18
N MET C 88 11.05 -3.71 13.36
CA MET C 88 11.74 -3.46 14.63
C MET C 88 13.06 -4.24 14.77
N ASN C 89 13.14 -5.41 14.15
CA ASN C 89 14.40 -6.18 14.10
C ASN C 89 15.48 -5.46 13.29
N LYS C 90 15.07 -4.77 12.23
CA LYS C 90 15.97 -3.96 11.41
C LYS C 90 16.81 -2.96 12.23
N HIS C 91 16.17 -2.29 13.19
CA HIS C 91 16.84 -1.22 13.94
C HIS C 91 17.86 -1.76 14.95
N ASP C 92 19.10 -1.32 14.78
CA ASP C 92 20.24 -1.78 15.57
C ASP C 92 20.33 -0.98 16.88
N THR C 93 19.66 -1.49 17.92
CA THR C 93 19.73 -0.90 19.26
C THR C 93 19.24 -1.88 20.33
N GLU C 94 19.73 -1.67 21.55
CA GLU C 94 19.32 -2.44 22.74
C GLU C 94 17.96 -2.02 23.30
N MET C 95 17.44 -0.88 22.85
CA MET C 95 16.07 -0.46 23.16
C MET C 95 15.03 -1.39 22.49
N LYS C 96 15.44 -2.11 21.45
CA LYS C 96 14.64 -3.18 20.83
C LYS C 96 14.29 -4.34 21.76
N TYR C 97 15.12 -4.57 22.79
CA TYR C 97 15.00 -5.76 23.65
C TYR C 97 14.06 -5.62 24.86
N TYR C 98 13.22 -4.57 24.89
CA TYR C 98 12.10 -4.50 25.83
C TYR C 98 10.76 -4.67 25.09
N ILE C 99 10.82 -5.31 23.92
CA ILE C 99 9.66 -5.74 23.15
C ILE C 99 9.89 -7.21 22.81
N VAL C 100 8.85 -8.03 22.96
CA VAL C 100 8.91 -9.47 22.64
C VAL C 100 9.51 -9.69 21.27
N HIS C 101 10.33 -10.73 21.11
CA HIS C 101 10.99 -10.99 19.84
C HIS C 101 10.22 -12.01 19.01
N LEU C 102 10.01 -11.69 17.72
CA LEU C 102 9.51 -12.65 16.73
C LEU C 102 10.72 -13.33 16.10
N LYS C 103 10.73 -14.66 16.15
CA LYS C 103 11.86 -15.48 15.69
C LYS C 103 11.70 -15.86 14.22
N ARG C 104 10.52 -16.37 13.89
CA ARG C 104 10.18 -16.76 12.54
C ARG C 104 8.68 -16.89 12.46
N HIS C 105 8.18 -17.09 11.25
CA HIS C 105 6.78 -17.43 11.03
C HIS C 105 6.73 -18.49 9.93
N PHE C 106 5.60 -19.18 9.87
CA PHE C 106 5.38 -20.20 8.86
C PHE C 106 3.91 -20.54 8.78
N MET C 107 3.50 -21.02 7.61
CA MET C 107 2.16 -21.58 7.45
C MET C 107 2.17 -23.01 7.96
N PHE C 108 1.01 -23.46 8.41
CA PHE C 108 0.86 -24.82 8.90
C PHE C 108 -0.60 -25.24 8.89
N ARG C 109 -0.94 -26.16 7.98
CA ARG C 109 -2.31 -26.62 7.79
C ARG C 109 -3.30 -25.43 7.69
N ASN C 110 -2.91 -24.42 6.90
CA ASN C 110 -3.72 -23.23 6.56
C ASN C 110 -3.83 -22.14 7.65
N HIS C 111 -2.97 -22.18 8.66
CA HIS C 111 -2.92 -21.15 9.69
C HIS C 111 -1.55 -20.50 9.65
N LEU C 112 -1.49 -19.17 9.82
CA LEU C 112 -0.22 -18.49 10.06
C LEU C 112 0.23 -18.70 11.52
N CYS C 113 1.50 -19.06 11.70
CA CYS C 113 2.06 -19.32 13.04
C CYS C 113 3.24 -18.41 13.25
N LEU C 114 3.19 -17.61 14.32
CA LEU C 114 4.27 -16.69 14.67
C LEU C 114 4.98 -17.22 15.91
N VAL C 115 6.27 -17.52 15.77
CA VAL C 115 7.06 -18.06 16.87
C VAL C 115 7.75 -16.92 17.65
N PHE C 116 7.40 -16.77 18.93
CA PHE C 116 8.01 -15.75 19.81
C PHE C 116 8.91 -16.37 20.88
N GLU C 117 9.81 -15.56 21.43
CA GLU C 117 10.56 -15.99 22.63
C GLU C 117 9.57 -16.19 23.77
N MET C 118 9.74 -17.31 24.48
CA MET C 118 8.87 -17.68 25.59
C MET C 118 9.23 -16.86 26.82
N LEU C 119 8.22 -16.26 27.45
CA LEU C 119 8.36 -15.55 28.72
C LEU C 119 7.39 -16.16 29.74
N SER C 120 7.57 -15.83 31.01
CA SER C 120 6.86 -16.54 32.09
C SER C 120 5.36 -16.25 32.15
N TYR C 121 4.98 -14.99 32.29
CA TYR C 121 3.55 -14.62 32.41
C TYR C 121 3.29 -13.12 32.27
N ASN C 122 2.01 -12.76 32.07
CA ASN C 122 1.60 -11.37 31.91
C ASN C 122 1.42 -10.67 33.27
N LEU C 123 1.49 -9.34 33.26
CA LEU C 123 1.49 -8.57 34.51
C LEU C 123 0.14 -8.50 35.23
N TYR C 124 -0.95 -8.93 34.59
CA TYR C 124 -2.21 -9.17 35.32
C TYR C 124 -2.10 -10.42 36.20
N ASP C 125 -1.36 -11.44 35.75
CA ASP C 125 -1.05 -12.60 36.59
C ASP C 125 -0.19 -12.17 37.77
N LEU C 126 0.80 -11.32 37.50
CA LEU C 126 1.63 -10.74 38.56
C LEU C 126 0.81 -9.91 39.56
N LEU C 127 -0.22 -9.23 39.06
CA LEU C 127 -1.19 -8.54 39.91
C LEU C 127 -2.04 -9.49 40.77
N ARG C 128 -2.52 -10.57 40.16
CA ARG C 128 -3.30 -11.59 40.87
C ARG C 128 -2.43 -12.35 41.88
N ASN C 129 -1.25 -12.77 41.45
CA ASN C 129 -0.29 -13.49 42.29
C ASN C 129 0.01 -12.71 43.57
N THR C 130 0.23 -11.40 43.44
CA THR C 130 0.43 -10.50 44.59
C THR C 130 -0.89 -9.98 45.21
N ASN C 131 -2.01 -10.65 44.90
CA ASN C 131 -3.29 -10.54 45.63
C ASN C 131 -3.97 -9.16 45.56
N PHE C 132 -3.73 -8.45 44.45
CA PHE C 132 -4.32 -7.12 44.19
C PHE C 132 -3.96 -6.07 45.24
N ARG C 133 -2.75 -6.19 45.79
CA ARG C 133 -2.20 -5.21 46.74
C ARG C 133 -0.91 -4.56 46.25
N GLY C 134 -0.49 -4.89 45.03
CA GLY C 134 0.60 -4.20 44.37
C GLY C 134 1.97 -4.67 44.79
N VAL C 135 2.89 -4.64 43.82
CA VAL C 135 4.30 -4.91 44.04
C VAL C 135 5.00 -3.67 44.59
N SER C 136 6.28 -3.83 44.95
CA SER C 136 7.14 -2.77 45.47
C SER C 136 7.18 -1.51 44.60
N LEU C 137 7.58 -0.41 45.22
CA LEU C 137 7.81 0.85 44.51
C LEU C 137 9.17 0.78 43.81
N ASN C 138 10.11 0.03 44.39
CA ASN C 138 11.41 -0.25 43.76
C ASN C 138 11.29 -1.09 42.49
N LEU C 139 10.31 -2.01 42.47
CA LEU C 139 10.03 -2.84 41.29
C LEU C 139 9.22 -2.05 40.27
N THR C 140 8.13 -1.42 40.74
CA THR C 140 7.31 -0.50 39.93
C THR C 140 8.20 0.49 39.17
N ARG C 141 9.22 1.00 39.86
CA ARG C 141 10.23 1.87 39.26
C ARG C 141 10.95 1.24 38.07
N LYS C 142 11.41 0.00 38.25
CA LYS C 142 12.14 -0.70 37.18
C LYS C 142 11.27 -1.01 35.97
N PHE C 143 10.01 -1.40 36.19
CA PHE C 143 9.05 -1.54 35.10
C PHE C 143 8.88 -0.22 34.35
N ALA C 144 8.63 0.86 35.10
CA ALA C 144 8.46 2.20 34.55
C ALA C 144 9.63 2.65 33.69
N GLN C 145 10.85 2.42 34.17
CA GLN C 145 12.06 2.73 33.41
C GLN C 145 12.11 1.96 32.08
N GLN C 146 11.79 0.67 32.14
CA GLN C 146 11.82 -0.18 30.94
C GLN C 146 10.74 0.19 29.93
N MET C 147 9.52 0.41 30.40
CA MET C 147 8.40 0.79 29.54
C MET C 147 8.61 2.16 28.86
N CYS C 148 9.15 3.11 29.61
CA CYS C 148 9.56 4.40 29.03
C CYS C 148 10.66 4.23 27.97
N THR C 149 11.55 3.27 28.17
CA THR C 149 12.57 2.92 27.18
C THR C 149 11.94 2.27 25.93
N ALA C 150 10.93 1.43 26.15
CA ALA C 150 10.19 0.81 25.05
C ALA C 150 9.42 1.84 24.20
N LEU C 151 8.79 2.81 24.87
CA LEU C 151 8.07 3.88 24.16
C LEU C 151 8.98 4.83 23.38
N LEU C 152 10.23 4.99 23.82
CA LEU C 152 11.22 5.79 23.08
C LEU C 152 11.59 5.11 21.76
N PHE C 153 11.90 3.81 21.87
CA PHE C 153 12.15 2.96 20.70
C PHE C 153 10.98 3.01 19.72
N LEU C 154 9.76 2.84 20.24
CA LEU C 154 8.54 2.94 19.43
C LEU C 154 8.45 4.30 18.71
N ALA C 155 8.76 5.38 19.43
CA ALA C 155 8.72 6.75 18.88
C ALA C 155 9.94 7.16 18.04
N THR C 156 10.76 6.20 17.61
CA THR C 156 11.78 6.44 16.59
C THR C 156 11.05 6.81 15.29
N PRO C 157 11.47 7.89 14.59
CA PRO C 157 10.64 8.50 13.53
C PRO C 157 10.18 7.55 12.41
N GLU C 158 11.10 6.76 11.86
CA GLU C 158 10.79 5.82 10.77
C GLU C 158 10.03 4.56 11.24
N LEU C 159 9.79 4.45 12.54
CA LEU C 159 8.78 3.54 13.07
C LEU C 159 7.49 4.30 13.35
N SER C 160 7.58 5.28 14.25
CA SER C 160 6.41 6.04 14.77
C SER C 160 5.22 5.12 15.05
N ILE C 161 5.45 4.11 15.90
CA ILE C 161 4.45 3.08 16.18
C ILE C 161 3.68 3.34 17.47
N ILE C 162 2.36 3.26 17.35
CA ILE C 162 1.44 3.33 18.47
C ILE C 162 1.01 1.89 18.75
N HIS C 163 1.22 1.44 19.99
CA HIS C 163 0.80 0.10 20.39
C HIS C 163 -0.74 -0.02 20.40
N CYS C 164 -1.41 1.08 20.78
CA CYS C 164 -2.89 1.24 20.68
C CYS C 164 -3.69 0.30 21.64
N ASP C 165 -3.00 -0.42 22.54
CA ASP C 165 -3.66 -1.29 23.53
C ASP C 165 -2.73 -1.71 24.70
N LEU C 166 -1.98 -0.76 25.25
CA LEU C 166 -1.13 -1.05 26.42
C LEU C 166 -2.00 -1.31 27.64
N LYS C 167 -1.78 -2.44 28.29
CA LYS C 167 -2.49 -2.85 29.49
C LYS C 167 -1.64 -3.94 30.18
N PRO C 168 -1.92 -4.23 31.48
CA PRO C 168 -1.09 -5.21 32.22
C PRO C 168 -0.89 -6.55 31.52
N GLU C 169 -1.96 -7.13 30.98
CA GLU C 169 -1.85 -8.43 30.30
C GLU C 169 -1.12 -8.42 28.95
N ASN C 170 -0.84 -7.23 28.41
CA ASN C 170 0.08 -7.06 27.27
C ASN C 170 1.50 -6.62 27.67
N ILE C 171 1.88 -6.82 28.92
CA ILE C 171 3.27 -6.68 29.36
C ILE C 171 3.66 -8.01 30.01
N LEU C 172 4.80 -8.56 29.59
CA LEU C 172 5.22 -9.91 30.00
C LEU C 172 6.44 -9.88 30.93
N LEU C 173 6.49 -10.87 31.82
CA LEU C 173 7.57 -11.04 32.78
C LEU C 173 8.43 -12.21 32.32
N CYS C 174 9.75 -11.98 32.19
CA CYS C 174 10.68 -13.01 31.71
C CYS C 174 10.83 -14.20 32.64
N ASN C 175 11.21 -13.91 33.88
CA ASN C 175 11.66 -14.90 34.86
C ASN C 175 11.03 -14.54 36.22
N PRO C 176 10.37 -15.50 36.91
CA PRO C 176 9.66 -15.17 38.16
C PRO C 176 10.53 -14.61 39.31
N LYS C 177 11.85 -14.72 39.21
CA LYS C 177 12.78 -14.13 40.19
C LYS C 177 13.46 -12.84 39.73
N ARG C 178 13.16 -12.37 38.51
CA ARG C 178 13.90 -11.25 37.88
C ARG C 178 13.00 -10.05 37.54
N SER C 179 13.65 -8.95 37.15
CA SER C 179 13.01 -7.65 36.96
C SER C 179 12.58 -7.35 35.51
N ALA C 180 13.10 -8.12 34.55
CA ALA C 180 12.98 -7.79 33.14
C ALA C 180 11.56 -7.93 32.61
N ILE C 181 11.11 -6.90 31.87
CA ILE C 181 9.81 -6.97 31.17
C ILE C 181 9.94 -6.70 29.67
N LYS C 182 8.89 -7.05 28.95
CA LYS C 182 8.82 -6.91 27.49
C LYS C 182 7.38 -6.58 27.07
N ILE C 183 7.23 -5.71 26.07
CA ILE C 183 5.92 -5.41 25.47
C ILE C 183 5.57 -6.49 24.44
N VAL C 184 4.28 -6.86 24.40
CA VAL C 184 3.80 -7.96 23.56
C VAL C 184 2.50 -7.59 22.83
N ASP C 185 2.25 -8.30 21.73
CA ASP C 185 0.97 -8.30 21.02
C ASP C 185 0.70 -6.96 20.34
N PHE C 186 1.24 -6.82 19.13
CA PHE C 186 1.06 -5.64 18.29
C PHE C 186 -0.04 -5.80 17.23
N GLY C 187 -0.96 -6.75 17.41
CA GLY C 187 -2.02 -7.01 16.43
C GLY C 187 -3.03 -5.88 16.23
N SER C 188 -3.24 -5.07 17.27
CA SER C 188 -4.06 -3.87 17.20
C SER C 188 -3.22 -2.59 17.03
N SER C 189 -1.93 -2.70 16.73
CA SER C 189 -1.03 -1.54 16.77
C SER C 189 -1.16 -0.68 15.52
N CYS C 190 -1.14 0.63 15.75
CA CYS C 190 -1.36 1.65 14.73
C CYS C 190 0.00 2.27 14.39
N GLN C 191 0.37 2.31 13.10
CA GLN C 191 1.49 3.18 12.69
C GLN C 191 0.97 4.61 12.62
N LEU C 192 1.80 5.58 13.04
CA LEU C 192 1.38 6.99 13.09
C LEU C 192 0.84 7.40 11.73
N GLY C 193 -0.31 8.04 11.75
CA GLY C 193 -0.95 8.47 10.52
C GLY C 193 -2.26 9.19 10.77
N GLN C 194 -3.10 9.24 9.73
CA GLN C 194 -4.35 10.00 9.80
C GLN C 194 -5.46 9.13 10.39
N ARG C 195 -6.45 9.80 11.00
CA ARG C 195 -7.47 9.14 11.83
C ARG C 195 -8.40 8.21 11.03
N ILE C 196 -8.04 6.93 11.01
CA ILE C 196 -8.87 5.87 10.44
C ILE C 196 -9.84 5.33 11.49
N TYR C 197 -9.29 5.06 12.68
CA TYR C 197 -10.00 4.41 13.81
C TYR C 197 -10.19 5.40 14.95
N GLN C 198 -11.32 5.29 15.65
CA GLN C 198 -11.62 6.13 16.82
C GLN C 198 -11.89 5.34 18.12
N PTR C 199 -12.60 4.21 18.04
CA PTR C 199 -12.86 3.36 19.22
C PTR C 199 -11.70 2.40 19.40
O PTR C 199 -11.72 1.30 18.84
CB PTR C 199 -14.19 2.64 19.02
CG PTR C 199 -14.69 1.84 20.21
CD1 PTR C 199 -15.29 2.48 21.30
CD2 PTR C 199 -14.58 0.45 20.22
CE1 PTR C 199 -15.78 1.73 22.39
CE2 PTR C 199 -15.06 -0.29 21.30
CZ PTR C 199 -15.65 0.33 22.40
OH PTR C 199 -16.14 -0.44 23.43
P PTR C 199 -15.69 -0.45 24.98
O1P PTR C 199 -16.06 0.92 25.48
O2P PTR C 199 -16.55 -1.57 25.55
O3P PTR C 199 -14.21 -0.74 24.94
N ILE C 200 -10.71 2.81 20.18
CA ILE C 200 -9.45 2.07 20.36
C ILE C 200 -9.08 1.96 21.85
N GLN C 201 -8.03 1.20 22.14
CA GLN C 201 -7.52 0.97 23.50
C GLN C 201 -8.49 0.15 24.39
N SER C 202 -7.93 -0.51 25.41
CA SER C 202 -8.76 -1.14 26.43
C SER C 202 -9.36 -0.02 27.27
N ARG C 203 -10.63 -0.18 27.66
CA ARG C 203 -11.41 0.92 28.25
C ARG C 203 -10.80 1.52 29.52
N PHE C 204 -10.21 0.70 30.37
CA PHE C 204 -9.61 1.15 31.64
C PHE C 204 -8.42 2.11 31.48
N TYR C 205 -7.72 2.02 30.36
CA TYR C 205 -6.50 2.78 30.09
C TYR C 205 -6.67 3.73 28.89
N ARG C 206 -7.93 4.05 28.58
CA ARG C 206 -8.28 4.87 27.42
C ARG C 206 -7.99 6.35 27.69
N SER C 207 -7.26 6.98 26.78
CA SER C 207 -6.83 8.37 26.91
C SER C 207 -7.98 9.38 26.65
N PRO C 208 -7.81 10.66 27.07
CA PRO C 208 -8.88 11.66 26.86
C PRO C 208 -9.02 12.06 25.38
N GLU C 209 -7.88 12.29 24.73
CA GLU C 209 -7.73 12.29 23.27
C GLU C 209 -8.78 11.42 22.56
N VAL C 210 -8.85 10.15 22.94
CA VAL C 210 -9.73 9.17 22.30
C VAL C 210 -11.16 9.27 22.81
N LEU C 211 -11.33 9.42 24.12
CA LEU C 211 -12.66 9.66 24.71
C LEU C 211 -13.38 10.86 24.10
N LEU C 212 -12.63 11.94 23.87
CA LEU C 212 -13.17 13.17 23.28
C LEU C 212 -13.35 13.15 21.75
N GLY C 213 -12.88 12.09 21.09
CA GLY C 213 -13.00 11.94 19.63
C GLY C 213 -12.08 12.86 18.86
N MET C 214 -10.90 13.15 19.43
CA MET C 214 -10.00 14.17 18.91
C MET C 214 -8.84 13.55 18.10
N PRO C 215 -7.98 14.40 17.49
CA PRO C 215 -6.77 13.84 16.88
C PRO C 215 -5.82 13.28 17.94
N TYR C 216 -5.30 12.08 17.68
CA TYR C 216 -4.41 11.40 18.61
C TYR C 216 -3.11 10.96 17.93
N ASP C 217 -2.15 10.57 18.76
CA ASP C 217 -0.82 10.20 18.29
C ASP C 217 -0.14 9.31 19.34
N LEU C 218 1.17 9.09 19.23
CA LEU C 218 1.94 8.21 20.12
C LEU C 218 1.80 8.53 21.61
N ALA C 219 1.44 9.77 21.94
CA ALA C 219 1.18 10.20 23.31
C ALA C 219 0.15 9.35 24.10
N ILE C 220 -0.85 8.77 23.43
CA ILE C 220 -1.90 7.98 24.12
C ILE C 220 -1.35 6.76 24.88
N ASP C 221 -0.26 6.19 24.38
CA ASP C 221 0.43 5.09 25.07
C ASP C 221 1.09 5.53 26.39
N MET C 222 1.61 6.76 26.44
CA MET C 222 2.16 7.31 27.68
C MET C 222 1.07 7.45 28.76
N TRP C 223 -0.09 7.95 28.36
CA TRP C 223 -1.26 8.01 29.25
C TRP C 223 -1.57 6.63 29.80
N SER C 224 -1.70 5.67 28.89
CA SER C 224 -1.95 4.27 29.23
C SER C 224 -0.93 3.69 30.22
N LEU C 225 0.34 4.05 30.07
CA LEU C 225 1.39 3.65 31.01
C LEU C 225 1.15 4.21 32.41
N GLY C 226 0.92 5.53 32.49
CA GLY C 226 0.64 6.20 33.77
C GLY C 226 -0.43 5.48 34.59
N CYS C 227 -1.49 5.06 33.91
CA CYS C 227 -2.55 4.26 34.51
C CYS C 227 -2.04 2.91 35.02
N ILE C 228 -1.23 2.23 34.20
CA ILE C 228 -0.65 0.92 34.53
C ILE C 228 0.30 1.00 35.74
N LEU C 229 1.20 1.97 35.74
CA LEU C 229 2.20 2.11 36.80
C LEU C 229 1.57 2.32 38.18
N VAL C 230 0.54 3.15 38.25
CA VAL C 230 -0.23 3.31 39.49
C VAL C 230 -0.95 1.99 39.83
N GLU C 231 -1.58 1.36 38.85
CA GLU C 231 -2.21 0.06 39.05
C GLU C 231 -1.23 -1.02 39.57
N MET C 232 0.03 -0.97 39.15
CA MET C 232 1.03 -1.93 39.61
C MET C 232 1.41 -1.80 41.09
N HIS C 233 1.34 -0.58 41.64
CA HIS C 233 1.69 -0.34 43.04
C HIS C 233 0.49 -0.37 43.98
N THR C 234 -0.66 0.10 43.50
CA THR C 234 -1.93 -0.03 44.23
C THR C 234 -2.43 -1.47 44.22
N GLY C 235 -2.37 -2.10 43.04
CA GLY C 235 -2.89 -3.44 42.82
C GLY C 235 -4.25 -3.51 42.13
N GLU C 236 -4.94 -2.37 42.03
CA GLU C 236 -6.29 -2.30 41.45
C GLU C 236 -6.33 -1.29 40.29
N PRO C 237 -7.22 -1.52 39.31
CA PRO C 237 -7.36 -0.58 38.20
C PRO C 237 -7.70 0.82 38.69
N LEU C 238 -6.94 1.81 38.24
CA LEU C 238 -7.13 3.20 38.66
C LEU C 238 -8.48 3.73 38.19
N PHE C 239 -8.71 3.65 36.88
CA PHE C 239 -9.94 4.14 36.24
C PHE C 239 -10.74 2.96 35.69
N SER C 240 -11.59 2.37 36.53
CA SER C 240 -12.31 1.14 36.19
C SER C 240 -13.75 1.42 35.78
N GLY C 241 -13.89 2.22 34.72
CA GLY C 241 -15.19 2.55 34.17
C GLY C 241 -15.81 1.38 33.42
N ALA C 242 -17.07 1.07 33.75
CA ALA C 242 -17.85 0.05 33.03
C ALA C 242 -18.52 0.62 31.77
N ASN C 243 -18.59 1.94 31.67
CA ASN C 243 -18.99 2.66 30.45
C ASN C 243 -17.88 3.64 30.08
N GLU C 244 -17.99 4.24 28.89
CA GLU C 244 -17.15 5.38 28.51
C GLU C 244 -17.47 6.59 29.39
N VAL C 245 -18.76 6.83 29.62
CA VAL C 245 -19.22 7.95 30.45
C VAL C 245 -18.73 7.83 31.90
N ASP C 246 -18.72 6.62 32.45
CA ASP C 246 -18.15 6.35 33.77
C ASP C 246 -16.63 6.57 33.76
N GLN C 247 -15.97 6.06 32.71
CA GLN C 247 -14.52 6.15 32.57
C GLN C 247 -14.01 7.59 32.62
N MET C 248 -14.59 8.45 31.78
CA MET C 248 -14.23 9.88 31.74
C MET C 248 -14.48 10.55 33.09
N ASN C 249 -15.56 10.17 33.75
CA ASN C 249 -15.93 10.75 35.03
C ASN C 249 -14.91 10.38 36.12
N LYS C 250 -14.38 9.16 36.08
CA LYS C 250 -13.33 8.73 37.03
C LYS C 250 -12.00 9.45 36.82
N ILE C 251 -11.71 9.84 35.58
CA ILE C 251 -10.49 10.58 35.25
C ILE C 251 -10.51 11.98 35.87
N VAL C 252 -11.65 12.66 35.76
CA VAL C 252 -11.80 14.04 36.26
C VAL C 252 -11.83 14.14 37.79
N GLU C 253 -12.29 13.08 38.47
CA GLU C 253 -12.17 12.98 39.94
C GLU C 253 -10.75 13.25 40.43
N VAL C 254 -9.77 12.70 39.71
CA VAL C 254 -8.35 12.87 40.04
C VAL C 254 -7.78 14.18 39.47
N LEU C 255 -8.01 14.41 38.18
CA LEU C 255 -7.31 15.47 37.45
C LEU C 255 -8.13 16.76 37.23
N GLY C 256 -9.36 16.79 37.76
CA GLY C 256 -10.27 17.93 37.55
C GLY C 256 -10.88 17.93 36.16
N ILE C 257 -11.65 18.97 35.86
CA ILE C 257 -12.26 19.14 34.53
C ILE C 257 -11.13 19.53 33.56
N PRO C 258 -11.09 18.91 32.36
CA PRO C 258 -9.99 19.24 31.45
C PRO C 258 -10.03 20.70 30.96
N PRO C 259 -8.88 21.26 30.55
CA PRO C 259 -8.83 22.66 30.10
C PRO C 259 -9.80 23.00 28.95
N ALA C 260 -10.21 24.26 28.91
CA ALA C 260 -11.29 24.71 28.01
C ALA C 260 -10.93 24.61 26.54
N HIS C 261 -9.70 24.98 26.18
CA HIS C 261 -9.26 24.99 24.77
C HIS C 261 -9.33 23.60 24.12
N ILE C 262 -9.18 22.55 24.92
CA ILE C 262 -9.35 21.17 24.47
C ILE C 262 -10.83 20.77 24.36
N LEU C 263 -11.66 21.21 25.30
CA LEU C 263 -13.13 20.98 25.22
C LEU C 263 -13.81 21.80 24.12
N ASP C 264 -13.30 23.01 23.88
CA ASP C 264 -13.73 23.84 22.73
C ASP C 264 -13.54 23.11 21.39
N GLN C 265 -12.50 22.29 21.29
CA GLN C 265 -12.22 21.47 20.11
C GLN C 265 -12.59 19.98 20.27
N ALA C 266 -13.60 19.70 21.11
CA ALA C 266 -14.04 18.32 21.35
C ALA C 266 -15.34 18.05 20.59
N PRO C 267 -15.32 17.11 19.62
CA PRO C 267 -16.56 16.65 18.99
C PRO C 267 -17.60 16.04 19.95
N LYS C 268 -17.15 15.23 20.90
CA LYS C 268 -18.05 14.55 21.85
C LYS C 268 -18.01 15.15 23.26
N ALA C 269 -18.11 16.48 23.33
CA ALA C 269 -18.17 17.20 24.62
C ALA C 269 -19.51 16.93 25.33
N ARG C 270 -20.61 17.05 24.59
CA ARG C 270 -21.97 16.83 25.12
C ARG C 270 -22.20 15.47 25.79
N LYS C 271 -21.45 14.45 25.37
CA LYS C 271 -21.50 13.13 26.02
C LYS C 271 -21.03 13.14 27.49
N PHE C 272 -20.16 14.09 27.85
CA PHE C 272 -19.65 14.23 29.22
C PHE C 272 -19.92 15.62 29.81
N PHE C 273 -19.44 16.66 29.12
CA PHE C 273 -19.51 18.04 29.61
C PHE C 273 -20.61 18.82 28.91
N TRP C 281 -16.68 25.52 31.34
CA TRP C 281 -17.04 24.13 31.08
C TRP C 281 -17.33 23.35 32.36
N ASN C 282 -18.55 22.81 32.47
CA ASN C 282 -19.01 22.04 33.62
C ASN C 282 -19.44 20.63 33.23
N LEU C 283 -19.62 19.78 34.24
CA LEU C 283 -19.86 18.34 34.06
C LEU C 283 -21.35 18.01 34.04
N LYS C 284 -21.75 17.13 33.12
CA LYS C 284 -23.12 16.58 33.07
C LYS C 284 -23.25 15.36 33.98
N LYS C 285 -24.44 14.77 34.04
CA LYS C 285 -24.70 13.56 34.84
C LYS C 285 -24.00 12.34 34.22
N ARG C 291 -22.56 4.41 40.19
CA ARG C 291 -23.78 5.21 40.42
C ARG C 291 -23.61 6.30 41.50
N GLU C 292 -22.43 6.93 41.58
CA GLU C 292 -22.17 8.02 42.54
C GLU C 292 -20.84 8.70 42.22
N TYR C 293 -20.71 10.02 42.46
CA TYR C 293 -19.48 10.75 42.05
C TYR C 293 -18.99 11.81 43.04
N LYS C 294 -17.69 11.77 43.31
CA LYS C 294 -17.00 12.79 44.10
C LYS C 294 -16.75 14.03 43.22
N PRO C 295 -16.49 15.20 43.85
CA PRO C 295 -16.27 16.42 43.05
C PRO C 295 -14.95 16.42 42.25
N PRO C 296 -14.84 17.29 41.21
CA PRO C 296 -13.63 17.32 40.38
C PRO C 296 -12.38 17.83 41.11
N GLY C 297 -11.29 17.07 41.01
CA GLY C 297 -10.01 17.41 41.64
C GLY C 297 -9.80 16.93 43.08
N THR C 298 -10.79 16.24 43.65
CA THR C 298 -10.80 15.88 45.09
C THR C 298 -10.14 14.55 45.41
N ARG C 299 -10.31 13.58 44.49
CA ARG C 299 -9.78 12.23 44.67
C ARG C 299 -8.30 12.34 44.31
N LYS C 300 -7.49 12.61 45.34
CA LYS C 300 -6.11 13.04 45.11
C LYS C 300 -5.20 11.85 44.81
N LEU C 301 -4.31 12.03 43.82
CA LEU C 301 -3.25 11.06 43.54
C LEU C 301 -2.36 10.85 44.76
N HIS C 302 -2.10 11.94 45.50
CA HIS C 302 -1.34 11.91 46.75
C HIS C 302 -1.94 10.96 47.80
N ASN C 303 -3.27 10.94 47.90
CA ASN C 303 -3.98 10.13 48.90
C ASN C 303 -4.15 8.67 48.48
N ILE C 304 -4.57 8.44 47.25
CA ILE C 304 -4.79 7.08 46.74
C ILE C 304 -3.48 6.26 46.68
N LEU C 305 -2.37 6.94 46.37
CA LEU C 305 -1.04 6.34 46.49
C LEU C 305 -0.57 6.28 47.95
N GLY C 306 -0.93 7.29 48.75
CA GLY C 306 -0.60 7.31 50.18
C GLY C 306 0.84 7.72 50.38
N VAL C 307 1.11 9.00 50.13
CA VAL C 307 2.47 9.55 50.18
C VAL C 307 2.90 9.72 51.65
N GLU C 308 2.09 10.42 52.43
CA GLU C 308 2.35 10.70 53.84
C GLU C 308 1.98 9.53 54.78
N THR C 309 1.03 8.69 54.33
CA THR C 309 0.82 7.34 54.90
C THR C 309 1.97 6.45 54.41
N GLY C 310 2.16 5.29 55.03
CA GLY C 310 3.10 4.28 54.52
C GLY C 310 2.60 3.54 53.30
N GLY C 311 2.57 4.23 52.17
CA GLY C 311 2.12 3.66 50.90
C GLY C 311 0.64 3.33 50.82
N PRO C 312 0.21 2.63 49.74
CA PRO C 312 -1.20 2.27 49.60
C PRO C 312 -1.67 1.26 50.66
N GLY C 313 -2.70 1.64 51.42
CA GLY C 313 -3.24 0.82 52.50
C GLY C 313 -2.42 0.76 53.78
N GLY C 314 -1.40 1.61 53.89
CA GLY C 314 -0.48 1.56 55.03
C GLY C 314 0.31 0.27 55.15
N ARG C 315 0.50 -0.44 54.04
CA ARG C 315 1.21 -1.72 54.02
C ARG C 315 2.71 -1.54 53.79
N ARG C 316 3.10 -0.36 53.30
CA ARG C 316 4.51 -0.01 53.12
C ARG C 316 5.07 0.84 54.27
N ALA C 317 4.34 0.95 55.38
CA ALA C 317 4.78 1.74 56.55
C ALA C 317 5.92 1.04 57.28
N GLY C 318 7.15 1.50 57.02
CA GLY C 318 8.35 0.90 57.56
C GLY C 318 8.96 -0.08 56.58
N GLU C 319 9.29 0.43 55.40
CA GLU C 319 9.89 -0.36 54.32
C GLU C 319 10.82 0.53 53.48
N SER C 320 11.98 -0.02 53.12
CA SER C 320 13.01 0.75 52.41
C SER C 320 12.60 1.05 50.96
N GLY C 321 12.88 2.28 50.52
CA GLY C 321 12.47 2.77 49.19
C GLY C 321 10.99 3.09 49.12
N HIS C 322 10.44 3.62 50.23
CA HIS C 322 9.04 4.06 50.31
C HIS C 322 8.92 5.34 51.16
N THR C 323 9.91 6.22 51.07
CA THR C 323 9.90 7.47 51.83
C THR C 323 8.92 8.47 51.21
N VAL C 324 8.66 9.56 51.92
CA VAL C 324 7.75 10.62 51.45
C VAL C 324 8.34 11.32 50.22
N ALA C 325 9.67 11.49 50.19
CA ALA C 325 10.39 12.04 49.03
C ALA C 325 10.36 11.10 47.82
N ASP C 326 10.54 9.80 48.07
CA ASP C 326 10.39 8.76 47.04
C ASP C 326 9.01 8.85 46.37
N TYR C 327 7.97 8.94 47.19
CA TYR C 327 6.58 9.05 46.70
C TYR C 327 6.25 10.37 45.99
N LEU C 328 6.89 11.48 46.39
CA LEU C 328 6.73 12.76 45.69
C LEU C 328 7.29 12.69 44.28
N LYS C 329 8.49 12.15 44.15
CA LYS C 329 9.16 11.99 42.85
C LYS C 329 8.42 11.06 41.87
N PHE C 330 7.72 10.07 42.42
CA PHE C 330 6.93 9.12 41.62
C PHE C 330 5.65 9.78 41.10
N LYS C 331 4.84 10.30 42.03
CA LYS C 331 3.56 10.94 41.72
C LYS C 331 3.68 12.09 40.71
N ASP C 332 4.80 12.82 40.80
CA ASP C 332 5.11 13.90 39.88
C ASP C 332 5.31 13.38 38.44
N LEU C 333 6.00 12.25 38.28
CA LEU C 333 6.14 11.62 36.97
C LEU C 333 4.79 11.16 36.44
N ILE C 334 3.99 10.54 37.30
CA ILE C 334 2.64 10.09 36.95
C ILE C 334 1.78 11.29 36.51
N LEU C 335 1.87 12.40 37.23
CA LEU C 335 1.14 13.62 36.86
C LEU C 335 1.55 14.16 35.48
N ARG C 336 2.84 14.10 35.15
CA ARG C 336 3.31 14.52 33.83
C ARG C 336 2.85 13.54 32.73
N MET C 337 2.86 12.25 33.06
CA MET C 337 2.33 11.21 32.16
C MET C 337 0.84 11.35 31.87
N LEU C 338 0.08 11.89 32.83
CA LEU C 338 -1.36 12.12 32.68
C LEU C 338 -1.73 13.61 32.44
N ASP C 339 -0.91 14.28 31.62
CA ASP C 339 -1.19 15.62 31.11
C ASP C 339 -2.33 15.51 30.10
N TYR C 340 -3.36 16.34 30.29
CA TYR C 340 -4.49 16.38 29.35
C TYR C 340 -4.07 16.81 27.94
N ASP C 341 -3.17 17.78 27.85
CA ASP C 341 -2.66 18.27 26.56
C ASP C 341 -1.65 17.26 26.01
N PRO C 342 -1.96 16.66 24.84
CA PRO C 342 -0.98 15.72 24.25
C PRO C 342 0.31 16.38 23.77
N LYS C 343 0.25 17.67 23.43
CA LYS C 343 1.42 18.43 22.99
C LYS C 343 2.44 18.68 24.11
N THR C 344 1.97 18.80 25.37
CA THR C 344 2.84 19.01 26.53
C THR C 344 3.02 17.77 27.41
N ARG C 345 2.32 16.68 27.11
CA ARG C 345 2.50 15.41 27.82
C ARG C 345 3.93 14.91 27.68
N ILE C 346 4.44 14.29 28.76
CA ILE C 346 5.85 13.96 28.85
C ILE C 346 6.28 12.93 27.78
N GLN C 347 7.31 13.29 27.01
CA GLN C 347 7.86 12.41 25.98
C GLN C 347 8.75 11.37 26.66
N PRO C 348 8.90 10.17 26.06
CA PRO C 348 9.81 9.13 26.55
C PRO C 348 11.23 9.60 26.91
N TYR C 349 11.82 10.41 26.04
CA TYR C 349 13.20 10.92 26.20
C TYR C 349 13.42 11.64 27.52
N TYR C 350 12.51 12.54 27.86
CA TYR C 350 12.59 13.32 29.11
C TYR C 350 12.04 12.55 30.32
N ALA C 351 11.08 11.65 30.08
CA ALA C 351 10.52 10.81 31.14
C ALA C 351 11.59 9.94 31.82
N LEU C 352 12.50 9.40 31.03
CA LEU C 352 13.65 8.63 31.53
C LEU C 352 14.67 9.47 32.33
N GLN C 353 14.66 10.80 32.14
CA GLN C 353 15.51 11.74 32.88
C GLN C 353 14.86 12.33 34.15
N HIS C 354 13.73 11.77 34.58
CA HIS C 354 13.02 12.26 35.77
C HIS C 354 13.73 11.79 37.03
N SER C 355 13.69 12.62 38.09
CA SER C 355 14.41 12.34 39.35
C SER C 355 14.01 11.03 40.04
N PHE C 356 12.85 10.49 39.68
CA PHE C 356 12.41 9.15 40.07
C PHE C 356 13.39 8.04 39.66
N PHE C 357 14.03 8.16 38.51
CA PHE C 357 15.02 7.18 38.04
C PHE C 357 16.44 7.55 38.47
N LYS D 12 -21.46 -6.00 33.20
CA LYS D 12 -20.33 -6.17 32.23
C LYS D 12 -20.81 -5.88 30.80
N VAL D 13 -20.83 -4.59 30.46
CA VAL D 13 -21.45 -4.08 29.22
C VAL D 13 -20.40 -3.60 28.23
N TYR D 14 -20.65 -3.84 26.94
CA TYR D 14 -19.70 -3.56 25.85
C TYR D 14 -20.27 -2.48 24.95
N ASN D 15 -19.39 -1.59 24.49
CA ASN D 15 -19.76 -0.44 23.64
C ASN D 15 -20.97 0.35 24.17
N ASP D 16 -20.92 0.66 25.47
CA ASP D 16 -21.97 1.38 26.18
C ASP D 16 -23.38 0.75 26.09
N GLY D 17 -23.42 -0.58 25.92
CA GLY D 17 -24.67 -1.34 25.89
C GLY D 17 -25.08 -1.89 24.52
N TYR D 18 -24.62 -1.24 23.45
CA TYR D 18 -25.07 -1.57 22.09
C TYR D 18 -24.53 -2.90 21.54
N ASP D 19 -23.31 -3.26 21.95
CA ASP D 19 -22.67 -4.50 21.50
C ASP D 19 -22.81 -5.64 22.53
N ASP D 20 -23.06 -6.85 22.04
CA ASP D 20 -22.88 -8.07 22.84
C ASP D 20 -21.38 -8.42 22.97
N ASP D 21 -21.06 -9.46 23.73
CA ASP D 21 -19.65 -9.87 23.94
C ASP D 21 -18.93 -10.33 22.64
N ASN D 22 -19.71 -10.78 21.65
CA ASN D 22 -19.19 -11.26 20.36
C ASN D 22 -18.98 -10.15 19.30
N TYR D 23 -18.74 -8.91 19.76
CA TYR D 23 -18.50 -7.74 18.88
C TYR D 23 -19.65 -7.26 17.97
N ASP D 24 -20.79 -7.95 17.95
CA ASP D 24 -21.92 -7.59 17.09
C ASP D 24 -22.74 -6.45 17.70
N TYR D 25 -23.33 -5.63 16.83
CA TYR D 25 -24.39 -4.70 17.26
C TYR D 25 -25.62 -5.54 17.60
N ILE D 26 -26.29 -5.21 18.70
CA ILE D 26 -27.52 -5.90 19.07
C ILE D 26 -28.64 -5.32 18.22
N VAL D 27 -29.21 -6.15 17.35
CA VAL D 27 -30.26 -5.73 16.41
C VAL D 27 -31.62 -5.74 17.10
N LYS D 28 -32.22 -4.56 17.24
CA LYS D 28 -33.61 -4.40 17.69
C LYS D 28 -34.50 -4.14 16.49
N ASN D 29 -35.55 -4.95 16.32
CA ASN D 29 -36.56 -4.72 15.29
C ASN D 29 -37.33 -3.43 15.59
N GLY D 30 -37.47 -2.57 14.59
CA GLY D 30 -38.23 -1.32 14.70
C GLY D 30 -37.54 -0.19 15.43
N GLU D 31 -36.21 -0.16 15.36
CA GLU D 31 -35.41 0.94 15.89
C GLU D 31 -35.05 1.86 14.73
N LYS D 32 -35.06 3.16 14.97
CA LYS D 32 -34.73 4.14 13.94
C LYS D 32 -33.27 4.55 14.13
N TRP D 33 -32.48 4.52 13.05
CA TRP D 33 -31.11 5.04 13.08
C TRP D 33 -31.07 6.38 12.39
N MET D 34 -30.50 7.38 13.07
CA MET D 34 -30.29 8.72 12.51
C MET D 34 -31.60 9.34 12.00
N ASP D 35 -32.71 8.93 12.62
CA ASP D 35 -34.06 9.30 12.20
C ASP D 35 -34.34 9.05 10.70
N ARG D 36 -33.80 7.95 10.17
CA ARG D 36 -33.82 7.67 8.72
C ARG D 36 -34.08 6.20 8.36
N TYR D 37 -33.22 5.30 8.84
CA TYR D 37 -33.35 3.87 8.60
C TYR D 37 -34.15 3.22 9.72
N GLU D 38 -35.09 2.36 9.34
CA GLU D 38 -36.04 1.73 10.26
C GLU D 38 -35.87 0.22 10.13
N ILE D 39 -35.35 -0.42 11.17
CA ILE D 39 -34.90 -1.81 11.08
C ILE D 39 -36.10 -2.76 11.07
N ASP D 40 -36.25 -3.51 9.99
CA ASP D 40 -37.30 -4.53 9.88
C ASP D 40 -36.90 -5.72 10.77
N SER D 41 -35.82 -6.41 10.39
CA SER D 41 -35.40 -7.64 11.05
C SER D 41 -34.07 -8.17 10.51
N LEU D 42 -33.53 -9.17 11.21
CA LEU D 42 -32.32 -9.88 10.81
C LEU D 42 -32.59 -10.75 9.56
N ILE D 43 -31.74 -10.62 8.54
CA ILE D 43 -31.75 -11.52 7.36
C ILE D 43 -30.59 -12.52 7.34
N GLY D 44 -29.43 -12.14 7.89
CA GLY D 44 -28.29 -13.05 7.98
C GLY D 44 -27.24 -12.67 9.01
N LYS D 45 -26.48 -13.68 9.44
CA LYS D 45 -25.35 -13.54 10.36
C LYS D 45 -24.11 -14.19 9.74
N GLY D 46 -22.94 -13.62 10.03
CA GLY D 46 -21.67 -14.16 9.52
C GLY D 46 -20.48 -13.71 10.35
N SER D 47 -19.29 -14.15 9.94
CA SER D 47 -18.04 -13.81 10.64
C SER D 47 -17.81 -12.31 10.67
N PHE D 48 -18.02 -11.68 9.52
CA PHE D 48 -18.00 -10.22 9.32
C PHE D 48 -18.90 -9.41 10.28
N GLY D 49 -20.05 -9.98 10.63
CA GLY D 49 -21.05 -9.33 11.46
C GLY D 49 -22.46 -9.74 11.06
N GLN D 50 -23.30 -8.77 10.73
CA GLN D 50 -24.73 -9.01 10.49
C GLN D 50 -25.28 -8.30 9.26
N VAL D 51 -26.43 -8.79 8.78
CA VAL D 51 -27.14 -8.20 7.66
C VAL D 51 -28.60 -8.02 8.06
N VAL D 52 -29.09 -6.78 8.03
CA VAL D 52 -30.51 -6.45 8.33
C VAL D 52 -31.25 -5.88 7.13
N LYS D 53 -32.56 -6.08 7.12
CA LYS D 53 -33.47 -5.44 6.16
C LYS D 53 -34.02 -4.18 6.84
N ALA D 54 -34.04 -3.06 6.12
CA ALA D 54 -34.45 -1.77 6.68
C ALA D 54 -35.03 -0.83 5.62
N TYR D 55 -36.04 -0.05 5.99
CA TYR D 55 -36.64 0.94 5.09
C TYR D 55 -35.96 2.30 5.23
N ASP D 56 -35.30 2.74 4.15
CA ASP D 56 -34.74 4.09 4.06
C ASP D 56 -35.87 5.08 3.75
N ARG D 57 -36.26 5.88 4.75
CA ARG D 57 -37.37 6.85 4.59
C ARG D 57 -37.01 8.06 3.73
N VAL D 58 -35.72 8.40 3.67
CA VAL D 58 -35.24 9.48 2.81
C VAL D 58 -35.36 9.13 1.32
N GLU D 59 -34.88 7.94 0.94
CA GLU D 59 -34.98 7.47 -0.44
C GLU D 59 -36.27 6.70 -0.74
N GLN D 60 -37.00 6.29 0.30
CA GLN D 60 -38.26 5.53 0.19
C GLN D 60 -38.07 4.15 -0.46
N GLU D 61 -37.20 3.35 0.15
CA GLU D 61 -36.85 2.04 -0.41
C GLU D 61 -36.20 1.13 0.60
N TRP D 62 -36.35 -0.17 0.36
CA TRP D 62 -35.75 -1.20 1.18
C TRP D 62 -34.27 -1.27 0.86
N VAL D 63 -33.45 -1.39 1.91
CA VAL D 63 -32.01 -1.56 1.76
C VAL D 63 -31.51 -2.72 2.64
N ALA D 64 -30.51 -3.43 2.13
CA ALA D 64 -29.77 -4.42 2.88
C ALA D 64 -28.60 -3.69 3.53
N ILE D 65 -28.63 -3.57 4.86
CA ILE D 65 -27.52 -2.94 5.60
C ILE D 65 -26.64 -4.04 6.15
N LYS D 66 -25.37 -4.04 5.75
CA LYS D 66 -24.37 -4.94 6.31
C LYS D 66 -23.74 -4.26 7.52
N ILE D 67 -23.89 -4.85 8.71
CA ILE D 67 -23.39 -4.27 9.96
C ILE D 67 -22.10 -4.97 10.38
N ILE D 68 -20.97 -4.36 10.05
CA ILE D 68 -19.66 -4.95 10.33
C ILE D 68 -19.36 -4.91 11.84
N LYS D 69 -18.71 -5.96 12.34
CA LYS D 69 -18.36 -6.07 13.76
C LYS D 69 -17.48 -4.93 14.25
N ASN D 70 -17.60 -4.58 15.53
CA ASN D 70 -16.83 -3.50 16.16
C ASN D 70 -15.37 -3.91 16.48
N LYS D 71 -14.73 -4.65 15.57
CA LYS D 71 -13.37 -5.18 15.79
C LYS D 71 -12.48 -4.68 14.65
N LYS D 72 -11.29 -4.17 15.00
CA LYS D 72 -10.31 -3.63 14.03
C LYS D 72 -10.07 -4.52 12.80
N ALA D 73 -10.08 -5.83 13.00
CA ALA D 73 -9.81 -6.81 11.93
C ALA D 73 -10.92 -6.91 10.89
N PHE D 74 -12.17 -6.81 11.35
CA PHE D 74 -13.35 -6.87 10.48
C PHE D 74 -13.66 -5.53 9.81
N LEU D 75 -13.38 -4.44 10.52
CA LEU D 75 -13.41 -3.08 9.93
C LEU D 75 -12.48 -2.99 8.72
N ASN D 76 -11.20 -3.29 8.94
CA ASN D 76 -10.16 -3.25 7.91
C ASN D 76 -10.49 -4.11 6.70
N GLN D 77 -11.02 -5.29 6.96
CA GLN D 77 -11.50 -6.18 5.90
C GLN D 77 -12.62 -5.54 5.10
N ALA D 78 -13.58 -4.94 5.80
CA ALA D 78 -14.70 -4.26 5.15
C ALA D 78 -14.29 -3.01 4.37
N GLN D 79 -13.20 -2.35 4.80
CA GLN D 79 -12.63 -1.21 4.07
C GLN D 79 -12.04 -1.58 2.70
N ILE D 80 -11.58 -2.82 2.58
CA ILE D 80 -11.08 -3.34 1.31
C ILE D 80 -12.26 -3.65 0.38
N GLU D 81 -13.35 -4.17 0.95
CA GLU D 81 -14.59 -4.40 0.19
C GLU D 81 -15.20 -3.09 -0.33
N VAL D 82 -15.19 -2.05 0.51
CA VAL D 82 -15.60 -0.69 0.09
C VAL D 82 -14.74 -0.14 -1.07
N ARG D 83 -13.42 -0.39 -1.02
CA ARG D 83 -12.53 0.03 -2.13
C ARG D 83 -12.88 -0.70 -3.41
N LEU D 84 -13.08 -2.01 -3.33
CA LEU D 84 -13.45 -2.81 -4.51
C LEU D 84 -14.78 -2.36 -5.13
N LEU D 85 -15.81 -2.20 -4.30
CA LEU D 85 -17.16 -1.82 -4.75
C LEU D 85 -17.20 -0.42 -5.35
N GLU D 86 -16.56 0.54 -4.68
CA GLU D 86 -16.46 1.92 -5.18
C GLU D 86 -15.64 2.01 -6.47
N LEU D 87 -14.69 1.09 -6.65
CA LEU D 87 -13.93 0.99 -7.89
C LEU D 87 -14.82 0.49 -9.04
N MET D 88 -15.69 -0.47 -8.76
CA MET D 88 -16.69 -0.93 -9.74
C MET D 88 -17.68 0.17 -10.11
N ASN D 89 -18.07 0.99 -9.13
CA ASN D 89 -18.91 2.17 -9.36
C ASN D 89 -18.36 3.19 -10.34
N LYS D 90 -17.04 3.26 -10.50
CA LYS D 90 -16.43 4.17 -11.48
C LYS D 90 -16.73 3.85 -12.95
N HIS D 91 -16.92 2.57 -13.27
CA HIS D 91 -17.16 2.13 -14.65
C HIS D 91 -18.67 2.07 -14.89
N ASP D 92 -19.19 2.90 -15.81
CA ASP D 92 -20.65 3.13 -15.95
C ASP D 92 -21.40 2.28 -16.99
N THR D 93 -20.81 1.16 -17.44
CA THR D 93 -21.44 0.27 -18.42
C THR D 93 -22.52 -0.59 -17.76
N GLU D 94 -23.40 -1.20 -18.57
CA GLU D 94 -24.50 -2.05 -18.08
C GLU D 94 -24.09 -3.51 -17.82
N MET D 95 -22.81 -3.84 -18.03
CA MET D 95 -22.25 -5.09 -17.51
C MET D 95 -22.22 -5.07 -15.98
N LYS D 96 -22.05 -3.88 -15.40
CA LYS D 96 -22.13 -3.64 -13.95
C LYS D 96 -23.51 -3.93 -13.31
N TYR D 97 -24.56 -3.91 -14.12
CA TYR D 97 -25.94 -4.21 -13.67
C TYR D 97 -26.12 -5.54 -12.90
N TYR D 98 -25.26 -6.52 -13.17
CA TYR D 98 -25.37 -7.86 -12.55
C TYR D 98 -24.52 -8.05 -11.27
N ILE D 99 -24.08 -6.94 -10.66
CA ILE D 99 -23.46 -6.94 -9.34
C ILE D 99 -24.37 -6.14 -8.44
N VAL D 100 -24.52 -6.57 -7.19
CA VAL D 100 -25.29 -5.82 -6.21
C VAL D 100 -24.53 -4.55 -5.83
N HIS D 101 -25.26 -3.45 -5.72
CA HIS D 101 -24.69 -2.12 -5.71
C HIS D 101 -24.57 -1.55 -4.30
N LEU D 102 -23.39 -1.01 -3.98
CA LEU D 102 -23.17 -0.29 -2.74
C LEU D 102 -23.81 1.08 -2.89
N LYS D 103 -24.91 1.31 -2.18
CA LYS D 103 -25.58 2.63 -2.23
C LYS D 103 -24.77 3.67 -1.46
N ARG D 104 -24.32 3.31 -0.25
CA ARG D 104 -23.43 4.16 0.54
C ARG D 104 -22.86 3.40 1.73
N HIS D 105 -21.98 4.07 2.47
CA HIS D 105 -21.52 3.56 3.76
C HIS D 105 -21.40 4.66 4.82
N PHE D 106 -21.51 4.27 6.08
CA PHE D 106 -21.30 5.18 7.21
C PHE D 106 -20.88 4.44 8.47
N MET D 107 -20.28 5.19 9.38
CA MET D 107 -20.04 4.74 10.74
C MET D 107 -21.27 5.07 11.57
N PHE D 108 -21.66 4.14 12.45
CA PHE D 108 -22.82 4.35 13.31
C PHE D 108 -22.62 3.56 14.59
N ARG D 109 -22.38 4.29 15.69
CA ARG D 109 -22.12 3.70 16.99
C ARG D 109 -20.96 2.68 16.93
N ASN D 110 -19.84 3.14 16.36
CA ASN D 110 -18.59 2.37 16.19
C ASN D 110 -18.66 1.11 15.29
N HIS D 111 -19.65 1.03 14.42
CA HIS D 111 -19.76 -0.01 13.41
C HIS D 111 -19.78 0.63 12.03
N LEU D 112 -18.91 0.18 11.12
CA LEU D 112 -19.05 0.53 9.69
C LEU D 112 -20.25 -0.25 9.16
N CYS D 113 -21.15 0.48 8.49
CA CYS D 113 -22.38 -0.07 7.92
C CYS D 113 -22.35 0.16 6.41
N LEU D 114 -22.44 -0.92 5.62
CA LEU D 114 -22.53 -0.83 4.16
C LEU D 114 -23.98 -0.96 3.71
N VAL D 115 -24.51 0.07 3.06
CA VAL D 115 -25.89 0.07 2.60
C VAL D 115 -25.94 -0.44 1.18
N PHE D 116 -26.47 -1.64 0.99
CA PHE D 116 -26.62 -2.27 -0.31
C PHE D 116 -28.07 -2.17 -0.76
N GLU D 117 -28.31 -2.34 -2.06
CA GLU D 117 -29.66 -2.50 -2.59
C GLU D 117 -30.24 -3.84 -2.16
N MET D 118 -31.50 -3.81 -1.72
CA MET D 118 -32.21 -4.98 -1.23
C MET D 118 -32.60 -5.86 -2.42
N LEU D 119 -32.30 -7.16 -2.33
CA LEU D 119 -32.79 -8.16 -3.28
C LEU D 119 -33.61 -9.21 -2.52
N SER D 120 -34.31 -10.05 -3.27
CA SER D 120 -35.34 -10.91 -2.70
C SER D 120 -34.76 -12.03 -1.83
N TYR D 121 -34.06 -12.97 -2.46
CA TYR D 121 -33.43 -14.10 -1.79
C TYR D 121 -32.45 -14.79 -2.74
N ASN D 122 -31.62 -15.67 -2.20
CA ASN D 122 -30.51 -16.24 -3.00
C ASN D 122 -30.95 -17.38 -3.93
N LEU D 123 -30.00 -17.90 -4.71
CA LEU D 123 -30.27 -19.06 -5.59
C LEU D 123 -30.48 -20.38 -4.83
N TYR D 124 -29.76 -20.60 -3.72
CA TYR D 124 -29.95 -21.79 -2.88
C TYR D 124 -31.41 -21.93 -2.38
N ASP D 125 -32.05 -20.79 -2.14
CA ASP D 125 -33.48 -20.76 -1.81
C ASP D 125 -34.35 -21.18 -2.99
N LEU D 126 -33.98 -20.73 -4.20
CA LEU D 126 -34.70 -21.15 -5.42
C LEU D 126 -34.62 -22.66 -5.63
N LEU D 127 -33.47 -23.25 -5.34
CA LEU D 127 -33.33 -24.71 -5.33
C LEU D 127 -34.22 -25.36 -4.29
N ARG D 128 -34.23 -24.80 -3.08
CA ARG D 128 -35.06 -25.33 -1.99
C ARG D 128 -36.57 -25.12 -2.23
N ASN D 129 -36.94 -24.12 -3.03
CA ASN D 129 -38.34 -23.99 -3.52
C ASN D 129 -38.69 -25.07 -4.56
N THR D 130 -37.73 -25.45 -5.41
CA THR D 130 -37.91 -26.55 -6.38
C THR D 130 -37.80 -27.96 -5.77
N ASN D 131 -37.45 -28.05 -4.47
CA ASN D 131 -37.22 -29.30 -3.76
C ASN D 131 -36.03 -30.07 -4.35
N PHE D 132 -34.98 -29.32 -4.69
CA PHE D 132 -33.73 -29.85 -5.25
C PHE D 132 -33.92 -30.67 -6.53
N ARG D 133 -34.85 -30.23 -7.38
CA ARG D 133 -35.03 -30.76 -8.74
C ARG D 133 -34.52 -29.80 -9.83
N GLY D 134 -34.24 -28.55 -9.46
CA GLY D 134 -33.63 -27.57 -10.36
C GLY D 134 -34.60 -26.91 -11.32
N VAL D 135 -34.26 -25.69 -11.73
CA VAL D 135 -35.01 -24.96 -12.77
C VAL D 135 -34.81 -25.56 -14.17
N SER D 136 -35.57 -25.08 -15.15
CA SER D 136 -35.43 -25.50 -16.55
C SER D 136 -34.12 -24.99 -17.17
N LEU D 137 -33.79 -25.50 -18.35
CA LEU D 137 -32.58 -25.10 -19.06
C LEU D 137 -32.71 -23.68 -19.59
N ASN D 138 -33.95 -23.28 -19.91
CA ASN D 138 -34.28 -21.92 -20.33
C ASN D 138 -33.86 -20.87 -19.30
N LEU D 139 -34.15 -21.14 -18.03
CA LEU D 139 -33.81 -20.22 -16.94
C LEU D 139 -32.31 -20.22 -16.60
N THR D 140 -31.70 -21.40 -16.60
CA THR D 140 -30.24 -21.51 -16.37
C THR D 140 -29.43 -20.80 -17.47
N ARG D 141 -29.91 -20.89 -18.71
CA ARG D 141 -29.35 -20.13 -19.83
C ARG D 141 -29.41 -18.62 -19.54
N LYS D 142 -30.56 -18.17 -19.05
CA LYS D 142 -30.75 -16.76 -18.67
C LYS D 142 -29.83 -16.32 -17.53
N PHE D 143 -29.64 -17.18 -16.52
CA PHE D 143 -28.68 -16.91 -15.44
C PHE D 143 -27.24 -16.88 -15.98
N ALA D 144 -26.84 -17.98 -16.63
CA ALA D 144 -25.48 -18.16 -17.18
C ALA D 144 -24.99 -16.97 -17.99
N GLN D 145 -25.88 -16.45 -18.82
CA GLN D 145 -25.64 -15.25 -19.63
C GLN D 145 -25.27 -14.05 -18.76
N GLN D 146 -26.05 -13.85 -17.70
CA GLN D 146 -25.81 -12.76 -16.76
C GLN D 146 -24.52 -12.98 -15.96
N MET D 147 -24.28 -14.22 -15.53
CA MET D 147 -23.05 -14.54 -14.78
C MET D 147 -21.78 -14.34 -15.61
N CYS D 148 -21.80 -14.77 -16.87
CA CYS D 148 -20.68 -14.50 -17.79
C CYS D 148 -20.47 -13.00 -17.99
N THR D 149 -21.57 -12.27 -18.21
CA THR D 149 -21.51 -10.82 -18.35
C THR D 149 -21.00 -10.16 -17.07
N ALA D 150 -21.47 -10.66 -15.92
CA ALA D 150 -20.97 -10.24 -14.61
C ALA D 150 -19.47 -10.51 -14.45
N LEU D 151 -19.01 -11.67 -14.91
CA LEU D 151 -17.57 -12.02 -14.91
C LEU D 151 -16.74 -11.25 -15.94
N LEU D 152 -17.34 -10.91 -17.08
CA LEU D 152 -16.68 -10.08 -18.10
C LEU D 152 -16.44 -8.67 -17.58
N PHE D 153 -17.40 -8.14 -16.84
CA PHE D 153 -17.19 -6.84 -16.16
C PHE D 153 -16.04 -6.94 -15.16
N LEU D 154 -16.04 -8.02 -14.38
CA LEU D 154 -14.93 -8.29 -13.43
C LEU D 154 -13.58 -8.45 -14.09
N ALA D 155 -13.55 -9.08 -15.26
CA ALA D 155 -12.31 -9.24 -16.04
C ALA D 155 -11.74 -7.94 -16.66
N THR D 156 -12.48 -6.82 -16.60
CA THR D 156 -12.00 -5.50 -17.03
C THR D 156 -10.61 -5.21 -16.43
N PRO D 157 -9.61 -4.88 -17.29
CA PRO D 157 -8.22 -4.91 -16.80
C PRO D 157 -7.90 -3.99 -15.63
N GLU D 158 -8.53 -2.82 -15.58
CA GLU D 158 -8.34 -1.88 -14.50
C GLU D 158 -8.98 -2.36 -13.20
N LEU D 159 -9.88 -3.35 -13.29
CA LEU D 159 -10.38 -4.07 -12.11
C LEU D 159 -9.60 -5.37 -11.83
N SER D 160 -9.66 -6.32 -12.76
CA SER D 160 -9.04 -7.66 -12.58
C SER D 160 -9.41 -8.29 -11.23
N ILE D 161 -10.70 -8.22 -10.91
CA ILE D 161 -11.23 -8.67 -9.64
C ILE D 161 -11.66 -10.13 -9.72
N ILE D 162 -11.12 -10.92 -8.78
CA ILE D 162 -11.55 -12.30 -8.56
C ILE D 162 -12.57 -12.25 -7.42
N HIS D 163 -13.77 -12.78 -7.63
CA HIS D 163 -14.77 -12.82 -6.54
C HIS D 163 -14.35 -13.80 -5.45
N CYS D 164 -13.91 -14.99 -5.87
CA CYS D 164 -13.18 -15.95 -5.03
C CYS D 164 -14.06 -16.80 -4.11
N ASP D 165 -15.38 -16.67 -4.23
CA ASP D 165 -16.32 -17.42 -3.39
C ASP D 165 -17.72 -17.43 -4.02
N LEU D 166 -17.79 -17.72 -5.33
CA LEU D 166 -19.07 -17.86 -6.01
C LEU D 166 -19.72 -19.17 -5.60
N LYS D 167 -21.01 -19.10 -5.28
CA LYS D 167 -21.79 -20.27 -4.84
C LYS D 167 -23.26 -19.86 -4.79
N PRO D 168 -24.19 -20.83 -4.79
CA PRO D 168 -25.63 -20.55 -4.77
C PRO D 168 -26.08 -19.42 -3.83
N GLU D 169 -25.57 -19.42 -2.60
CA GLU D 169 -25.93 -18.40 -1.60
C GLU D 169 -25.48 -16.97 -1.97
N ASN D 170 -24.35 -16.84 -2.65
CA ASN D 170 -23.79 -15.53 -3.07
C ASN D 170 -24.33 -15.01 -4.43
N ILE D 171 -25.42 -15.61 -4.93
CA ILE D 171 -26.12 -15.11 -6.12
C ILE D 171 -27.59 -14.91 -5.75
N LEU D 172 -28.13 -13.74 -6.08
CA LEU D 172 -29.45 -13.31 -5.59
C LEU D 172 -30.45 -13.04 -6.71
N LEU D 173 -31.74 -13.17 -6.39
CA LEU D 173 -32.85 -12.86 -7.30
C LEU D 173 -33.41 -11.47 -7.01
N CYS D 174 -33.73 -10.72 -8.05
CA CYS D 174 -34.26 -9.36 -7.90
C CYS D 174 -35.73 -9.36 -7.51
N ASN D 175 -36.50 -10.26 -8.14
CA ASN D 175 -37.89 -10.52 -7.78
C ASN D 175 -38.16 -12.02 -7.91
N PRO D 176 -39.17 -12.57 -7.17
CA PRO D 176 -39.57 -13.98 -7.37
C PRO D 176 -40.00 -14.32 -8.80
N LYS D 177 -40.70 -13.39 -9.45
CA LYS D 177 -41.18 -13.56 -10.81
C LYS D 177 -40.28 -12.78 -11.80
N ARG D 178 -38.99 -13.12 -11.82
CA ARG D 178 -38.03 -12.48 -12.72
C ARG D 178 -36.75 -13.30 -12.87
N SER D 179 -36.21 -13.31 -14.09
CA SER D 179 -34.99 -14.05 -14.41
C SER D 179 -33.70 -13.30 -14.10
N ALA D 180 -33.81 -12.01 -13.76
CA ALA D 180 -32.64 -11.18 -13.46
C ALA D 180 -32.00 -11.56 -12.12
N ILE D 181 -30.66 -11.53 -12.07
CA ILE D 181 -29.90 -11.96 -10.90
C ILE D 181 -28.66 -11.08 -10.67
N LYS D 182 -28.12 -11.14 -9.45
CA LYS D 182 -26.93 -10.35 -9.09
C LYS D 182 -25.93 -11.16 -8.26
N ILE D 183 -24.64 -10.88 -8.45
CA ILE D 183 -23.58 -11.43 -7.60
C ILE D 183 -23.44 -10.51 -6.39
N VAL D 184 -23.47 -11.10 -5.19
CA VAL D 184 -23.27 -10.36 -3.93
C VAL D 184 -22.06 -10.85 -3.13
N ASP D 185 -21.73 -10.09 -2.08
CA ASP D 185 -20.71 -10.42 -1.09
C ASP D 185 -19.30 -10.54 -1.69
N PHE D 186 -18.65 -9.38 -1.83
CA PHE D 186 -17.25 -9.29 -2.30
C PHE D 186 -16.25 -9.23 -1.13
N GLY D 187 -16.59 -9.90 -0.02
CA GLY D 187 -15.77 -9.82 1.20
C GLY D 187 -14.52 -10.66 1.14
N SER D 188 -14.59 -11.78 0.41
CA SER D 188 -13.45 -12.66 0.20
C SER D 188 -12.71 -12.34 -1.10
N SER D 189 -13.07 -11.24 -1.76
CA SER D 189 -12.58 -10.90 -3.09
C SER D 189 -11.33 -10.05 -3.02
N CYS D 190 -10.42 -10.29 -3.96
CA CYS D 190 -9.23 -9.46 -4.14
C CYS D 190 -9.02 -9.21 -5.61
N GLN D 191 -8.18 -8.22 -5.93
CA GLN D 191 -7.73 -7.97 -7.30
C GLN D 191 -6.61 -8.94 -7.65
N LEU D 192 -6.40 -9.16 -8.95
CA LEU D 192 -5.31 -10.00 -9.44
C LEU D 192 -3.97 -9.57 -8.87
N GLY D 193 -3.11 -10.55 -8.60
CA GLY D 193 -1.85 -10.29 -7.91
C GLY D 193 -1.03 -11.51 -7.59
N GLN D 194 0.07 -11.28 -6.89
CA GLN D 194 0.85 -12.34 -6.27
C GLN D 194 0.01 -13.11 -5.24
N ARG D 195 0.30 -14.39 -5.09
CA ARG D 195 -0.42 -15.24 -4.14
C ARG D 195 -0.07 -14.89 -2.71
N ILE D 196 -1.09 -14.53 -1.94
CA ILE D 196 -0.99 -14.35 -0.48
C ILE D 196 -1.85 -15.37 0.28
N TYR D 197 -2.90 -15.91 -0.34
CA TYR D 197 -3.77 -16.94 0.25
C TYR D 197 -3.77 -18.21 -0.61
N GLN D 198 -3.80 -19.37 0.04
CA GLN D 198 -3.92 -20.68 -0.64
C GLN D 198 -5.21 -21.46 -0.32
N PTR D 199 -5.73 -21.30 0.89
CA PTR D 199 -7.00 -21.91 1.28
C PTR D 199 -8.02 -20.88 0.93
O PTR D 199 -8.26 -19.95 1.70
CB PTR D 199 -7.00 -22.25 2.77
CG PTR D 199 -8.04 -23.28 3.18
CD1 PTR D 199 -9.09 -22.91 4.00
CD2 PTR D 199 -7.94 -24.60 2.75
CE1 PTR D 199 -10.05 -23.85 4.40
CE2 PTR D 199 -8.89 -25.55 3.14
CZ PTR D 199 -9.96 -25.17 3.95
OH PTR D 199 -10.88 -26.10 4.35
P PTR D 199 -12.42 -26.22 3.93
O1P PTR D 199 -12.89 -24.85 3.52
O2P PTR D 199 -12.36 -27.22 2.79
O3P PTR D 199 -13.03 -26.79 5.19
N ILE D 200 -8.60 -21.01 -0.27
CA ILE D 200 -9.58 -20.04 -0.78
C ILE D 200 -10.67 -20.74 -1.58
N GLN D 201 -11.84 -20.08 -1.67
CA GLN D 201 -13.06 -20.60 -2.30
C GLN D 201 -13.81 -21.54 -1.35
N SER D 202 -15.11 -21.68 -1.56
CA SER D 202 -15.92 -22.66 -0.85
C SER D 202 -15.68 -23.98 -1.54
N ARG D 203 -15.56 -25.04 -0.74
CA ARG D 203 -14.97 -26.32 -1.14
C ARG D 203 -15.57 -26.92 -2.41
N PHE D 204 -16.90 -26.95 -2.49
CA PHE D 204 -17.61 -27.57 -3.61
C PHE D 204 -17.30 -26.93 -4.98
N TYR D 205 -16.93 -25.64 -4.94
CA TYR D 205 -16.72 -24.81 -6.12
C TYR D 205 -15.26 -24.38 -6.21
N ARG D 206 -14.38 -25.14 -5.56
CA ARG D 206 -12.95 -24.87 -5.50
C ARG D 206 -12.29 -25.52 -6.70
N SER D 207 -11.59 -24.71 -7.49
CA SER D 207 -10.95 -25.18 -8.73
C SER D 207 -9.79 -26.15 -8.46
N PRO D 208 -9.43 -26.97 -9.48
CA PRO D 208 -8.33 -27.93 -9.27
C PRO D 208 -6.99 -27.28 -8.97
N GLU D 209 -6.78 -26.06 -9.48
CA GLU D 209 -5.53 -25.34 -9.25
C GLU D 209 -5.34 -24.88 -7.81
N VAL D 210 -6.41 -24.43 -7.16
CA VAL D 210 -6.39 -24.10 -5.73
C VAL D 210 -6.10 -25.37 -4.92
N LEU D 211 -6.84 -26.43 -5.22
CA LEU D 211 -6.63 -27.74 -4.60
C LEU D 211 -5.20 -28.26 -4.77
N LEU D 212 -4.58 -27.97 -5.92
CA LEU D 212 -3.23 -28.44 -6.21
C LEU D 212 -2.09 -27.55 -5.68
N GLY D 213 -2.41 -26.39 -5.09
CA GLY D 213 -1.42 -25.46 -4.53
C GLY D 213 -0.68 -24.66 -5.58
N MET D 214 -1.36 -24.38 -6.70
CA MET D 214 -0.76 -23.77 -7.86
C MET D 214 -1.17 -22.29 -8.01
N PRO D 215 -0.46 -21.53 -8.87
CA PRO D 215 -0.85 -20.12 -9.07
C PRO D 215 -2.22 -19.99 -9.73
N TYR D 216 -2.92 -18.92 -9.43
CA TYR D 216 -4.30 -18.74 -9.91
C TYR D 216 -4.61 -17.31 -10.29
N ASP D 217 -5.73 -17.16 -10.97
CA ASP D 217 -6.17 -15.90 -11.50
C ASP D 217 -7.70 -15.90 -11.54
N LEU D 218 -8.30 -15.09 -12.42
CA LEU D 218 -9.76 -14.91 -12.47
C LEU D 218 -10.49 -16.15 -12.99
N ALA D 219 -9.75 -17.08 -13.58
CA ALA D 219 -10.34 -18.30 -14.12
C ALA D 219 -10.94 -19.23 -13.08
N ILE D 220 -10.59 -19.04 -11.80
CA ILE D 220 -11.14 -19.84 -10.70
C ILE D 220 -12.63 -19.61 -10.48
N ASP D 221 -13.11 -18.40 -10.79
CA ASP D 221 -14.56 -18.06 -10.71
C ASP D 221 -15.38 -18.69 -11.85
N MET D 222 -14.74 -18.89 -13.00
CA MET D 222 -15.36 -19.63 -14.12
C MET D 222 -15.49 -21.10 -13.82
N TRP D 223 -14.54 -21.67 -13.07
CA TRP D 223 -14.68 -23.03 -12.57
C TRP D 223 -15.92 -23.10 -11.70
N SER D 224 -15.95 -22.19 -10.71
CA SER D 224 -17.05 -22.10 -9.76
C SER D 224 -18.37 -21.95 -10.49
N LEU D 225 -18.41 -21.06 -11.47
CA LEU D 225 -19.61 -20.89 -12.30
C LEU D 225 -19.99 -22.21 -12.97
N GLY D 226 -19.01 -22.93 -13.50
CA GLY D 226 -19.24 -24.23 -14.13
C GLY D 226 -20.13 -25.16 -13.31
N CYS D 227 -19.72 -25.40 -12.07
CA CYS D 227 -20.43 -26.28 -11.14
C CYS D 227 -21.82 -25.76 -10.78
N ILE D 228 -21.92 -24.44 -10.56
CA ILE D 228 -23.17 -23.78 -10.20
C ILE D 228 -24.26 -23.93 -11.28
N LEU D 229 -23.88 -23.75 -12.54
CA LEU D 229 -24.83 -23.83 -13.66
C LEU D 229 -25.39 -25.25 -13.87
N VAL D 230 -24.59 -26.27 -13.50
CA VAL D 230 -25.05 -27.66 -13.47
C VAL D 230 -26.00 -27.85 -12.29
N GLU D 231 -25.65 -27.26 -11.15
CA GLU D 231 -26.44 -27.33 -9.92
C GLU D 231 -27.83 -26.70 -10.06
N MET D 232 -27.89 -25.55 -10.73
CA MET D 232 -29.17 -24.87 -10.93
C MET D 232 -30.12 -25.66 -11.84
N HIS D 233 -29.58 -26.43 -12.78
CA HIS D 233 -30.40 -27.29 -13.64
C HIS D 233 -30.67 -28.70 -13.08
N THR D 234 -29.76 -29.24 -12.28
CA THR D 234 -29.93 -30.58 -11.68
C THR D 234 -30.66 -30.56 -10.34
N GLY D 235 -30.43 -29.50 -9.56
CA GLY D 235 -30.90 -29.41 -8.18
C GLY D 235 -29.78 -29.58 -7.16
N GLU D 236 -28.89 -30.54 -7.42
CA GLU D 236 -27.83 -30.94 -6.49
C GLU D 236 -26.43 -30.50 -6.95
N PRO D 237 -25.45 -30.43 -6.02
CA PRO D 237 -24.12 -29.95 -6.38
C PRO D 237 -23.32 -30.94 -7.20
N LEU D 238 -22.55 -30.43 -8.15
CA LEU D 238 -21.75 -31.27 -9.04
C LEU D 238 -20.65 -32.04 -8.28
N PHE D 239 -19.96 -31.35 -7.37
CA PHE D 239 -18.84 -31.93 -6.60
C PHE D 239 -19.00 -31.65 -5.11
N SER D 240 -19.56 -32.63 -4.40
CA SER D 240 -19.99 -32.45 -3.01
C SER D 240 -19.06 -33.18 -2.02
N GLY D 241 -17.89 -32.61 -1.77
CA GLY D 241 -16.84 -33.27 -0.96
C GLY D 241 -16.81 -32.92 0.53
N ALA D 242 -16.52 -33.92 1.35
CA ALA D 242 -16.43 -33.74 2.82
C ALA D 242 -15.08 -33.14 3.26
N ASN D 243 -14.08 -33.21 2.38
CA ASN D 243 -12.76 -32.58 2.58
C ASN D 243 -11.99 -32.53 1.23
N GLU D 244 -10.78 -31.99 1.21
CA GLU D 244 -10.07 -31.73 -0.07
C GLU D 244 -9.73 -32.99 -0.89
N VAL D 245 -9.34 -34.07 -0.22
CA VAL D 245 -9.07 -35.36 -0.89
C VAL D 245 -10.33 -35.89 -1.58
N ASP D 246 -11.45 -35.81 -0.88
CA ASP D 246 -12.75 -36.23 -1.40
C ASP D 246 -13.15 -35.35 -2.58
N GLN D 247 -13.00 -34.04 -2.40
CA GLN D 247 -13.25 -33.04 -3.42
C GLN D 247 -12.53 -33.33 -4.74
N MET D 248 -11.26 -33.69 -4.66
CA MET D 248 -10.50 -34.03 -5.86
C MET D 248 -10.98 -35.34 -6.48
N ASN D 249 -11.17 -36.36 -5.65
CA ASN D 249 -11.63 -37.67 -6.12
C ASN D 249 -12.99 -37.54 -6.83
N LYS D 250 -13.87 -36.70 -6.29
CA LYS D 250 -15.18 -36.47 -6.91
C LYS D 250 -15.09 -35.65 -8.21
N ILE D 251 -14.11 -34.75 -8.31
CA ILE D 251 -13.79 -34.10 -9.59
C ILE D 251 -13.27 -35.13 -10.61
N VAL D 252 -12.40 -36.02 -10.15
CA VAL D 252 -11.79 -37.07 -11.01
C VAL D 252 -12.81 -38.06 -11.56
N GLU D 253 -13.92 -38.30 -10.85
CA GLU D 253 -15.00 -39.14 -11.36
C GLU D 253 -15.59 -38.65 -12.69
N VAL D 254 -15.77 -37.33 -12.79
CA VAL D 254 -16.41 -36.70 -13.98
C VAL D 254 -15.40 -36.37 -15.08
N LEU D 255 -14.23 -35.90 -14.71
CA LEU D 255 -13.25 -35.35 -15.65
C LEU D 255 -11.95 -36.14 -15.79
N GLY D 256 -11.81 -37.22 -15.03
CA GLY D 256 -10.62 -38.07 -15.13
C GLY D 256 -9.38 -37.45 -14.52
N ILE D 257 -8.24 -38.05 -14.83
CA ILE D 257 -6.96 -37.73 -14.20
C ILE D 257 -6.48 -36.39 -14.76
N PRO D 258 -6.02 -35.47 -13.89
CA PRO D 258 -5.52 -34.21 -14.43
C PRO D 258 -4.30 -34.44 -15.34
N PRO D 259 -4.07 -33.55 -16.32
CA PRO D 259 -2.88 -33.71 -17.17
C PRO D 259 -1.58 -33.77 -16.36
N ALA D 260 -0.70 -34.68 -16.74
CA ALA D 260 0.53 -34.95 -15.98
C ALA D 260 1.43 -33.71 -15.86
N HIS D 261 1.44 -32.88 -16.91
CA HIS D 261 2.21 -31.63 -16.92
C HIS D 261 1.76 -30.60 -15.88
N ILE D 262 0.45 -30.57 -15.58
CA ILE D 262 -0.05 -29.79 -14.43
C ILE D 262 0.45 -30.44 -13.13
N LEU D 263 0.30 -31.77 -13.03
CA LEU D 263 0.72 -32.51 -11.84
C LEU D 263 2.23 -32.51 -11.56
N ASP D 264 3.05 -32.46 -12.62
CA ASP D 264 4.51 -32.38 -12.51
C ASP D 264 4.97 -31.11 -11.78
N GLN D 265 4.23 -30.02 -12.00
CA GLN D 265 4.44 -28.75 -11.30
C GLN D 265 3.74 -28.68 -9.93
N ALA D 266 2.49 -29.15 -9.89
CA ALA D 266 1.62 -29.03 -8.69
C ALA D 266 2.27 -29.43 -7.35
N PRO D 267 2.51 -28.45 -6.44
CA PRO D 267 3.05 -28.74 -5.10
C PRO D 267 2.26 -29.75 -4.24
N LYS D 268 0.94 -29.80 -4.42
CA LYS D 268 0.09 -30.72 -3.66
C LYS D 268 -0.49 -31.86 -4.51
N ALA D 269 0.22 -32.30 -5.54
CA ALA D 269 -0.21 -33.47 -6.33
C ALA D 269 -0.14 -34.76 -5.51
N ARG D 270 0.86 -34.85 -4.63
CA ARG D 270 1.07 -36.05 -3.81
C ARG D 270 0.00 -36.23 -2.73
N LYS D 271 -0.73 -35.15 -2.39
CA LYS D 271 -1.89 -35.25 -1.50
C LYS D 271 -3.04 -36.09 -2.11
N PHE D 272 -3.19 -36.06 -3.43
CA PHE D 272 -4.27 -36.75 -4.13
C PHE D 272 -3.78 -37.92 -4.96
N PHE D 273 -2.73 -37.67 -5.75
CA PHE D 273 -2.19 -38.63 -6.72
C PHE D 273 -0.79 -39.10 -6.34
N GLU D 274 -0.29 -40.09 -7.07
CA GLU D 274 1.09 -40.59 -6.90
C GLU D 274 1.71 -40.92 -8.26
N LYS D 275 2.99 -40.60 -8.41
CA LYS D 275 3.72 -40.76 -9.66
C LYS D 275 4.35 -42.16 -9.71
N LEU D 276 4.08 -42.88 -10.80
CA LEU D 276 4.72 -44.18 -11.05
C LEU D 276 6.10 -43.93 -11.69
N PRO D 277 6.92 -45.00 -11.86
CA PRO D 277 8.20 -44.84 -12.56
C PRO D 277 8.16 -44.32 -14.01
N ASP D 278 6.98 -44.39 -14.66
CA ASP D 278 6.85 -44.14 -16.10
C ASP D 278 6.50 -42.69 -16.46
N GLY D 279 6.50 -41.78 -15.49
CA GLY D 279 6.01 -40.42 -15.69
C GLY D 279 4.49 -40.29 -15.64
N THR D 280 3.81 -41.33 -15.14
CA THR D 280 2.35 -41.40 -15.12
C THR D 280 1.83 -41.34 -13.68
N TRP D 281 0.69 -40.65 -13.51
CA TRP D 281 0.07 -40.45 -12.19
C TRP D 281 -1.22 -41.27 -12.08
N ASN D 282 -1.57 -41.63 -10.86
CA ASN D 282 -2.85 -42.28 -10.54
C ASN D 282 -3.34 -41.79 -9.20
N LEU D 283 -4.64 -41.97 -8.95
CA LEU D 283 -5.23 -41.71 -7.63
C LEU D 283 -4.57 -42.56 -6.53
N LYS D 284 -4.80 -42.15 -5.29
CA LYS D 284 -4.47 -42.93 -4.10
C LYS D 284 -5.76 -43.25 -3.37
N LYS D 285 -5.98 -44.52 -3.02
CA LYS D 285 -7.10 -44.91 -2.12
C LYS D 285 -6.64 -44.85 -0.68
N TYR D 293 -14.66 -45.08 -5.24
CA TYR D 293 -15.17 -44.11 -6.18
C TYR D 293 -15.45 -44.75 -7.54
N LYS D 294 -16.13 -44.00 -8.39
CA LYS D 294 -16.34 -44.35 -9.79
C LYS D 294 -15.00 -44.17 -10.50
N PRO D 295 -14.58 -45.12 -11.37
CA PRO D 295 -13.26 -45.04 -12.02
C PRO D 295 -13.01 -43.73 -12.79
N PRO D 296 -11.75 -43.23 -12.78
CA PRO D 296 -11.45 -41.87 -13.25
C PRO D 296 -12.14 -41.49 -14.58
N GLY D 297 -13.00 -40.48 -14.53
CA GLY D 297 -13.63 -39.93 -15.73
C GLY D 297 -14.82 -40.68 -16.30
N THR D 298 -15.44 -41.55 -15.52
CA THR D 298 -16.57 -42.37 -15.98
C THR D 298 -17.96 -41.85 -15.59
N ARG D 299 -18.05 -41.05 -14.51
CA ARG D 299 -19.30 -40.38 -14.16
C ARG D 299 -19.51 -39.24 -15.15
N LYS D 300 -19.93 -39.60 -16.36
CA LYS D 300 -19.96 -38.67 -17.49
C LYS D 300 -20.95 -37.53 -17.25
N LEU D 301 -20.54 -36.32 -17.60
CA LEU D 301 -21.41 -35.15 -17.60
C LEU D 301 -22.60 -35.37 -18.54
N HIS D 302 -22.34 -36.14 -19.60
CA HIS D 302 -23.37 -36.70 -20.47
C HIS D 302 -24.50 -37.41 -19.70
N ASN D 303 -24.13 -38.32 -18.80
CA ASN D 303 -25.09 -39.09 -17.99
C ASN D 303 -25.71 -38.28 -16.85
N ILE D 304 -24.94 -37.35 -16.29
CA ILE D 304 -25.41 -36.45 -15.22
C ILE D 304 -26.53 -35.56 -15.73
N LEU D 305 -26.28 -34.86 -16.83
CA LEU D 305 -27.28 -33.98 -17.45
C LEU D 305 -28.44 -34.75 -18.10
N GLY D 306 -28.18 -35.97 -18.57
CA GLY D 306 -29.20 -36.79 -19.23
C GLY D 306 -29.55 -36.23 -20.59
N VAL D 307 -28.57 -36.25 -21.49
CA VAL D 307 -28.70 -35.66 -22.82
C VAL D 307 -29.57 -36.56 -23.69
N GLU D 308 -29.21 -37.84 -23.74
CA GLU D 308 -29.93 -38.84 -24.52
C GLU D 308 -31.02 -39.59 -23.72
N THR D 309 -31.28 -39.16 -22.48
CA THR D 309 -32.43 -39.63 -21.69
C THR D 309 -33.52 -38.55 -21.54
N GLY D 310 -33.33 -37.37 -22.13
CA GLY D 310 -34.32 -36.29 -22.07
C GLY D 310 -34.31 -35.55 -20.76
N GLY D 311 -33.14 -35.00 -20.40
CA GLY D 311 -32.94 -34.28 -19.15
C GLY D 311 -32.59 -35.20 -17.98
N PRO D 312 -32.28 -34.63 -16.79
CA PRO D 312 -31.96 -35.44 -15.61
C PRO D 312 -33.20 -36.13 -15.02
N GLY D 313 -33.69 -37.14 -15.73
CA GLY D 313 -34.95 -37.81 -15.40
C GLY D 313 -36.17 -37.03 -15.87
N GLY D 314 -36.98 -37.67 -16.72
CA GLY D 314 -38.22 -37.07 -17.22
C GLY D 314 -37.97 -36.06 -18.33
N GLY D 321 -37.38 -26.46 -24.58
CA GLY D 321 -35.95 -26.35 -24.85
C GLY D 321 -35.09 -27.39 -24.15
N HIS D 322 -35.55 -28.64 -24.15
CA HIS D 322 -34.83 -29.77 -23.53
C HIS D 322 -34.41 -30.82 -24.57
N THR D 323 -34.27 -30.40 -25.83
CA THR D 323 -33.93 -31.31 -26.92
C THR D 323 -32.43 -31.63 -26.90
N VAL D 324 -32.05 -32.63 -27.68
CA VAL D 324 -30.66 -33.13 -27.69
C VAL D 324 -29.68 -32.03 -28.09
N ALA D 325 -30.01 -31.30 -29.16
CA ALA D 325 -29.18 -30.18 -29.65
C ALA D 325 -28.96 -29.06 -28.62
N ASP D 326 -29.93 -28.84 -27.73
CA ASP D 326 -29.79 -27.86 -26.64
C ASP D 326 -28.85 -28.37 -25.54
N TYR D 327 -29.03 -29.64 -25.15
CA TYR D 327 -28.18 -30.28 -24.14
C TYR D 327 -26.72 -30.48 -24.59
N LEU D 328 -26.51 -30.75 -25.87
CA LEU D 328 -25.15 -30.94 -26.42
C LEU D 328 -24.33 -29.64 -26.41
N LYS D 329 -24.97 -28.54 -26.79
CA LYS D 329 -24.34 -27.20 -26.73
C LYS D 329 -24.12 -26.76 -25.28
N PHE D 330 -25.06 -27.11 -24.39
CA PHE D 330 -24.92 -26.80 -22.97
C PHE D 330 -23.74 -27.56 -22.37
N LYS D 331 -23.70 -28.87 -22.60
CA LYS D 331 -22.61 -29.73 -22.11
C LYS D 331 -21.24 -29.18 -22.52
N ASP D 332 -21.08 -28.92 -23.81
CA ASP D 332 -19.82 -28.37 -24.36
C ASP D 332 -19.33 -27.12 -23.61
N LEU D 333 -20.26 -26.20 -23.32
CA LEU D 333 -19.95 -24.98 -22.56
C LEU D 333 -19.48 -25.27 -21.13
N ILE D 334 -20.07 -26.27 -20.49
CA ILE D 334 -19.66 -26.68 -19.15
C ILE D 334 -18.25 -27.27 -19.18
N LEU D 335 -17.98 -28.16 -20.13
CA LEU D 335 -16.66 -28.80 -20.22
C LEU D 335 -15.53 -27.81 -20.53
N ARG D 336 -15.84 -26.70 -21.19
CA ARG D 336 -14.88 -25.59 -21.36
C ARG D 336 -14.80 -24.67 -20.14
N MET D 337 -15.82 -24.67 -19.28
CA MET D 337 -15.71 -24.07 -17.94
C MET D 337 -14.95 -24.95 -16.94
N LEU D 338 -15.19 -26.27 -16.97
CA LEU D 338 -14.49 -27.22 -16.12
C LEU D 338 -13.20 -27.80 -16.75
N ASP D 339 -12.63 -27.08 -17.72
CA ASP D 339 -11.29 -27.33 -18.24
C ASP D 339 -10.30 -27.29 -17.05
N TYR D 340 -9.42 -28.29 -16.99
CA TYR D 340 -8.39 -28.40 -15.93
C TYR D 340 -7.31 -27.33 -16.06
N ASP D 341 -6.85 -27.08 -17.28
CA ASP D 341 -5.85 -26.03 -17.55
C ASP D 341 -6.52 -24.66 -17.45
N PRO D 342 -6.12 -23.82 -16.47
CA PRO D 342 -6.78 -22.51 -16.35
C PRO D 342 -6.43 -21.51 -17.45
N LYS D 343 -5.34 -21.76 -18.19
CA LYS D 343 -4.98 -20.95 -19.37
C LYS D 343 -5.89 -21.17 -20.58
N THR D 344 -6.33 -22.40 -20.81
CA THR D 344 -7.21 -22.71 -21.95
C THR D 344 -8.70 -22.75 -21.58
N ARG D 345 -9.02 -22.59 -20.31
CA ARG D 345 -10.43 -22.56 -19.85
C ARG D 345 -11.13 -21.36 -20.46
N ILE D 346 -12.40 -21.53 -20.81
CA ILE D 346 -13.11 -20.49 -21.56
C ILE D 346 -13.22 -19.19 -20.75
N GLN D 347 -12.99 -18.08 -21.44
CA GLN D 347 -13.02 -16.76 -20.85
C GLN D 347 -14.41 -16.14 -21.00
N PRO D 348 -14.72 -15.11 -20.19
CA PRO D 348 -16.01 -14.40 -20.26
C PRO D 348 -16.45 -13.97 -21.67
N TYR D 349 -15.55 -13.32 -22.41
CA TYR D 349 -15.84 -12.78 -23.72
C TYR D 349 -16.25 -13.86 -24.73
N TYR D 350 -15.45 -14.92 -24.79
CA TYR D 350 -15.72 -16.07 -25.69
C TYR D 350 -16.83 -16.96 -25.16
N ALA D 351 -16.96 -17.07 -23.84
CA ALA D 351 -18.09 -17.80 -23.23
C ALA D 351 -19.46 -17.30 -23.71
N LEU D 352 -19.63 -15.98 -23.81
CA LEU D 352 -20.90 -15.39 -24.27
C LEU D 352 -21.16 -15.51 -25.78
N GLN D 353 -20.11 -15.78 -26.55
CA GLN D 353 -20.21 -16.09 -27.97
C GLN D 353 -20.46 -17.58 -28.27
N HIS D 354 -20.66 -18.38 -27.23
CA HIS D 354 -20.97 -19.80 -27.40
C HIS D 354 -22.41 -19.90 -27.89
N SER D 355 -22.64 -20.75 -28.89
CA SER D 355 -23.96 -20.89 -29.53
C SER D 355 -25.10 -21.36 -28.60
N PHE D 356 -24.77 -21.90 -27.43
CA PHE D 356 -25.76 -22.18 -26.36
C PHE D 356 -26.60 -20.97 -25.99
N PHE D 357 -26.02 -19.77 -26.04
CA PHE D 357 -26.76 -18.51 -25.86
C PHE D 357 -27.43 -18.01 -27.14
CAO B6Z E . 30.56 -1.59 -20.04
CAM B6Z E . 31.27 -0.35 -20.35
NBC B6Z E . 30.46 0.38 -21.37
CAB B6Z E . 30.89 0.08 -22.75
CAN B6Z E . 28.98 0.25 -21.31
CAP B6Z E . 28.53 -0.09 -19.86
NBD B6Z E . 29.38 -1.15 -19.27
CAX B6Z E . 29.10 -1.68 -18.05
CAL B6Z E . 30.02 -1.49 -17.02
CAZ B6Z E . 29.79 -2.05 -15.76
OAS B6Z E . 30.66 -1.89 -14.71
CAA B6Z E . 32.04 -2.25 -14.93
CAJ B6Z E . 27.94 -2.41 -17.82
CAK B6Z E . 27.69 -2.97 -16.55
CAY B6Z E . 28.60 -2.77 -15.51
NAR B6Z E . 28.48 -3.26 -14.26
CBA B6Z E . 27.34 -3.27 -13.56
SAT B6Z E . 25.99 -2.30 -13.68
NAQ B6Z E . 27.15 -4.14 -12.57
CAV B6Z E . 25.97 -4.04 -11.93
NAC B6Z E . 25.72 -4.90 -10.93
CBB B6Z E . 25.17 -3.08 -12.41
CAU B6Z E . 23.94 -2.81 -11.90
OAD B6Z E . 23.60 -3.32 -10.83
CAW B6Z E . 23.03 -1.98 -12.55
CAH B6Z E . 22.62 -2.21 -13.87
CAF B6Z E . 21.69 -1.37 -14.48
CAE B6Z E . 21.15 -0.30 -13.78
CAG B6Z E . 21.54 -0.07 -12.46
CAI B6Z E . 22.47 -0.91 -11.85
CAO B6Z F . 4.28 31.70 -13.67
CAM B6Z F . 5.53 32.36 -14.17
NBC B6Z F . 5.39 33.82 -14.00
CAB B6Z F . 6.71 34.51 -14.16
CAN B6Z F . 4.47 34.41 -14.95
CAP B6Z F . 3.08 33.77 -14.81
NBD B6Z F . 3.05 32.41 -14.17
CAX B6Z F . 1.85 31.77 -14.03
CAL B6Z F . 1.00 31.63 -15.13
CAZ B6Z F . -0.23 30.98 -14.99
OAS B6Z F . -1.08 30.84 -16.04
CAA B6Z F . -1.56 32.11 -16.56
CAJ B6Z F . 1.46 31.23 -12.79
CAK B6Z F . 0.22 30.57 -12.66
CAY B6Z F . -0.63 30.43 -13.76
NAR B6Z F . -1.83 29.82 -13.72
CBA B6Z F . -1.99 28.59 -13.18
SAT B6Z F . -0.85 27.47 -12.79
NAQ B6Z F . -3.18 28.07 -12.88
CAV B6Z F . -3.16 26.83 -12.34
NAC B6Z F . -4.32 26.24 -12.01
CBB B6Z F . -1.91 26.31 -12.21
CAU B6Z F . -1.65 25.08 -11.70
OAD B6Z F . -2.57 24.33 -11.42
CAW B6Z F . -0.33 24.66 -11.45
CAH B6Z F . 0.05 23.41 -11.93
CAF B6Z F . 1.35 22.93 -11.69
CAE B6Z F . 2.26 23.69 -10.96
CAG B6Z F . 1.87 24.93 -10.46
CAI B6Z F . 0.58 25.41 -10.70
CAO B6Z G . -0.84 -18.49 32.61
CAM B6Z G . -1.73 -18.13 33.67
NBC B6Z G . -3.13 -17.93 33.19
CAB B6Z G . -3.94 -17.16 34.18
CAN B6Z G . -3.31 -17.40 31.83
CAP B6Z G . -2.08 -16.60 31.44
NBD B6Z G . -0.83 -17.40 31.57
CAX B6Z G . 0.23 -17.21 30.74
CAL B6Z G . 1.05 -18.29 30.35
CAZ B6Z G . 2.13 -18.10 29.50
OAS B6Z G . 2.93 -19.15 29.12
CAA B6Z G . 3.83 -19.61 30.13
CAJ B6Z G . 0.56 -15.94 30.23
CAK B6Z G . 1.65 -15.74 29.37
CAY B6Z G . 2.44 -16.84 28.99
NAR B6Z G . 3.53 -16.78 28.17
CBA B6Z G . 3.54 -16.11 27.01
SAT B6Z G . 2.25 -15.56 26.01
NAQ B6Z G . 4.70 -15.78 26.42
CAV B6Z G . 4.60 -15.11 25.25
NAC B6Z G . 5.74 -14.76 24.65
CBB B6Z G . 3.33 -14.88 24.84
CAU B6Z G . 3.03 -14.23 23.69
OAD B6Z G . 3.90 -14.04 22.83
CAW B6Z G . 1.73 -13.74 23.46
CAH B6Z G . 1.07 -12.92 24.37
CAF B6Z G . -0.22 -12.45 24.08
CAE B6Z G . -0.85 -12.77 22.89
CAG B6Z G . -0.18 -13.58 21.97
CAI B6Z G . 1.10 -14.06 22.25
CAO B6Z H . -31.01 -16.31 3.22
CAM B6Z H . -31.41 -17.05 4.39
NBC B6Z H . -32.54 -17.95 4.02
CAB B6Z H . -33.01 -18.76 5.18
CAN B6Z H . -33.66 -17.33 3.31
CAP B6Z H . -33.51 -15.80 3.27
NBD B6Z H . -32.13 -15.35 2.92
CAX B6Z H . -31.90 -14.12 2.38
CAL B6Z H . -32.73 -13.05 2.71
CAZ B6Z H . -32.53 -11.77 2.16
OAS B6Z H . -33.34 -10.71 2.48
CAA B6Z H . -34.76 -10.94 2.34
CAJ B6Z H . -30.86 -13.89 1.47
CAK B6Z H . -30.65 -12.62 0.92
CAY B6Z H . -31.47 -11.53 1.27
NAR B6Z H . -31.34 -10.28 0.78
CBA B6Z H . -30.14 -9.67 0.63
SAT B6Z H . -28.65 -10.02 1.32
NAQ B6Z H . -29.97 -8.61 -0.16
CAV B6Z H . -28.71 -8.11 -0.21
NAC B6Z H . -28.47 -7.04 -0.98
CBB B6Z H . -27.82 -8.77 0.56
CAU B6Z H . -26.51 -8.46 0.66
OAD B6Z H . -26.05 -7.44 0.13
CAW B6Z H . -25.63 -9.31 1.36
CAH B6Z H . -25.48 -10.66 1.03
CAF B6Z H . -24.59 -11.46 1.75
CAE B6Z H . -23.83 -10.92 2.79
CAG B6Z H . -23.96 -9.57 3.11
CAI B6Z H . -24.86 -8.77 2.40
#